data_4YG3
# 
_entry.id   4YG3 
# 
_audit_conform.dict_name       mmcif_pdbx.dic 
_audit_conform.dict_version    5.379 
_audit_conform.dict_location   http://mmcif.pdb.org/dictionaries/ascii/mmcif_pdbx.dic 
# 
loop_
_database_2.database_id 
_database_2.database_code 
_database_2.pdbx_database_accession 
_database_2.pdbx_DOI 
PDB   4YG3         pdb_00004yg3 10.2210/pdb4yg3/pdb 
WWPDB D_1000207403 ?            ?                   
# 
loop_
_pdbx_database_related.db_name 
_pdbx_database_related.details 
_pdbx_database_related.db_id 
_pdbx_database_related.content_type 
PDB '4YFW  contains the VP8* protein of another rotavirus strain' 4YFW unspecified 
PDB .                                                             4YE2 unspecified 
PDB .                                                             4YEZ unspecified 
PDB .                                                             4YG0 unspecified 
PDB .                                                             4YG6 unspecified 
# 
_pdbx_database_status.status_code                     REL 
_pdbx_database_status.status_code_sf                  REL 
_pdbx_database_status.status_code_mr                  ? 
_pdbx_database_status.entry_id                        4YG3 
_pdbx_database_status.recvd_initial_deposition_date   2015-02-25 
_pdbx_database_status.SG_entry                        N 
_pdbx_database_status.deposit_site                    RCSB 
_pdbx_database_status.process_site                    RCSB 
_pdbx_database_status.status_code_cs                  ? 
_pdbx_database_status.methods_development_category    ? 
_pdbx_database_status.pdb_format_compatible           Y 
_pdbx_database_status.status_code_nmr_data            ? 
# 
loop_
_audit_author.name 
_audit_author.pdbx_ordinal 
'Hu, L.'         1 
'Prasad, B.V.V.' 2 
# 
_citation.abstract                  ? 
_citation.abstract_id_CAS           ? 
_citation.book_id_ISBN              ? 
_citation.book_publisher            ? 
_citation.book_publisher_city       ? 
_citation.book_title                ? 
_citation.coordinate_linkage        ? 
_citation.country                   UK 
_citation.database_id_Medline       ? 
_citation.details                   ? 
_citation.id                        primary 
_citation.journal_abbrev            'Nat Commun' 
_citation.journal_id_ASTM           ? 
_citation.journal_id_CSD            ? 
_citation.journal_id_ISSN           2041-1723 
_citation.journal_full              ? 
_citation.journal_issue             ? 
_citation.journal_volume            6 
_citation.language                  ? 
_citation.page_first                8346 
_citation.page_last                 8346 
_citation.title                     
'Structural basis of glycan specificity in neonate-specific bovine-human reassortant rotavirus.' 
_citation.year                      2015 
_citation.database_id_CSD           ? 
_citation.pdbx_database_id_DOI      10.1038/ncomms9346 
_citation.pdbx_database_id_PubMed   26420502 
_citation.unpublished_flag          ? 
# 
loop_
_citation_author.citation_id 
_citation_author.name 
_citation_author.ordinal 
_citation_author.identifier_ORCID 
primary 'Hu, L.'                  1 ? 
primary 'Ramani, S.'              2 ? 
primary 'Czako, R.'               3 ? 
primary 'Sankaran, B.'            4 ? 
primary 'Yu, Y.'                  5 ? 
primary 'Smith, D.F.'             6 ? 
primary 'Cummings, R.D.'          7 ? 
primary 'Estes, M.K.'             8 ? 
primary 'Venkataram Prasad, B.V.' 9 ? 
# 
_cell.angle_alpha                  90.00 
_cell.angle_alpha_esd              ? 
_cell.angle_beta                   114.87 
_cell.angle_beta_esd               ? 
_cell.angle_gamma                  90.00 
_cell.angle_gamma_esd              ? 
_cell.entry_id                     4YG3 
_cell.details                      ? 
_cell.formula_units_Z              ? 
_cell.length_a                     28.812 
_cell.length_a_esd                 ? 
_cell.length_b                     64.734 
_cell.length_b_esd                 ? 
_cell.length_c                     36.752 
_cell.length_c_esd                 ? 
_cell.volume                       ? 
_cell.volume_esd                   ? 
_cell.Z_PDB                        2 
_cell.reciprocal_angle_alpha       ? 
_cell.reciprocal_angle_beta        ? 
_cell.reciprocal_angle_gamma       ? 
_cell.reciprocal_angle_alpha_esd   ? 
_cell.reciprocal_angle_beta_esd    ? 
_cell.reciprocal_angle_gamma_esd   ? 
_cell.reciprocal_length_a          ? 
_cell.reciprocal_length_b          ? 
_cell.reciprocal_length_c          ? 
_cell.reciprocal_length_a_esd      ? 
_cell.reciprocal_length_b_esd      ? 
_cell.reciprocal_length_c_esd      ? 
_cell.pdbx_unique_axis             ? 
# 
_symmetry.entry_id                         4YG3 
_symmetry.cell_setting                     ? 
_symmetry.Int_Tables_number                4 
_symmetry.space_group_name_Hall            ? 
_symmetry.space_group_name_H-M             'P 1 21 1' 
_symmetry.pdbx_full_space_group_name_H-M   ? 
# 
loop_
_entity.id 
_entity.type 
_entity.src_method 
_entity.pdbx_description 
_entity.formula_weight 
_entity.pdbx_number_of_molecules 
_entity.pdbx_ec 
_entity.pdbx_mutation 
_entity.pdbx_fragment 
_entity.details 
1 polymer     man 'Outer capsid protein VP4' 18063.570 1  ? ? 'UNP residues 65-225' ? 
2 non-polymer syn 'SULFATE ION'              96.063    3  ? ? ?                     ? 
3 water       nat water                      18.015    81 ? ? ?                     ? 
# 
_entity_name_com.entity_id   1 
_entity_name_com.name        Hemagglutinin 
# 
_entity_poly.entity_id                      1 
_entity_poly.type                           'polypeptide(L)' 
_entity_poly.nstd_linkage                   no 
_entity_poly.nstd_monomer                   no 
_entity_poly.pdbx_seq_one_letter_code       
;GSLDGPYAPDSSNLPSNCWYLVNPSNDGVVFSVTDNSTFWMFTYLVLPNTAQTNVTVNVMNETVNISIDNSGSTYRFVDY
IKTSSTQAYGSRNYLNTAHRLQAYRRDGDGNISNYWGADTQGDLRVGTYSNPVPNAVINLNADFYVIPDSQQETCTEYIR
GGL
;
_entity_poly.pdbx_seq_one_letter_code_can   
;GSLDGPYAPDSSNLPSNCWYLVNPSNDGVVFSVTDNSTFWMFTYLVLPNTAQTNVTVNVMNETVNISIDNSGSTYRFVDY
IKTSSTQAYGSRNYLNTAHRLQAYRRDGDGNISNYWGADTQGDLRVGTYSNPVPNAVINLNADFYVIPDSQQETCTEYIR
GGL
;
_entity_poly.pdbx_strand_id                 A 
_entity_poly.pdbx_target_identifier         ? 
# 
loop_
_entity_poly_seq.entity_id 
_entity_poly_seq.num 
_entity_poly_seq.mon_id 
_entity_poly_seq.hetero 
1 1   GLY n 
1 2   SER n 
1 3   LEU n 
1 4   ASP n 
1 5   GLY n 
1 6   PRO n 
1 7   TYR n 
1 8   ALA n 
1 9   PRO n 
1 10  ASP n 
1 11  SER n 
1 12  SER n 
1 13  ASN n 
1 14  LEU n 
1 15  PRO n 
1 16  SER n 
1 17  ASN n 
1 18  CYS n 
1 19  TRP n 
1 20  TYR n 
1 21  LEU n 
1 22  VAL n 
1 23  ASN n 
1 24  PRO n 
1 25  SER n 
1 26  ASN n 
1 27  ASP n 
1 28  GLY n 
1 29  VAL n 
1 30  VAL n 
1 31  PHE n 
1 32  SER n 
1 33  VAL n 
1 34  THR n 
1 35  ASP n 
1 36  ASN n 
1 37  SER n 
1 38  THR n 
1 39  PHE n 
1 40  TRP n 
1 41  MET n 
1 42  PHE n 
1 43  THR n 
1 44  TYR n 
1 45  LEU n 
1 46  VAL n 
1 47  LEU n 
1 48  PRO n 
1 49  ASN n 
1 50  THR n 
1 51  ALA n 
1 52  GLN n 
1 53  THR n 
1 54  ASN n 
1 55  VAL n 
1 56  THR n 
1 57  VAL n 
1 58  ASN n 
1 59  VAL n 
1 60  MET n 
1 61  ASN n 
1 62  GLU n 
1 63  THR n 
1 64  VAL n 
1 65  ASN n 
1 66  ILE n 
1 67  SER n 
1 68  ILE n 
1 69  ASP n 
1 70  ASN n 
1 71  SER n 
1 72  GLY n 
1 73  SER n 
1 74  THR n 
1 75  TYR n 
1 76  ARG n 
1 77  PHE n 
1 78  VAL n 
1 79  ASP n 
1 80  TYR n 
1 81  ILE n 
1 82  LYS n 
1 83  THR n 
1 84  SER n 
1 85  SER n 
1 86  THR n 
1 87  GLN n 
1 88  ALA n 
1 89  TYR n 
1 90  GLY n 
1 91  SER n 
1 92  ARG n 
1 93  ASN n 
1 94  TYR n 
1 95  LEU n 
1 96  ASN n 
1 97  THR n 
1 98  ALA n 
1 99  HIS n 
1 100 ARG n 
1 101 LEU n 
1 102 GLN n 
1 103 ALA n 
1 104 TYR n 
1 105 ARG n 
1 106 ARG n 
1 107 ASP n 
1 108 GLY n 
1 109 ASP n 
1 110 GLY n 
1 111 ASN n 
1 112 ILE n 
1 113 SER n 
1 114 ASN n 
1 115 TYR n 
1 116 TRP n 
1 117 GLY n 
1 118 ALA n 
1 119 ASP n 
1 120 THR n 
1 121 GLN n 
1 122 GLY n 
1 123 ASP n 
1 124 LEU n 
1 125 ARG n 
1 126 VAL n 
1 127 GLY n 
1 128 THR n 
1 129 TYR n 
1 130 SER n 
1 131 ASN n 
1 132 PRO n 
1 133 VAL n 
1 134 PRO n 
1 135 ASN n 
1 136 ALA n 
1 137 VAL n 
1 138 ILE n 
1 139 ASN n 
1 140 LEU n 
1 141 ASN n 
1 142 ALA n 
1 143 ASP n 
1 144 PHE n 
1 145 TYR n 
1 146 VAL n 
1 147 ILE n 
1 148 PRO n 
1 149 ASP n 
1 150 SER n 
1 151 GLN n 
1 152 GLN n 
1 153 GLU n 
1 154 THR n 
1 155 CYS n 
1 156 THR n 
1 157 GLU n 
1 158 TYR n 
1 159 ILE n 
1 160 ARG n 
1 161 GLY n 
1 162 GLY n 
1 163 LEU n 
# 
_entity_src_gen.entity_id                          1 
_entity_src_gen.pdbx_src_id                        1 
_entity_src_gen.pdbx_alt_source_flag               sample 
_entity_src_gen.pdbx_seq_type                      'Biological sequence' 
_entity_src_gen.pdbx_beg_seq_num                   1 
_entity_src_gen.pdbx_end_seq_num                   163 
_entity_src_gen.gene_src_common_name               RV-A 
_entity_src_gen.gene_src_genus                     ? 
_entity_src_gen.pdbx_gene_src_gene                 ? 
_entity_src_gen.gene_src_species                   ? 
_entity_src_gen.gene_src_strain                    ? 
_entity_src_gen.gene_src_tissue                    ? 
_entity_src_gen.gene_src_tissue_fraction           ? 
_entity_src_gen.gene_src_details                   ? 
_entity_src_gen.pdbx_gene_src_fragment             ? 
_entity_src_gen.pdbx_gene_src_scientific_name      'Rotavirus A' 
_entity_src_gen.pdbx_gene_src_ncbi_taxonomy_id     10930 
_entity_src_gen.pdbx_gene_src_variant              ? 
_entity_src_gen.pdbx_gene_src_cell_line            ? 
_entity_src_gen.pdbx_gene_src_atcc                 ? 
_entity_src_gen.pdbx_gene_src_organ                ? 
_entity_src_gen.pdbx_gene_src_organelle            ? 
_entity_src_gen.pdbx_gene_src_cell                 ? 
_entity_src_gen.pdbx_gene_src_cellular_location    ? 
_entity_src_gen.host_org_common_name               ? 
_entity_src_gen.pdbx_host_org_scientific_name      'Escherichia coli' 
_entity_src_gen.pdbx_host_org_ncbi_taxonomy_id     469008 
_entity_src_gen.host_org_genus                     ? 
_entity_src_gen.pdbx_host_org_gene                 ? 
_entity_src_gen.pdbx_host_org_organ                ? 
_entity_src_gen.host_org_species                   ? 
_entity_src_gen.pdbx_host_org_tissue               ? 
_entity_src_gen.pdbx_host_org_tissue_fraction      ? 
_entity_src_gen.pdbx_host_org_strain               'BL21(DE3)' 
_entity_src_gen.pdbx_host_org_variant              ? 
_entity_src_gen.pdbx_host_org_cell_line            ? 
_entity_src_gen.pdbx_host_org_atcc                 ? 
_entity_src_gen.pdbx_host_org_culture_collection   ? 
_entity_src_gen.pdbx_host_org_cell                 ? 
_entity_src_gen.pdbx_host_org_organelle            ? 
_entity_src_gen.pdbx_host_org_cellular_location    ? 
_entity_src_gen.pdbx_host_org_vector_type          ? 
_entity_src_gen.pdbx_host_org_vector               ? 
_entity_src_gen.host_org_details                   ? 
_entity_src_gen.expression_system_id               ? 
_entity_src_gen.plasmid_name                       ? 
_entity_src_gen.plasmid_details                    ? 
_entity_src_gen.pdbx_description                   ? 
# 
_struct_ref.id                         1 
_struct_ref.db_name                    UNP 
_struct_ref.db_code                    VP4_ROTBB 
_struct_ref.pdbx_db_accession          P35746 
_struct_ref.pdbx_db_isoform            ? 
_struct_ref.entity_id                  1 
_struct_ref.pdbx_seq_one_letter_code   
;LDGPYAPDSSNLPSNCWYLVNPSNDGVVFSVTDNSTFWMFTYLVLPNTAQTNVTVNVMNETVNISIDNSGSTYRFVDYIK
TSSTQAYGSRNYLNTAHRLQAYRRDGDGNISNYWGADTQGDLRVGTYSNPVPNAVINLNADFYVIPDSQQETCTEYIRGG
L
;
_struct_ref.pdbx_align_begin           65 
# 
_struct_ref_seq.align_id                      1 
_struct_ref_seq.ref_id                        1 
_struct_ref_seq.pdbx_PDB_id_code              4YG3 
_struct_ref_seq.pdbx_strand_id                A 
_struct_ref_seq.seq_align_beg                 3 
_struct_ref_seq.pdbx_seq_align_beg_ins_code   ? 
_struct_ref_seq.seq_align_end                 163 
_struct_ref_seq.pdbx_seq_align_end_ins_code   ? 
_struct_ref_seq.pdbx_db_accession             P35746 
_struct_ref_seq.db_align_beg                  65 
_struct_ref_seq.pdbx_db_align_beg_ins_code    ? 
_struct_ref_seq.db_align_end                  225 
_struct_ref_seq.pdbx_db_align_end_ins_code    ? 
_struct_ref_seq.pdbx_auth_seq_align_beg       65 
_struct_ref_seq.pdbx_auth_seq_align_end       225 
# 
loop_
_struct_ref_seq_dif.align_id 
_struct_ref_seq_dif.pdbx_pdb_id_code 
_struct_ref_seq_dif.mon_id 
_struct_ref_seq_dif.pdbx_pdb_strand_id 
_struct_ref_seq_dif.seq_num 
_struct_ref_seq_dif.pdbx_pdb_ins_code 
_struct_ref_seq_dif.pdbx_seq_db_name 
_struct_ref_seq_dif.pdbx_seq_db_accession_code 
_struct_ref_seq_dif.db_mon_id 
_struct_ref_seq_dif.pdbx_seq_db_seq_num 
_struct_ref_seq_dif.details 
_struct_ref_seq_dif.pdbx_auth_seq_num 
_struct_ref_seq_dif.pdbx_ordinal 
1 4YG3 GLY A 1 ? UNP P35746 ? ? 'expression tag' 63 1 
1 4YG3 SER A 2 ? UNP P35746 ? ? 'expression tag' 64 2 
# 
loop_
_chem_comp.id 
_chem_comp.type 
_chem_comp.mon_nstd_flag 
_chem_comp.name 
_chem_comp.pdbx_synonyms 
_chem_comp.formula 
_chem_comp.formula_weight 
ALA 'L-peptide linking' y ALANINE         ? 'C3 H7 N O2'     89.093  
ARG 'L-peptide linking' y ARGININE        ? 'C6 H15 N4 O2 1' 175.209 
ASN 'L-peptide linking' y ASPARAGINE      ? 'C4 H8 N2 O3'    132.118 
ASP 'L-peptide linking' y 'ASPARTIC ACID' ? 'C4 H7 N O4'     133.103 
CYS 'L-peptide linking' y CYSTEINE        ? 'C3 H7 N O2 S'   121.158 
GLN 'L-peptide linking' y GLUTAMINE       ? 'C5 H10 N2 O3'   146.144 
GLU 'L-peptide linking' y 'GLUTAMIC ACID' ? 'C5 H9 N O4'     147.129 
GLY 'peptide linking'   y GLYCINE         ? 'C2 H5 N O2'     75.067  
HIS 'L-peptide linking' y HISTIDINE       ? 'C6 H10 N3 O2 1' 156.162 
HOH non-polymer         . WATER           ? 'H2 O'           18.015  
ILE 'L-peptide linking' y ISOLEUCINE      ? 'C6 H13 N O2'    131.173 
LEU 'L-peptide linking' y LEUCINE         ? 'C6 H13 N O2'    131.173 
LYS 'L-peptide linking' y LYSINE          ? 'C6 H15 N2 O2 1' 147.195 
MET 'L-peptide linking' y METHIONINE      ? 'C5 H11 N O2 S'  149.211 
PHE 'L-peptide linking' y PHENYLALANINE   ? 'C9 H11 N O2'    165.189 
PRO 'L-peptide linking' y PROLINE         ? 'C5 H9 N O2'     115.130 
SER 'L-peptide linking' y SERINE          ? 'C3 H7 N O3'     105.093 
SO4 non-polymer         . 'SULFATE ION'   ? 'O4 S -2'        96.063  
THR 'L-peptide linking' y THREONINE       ? 'C4 H9 N O3'     119.119 
TRP 'L-peptide linking' y TRYPTOPHAN      ? 'C11 H12 N2 O2'  204.225 
TYR 'L-peptide linking' y TYROSINE        ? 'C9 H11 N O3'    181.189 
VAL 'L-peptide linking' y VALINE          ? 'C5 H11 N O2'    117.146 
# 
_exptl.absorpt_coefficient_mu     ? 
_exptl.absorpt_correction_T_max   ? 
_exptl.absorpt_correction_T_min   ? 
_exptl.absorpt_correction_type    ? 
_exptl.absorpt_process_details    ? 
_exptl.entry_id                   4YG3 
_exptl.crystals_number            1 
_exptl.details                    ? 
_exptl.method                     'X-RAY DIFFRACTION' 
_exptl.method_details             ? 
# 
_exptl_crystal.colour                      ? 
_exptl_crystal.density_diffrn              ? 
_exptl_crystal.density_Matthews            1.72 
_exptl_crystal.density_method              ? 
_exptl_crystal.density_percent_sol         28.55 
_exptl_crystal.description                 ? 
_exptl_crystal.F_000                       ? 
_exptl_crystal.id                          1 
_exptl_crystal.preparation                 ? 
_exptl_crystal.size_max                    ? 
_exptl_crystal.size_mid                    ? 
_exptl_crystal.size_min                    ? 
_exptl_crystal.size_rad                    ? 
_exptl_crystal.colour_lustre               ? 
_exptl_crystal.colour_modifier             ? 
_exptl_crystal.colour_primary              ? 
_exptl_crystal.density_meas                ? 
_exptl_crystal.density_meas_esd            ? 
_exptl_crystal.density_meas_gt             ? 
_exptl_crystal.density_meas_lt             ? 
_exptl_crystal.density_meas_temp           ? 
_exptl_crystal.density_meas_temp_esd       ? 
_exptl_crystal.density_meas_temp_gt        ? 
_exptl_crystal.density_meas_temp_lt        ? 
_exptl_crystal.pdbx_crystal_image_url      ? 
_exptl_crystal.pdbx_crystal_image_format   ? 
_exptl_crystal.pdbx_mosaicity              ? 
_exptl_crystal.pdbx_mosaicity_esd          ? 
# 
_exptl_crystal_grow.apparatus       ? 
_exptl_crystal_grow.atmosphere      ? 
_exptl_crystal_grow.crystal_id      1 
_exptl_crystal_grow.details         ? 
_exptl_crystal_grow.method          'VAPOR DIFFUSION, HANGING DROP' 
_exptl_crystal_grow.method_ref      ? 
_exptl_crystal_grow.pH              8.0 
_exptl_crystal_grow.pressure        ? 
_exptl_crystal_grow.pressure_esd    ? 
_exptl_crystal_grow.seeding         ? 
_exptl_crystal_grow.seeding_ref     ? 
_exptl_crystal_grow.temp            293 
_exptl_crystal_grow.temp_details    ? 
_exptl_crystal_grow.temp_esd        ? 
_exptl_crystal_grow.time            ? 
_exptl_crystal_grow.pdbx_details    
;0.1 M Tris,
1.6 M Ammonium sulfate
;
_exptl_crystal_grow.pdbx_pH_range   ? 
# 
_diffrn.ambient_environment    ? 
_diffrn.ambient_temp           100 
_diffrn.ambient_temp_details   ? 
_diffrn.ambient_temp_esd       ? 
_diffrn.crystal_id             1 
_diffrn.crystal_support        ? 
_diffrn.crystal_treatment      ? 
_diffrn.details                ? 
_diffrn.id                     1 
_diffrn.ambient_pressure       ? 
_diffrn.ambient_pressure_esd   ? 
_diffrn.ambient_pressure_gt    ? 
_diffrn.ambient_pressure_lt    ? 
_diffrn.ambient_temp_gt        ? 
_diffrn.ambient_temp_lt        ? 
# 
_diffrn_detector.details                      ? 
_diffrn_detector.detector                     CCD 
_diffrn_detector.diffrn_id                    1 
_diffrn_detector.type                         'ADSC QUANTUM 315r' 
_diffrn_detector.area_resol_mean              ? 
_diffrn_detector.dtime                        ? 
_diffrn_detector.pdbx_frames_total            ? 
_diffrn_detector.pdbx_collection_time_total   ? 
_diffrn_detector.pdbx_collection_date         2014-01-24 
# 
_diffrn_radiation.collimation                      ? 
_diffrn_radiation.diffrn_id                        1 
_diffrn_radiation.filter_edge                      ? 
_diffrn_radiation.inhomogeneity                    ? 
_diffrn_radiation.monochromator                    'Asymmetric curved crystal' 
_diffrn_radiation.polarisn_norm                    ? 
_diffrn_radiation.polarisn_ratio                   ? 
_diffrn_radiation.probe                            ? 
_diffrn_radiation.type                             ? 
_diffrn_radiation.xray_symbol                      ? 
_diffrn_radiation.wavelength_id                    1 
_diffrn_radiation.pdbx_monochromatic_or_laue_m_l   M 
_diffrn_radiation.pdbx_wavelength_list             ? 
_diffrn_radiation.pdbx_wavelength                  ? 
_diffrn_radiation.pdbx_diffrn_protocol             'SINGLE WAVELENGTH' 
_diffrn_radiation.pdbx_analyzer                    ? 
_diffrn_radiation.pdbx_scattering_type             x-ray 
# 
_diffrn_radiation_wavelength.id           1 
_diffrn_radiation_wavelength.wavelength   0.977408 
_diffrn_radiation_wavelength.wt           1.0 
# 
_diffrn_source.current                     ? 
_diffrn_source.details                     ? 
_diffrn_source.diffrn_id                   1 
_diffrn_source.power                       ? 
_diffrn_source.size                        ? 
_diffrn_source.source                      SYNCHROTRON 
_diffrn_source.target                      ? 
_diffrn_source.type                        'ALS BEAMLINE 5.0.1' 
_diffrn_source.voltage                     ? 
_diffrn_source.take-off_angle              ? 
_diffrn_source.pdbx_wavelength_list        0.977408 
_diffrn_source.pdbx_wavelength             ? 
_diffrn_source.pdbx_synchrotron_beamline   5.0.1 
_diffrn_source.pdbx_synchrotron_site       ALS 
# 
_reflns.B_iso_Wilson_estimate            ? 
_reflns.entry_id                         4YG3 
_reflns.data_reduction_details           ? 
_reflns.data_reduction_method            ? 
_reflns.d_resolution_high                2.28 
_reflns.d_resolution_low                 30.00 
_reflns.details                          ? 
_reflns.limit_h_max                      ? 
_reflns.limit_h_min                      ? 
_reflns.limit_k_max                      ? 
_reflns.limit_k_min                      ? 
_reflns.limit_l_max                      ? 
_reflns.limit_l_min                      ? 
_reflns.number_all                       ? 
_reflns.number_obs                       5508 
_reflns.observed_criterion               ? 
_reflns.observed_criterion_F_max         ? 
_reflns.observed_criterion_F_min         ? 
_reflns.observed_criterion_I_max         ? 
_reflns.observed_criterion_I_min         ? 
_reflns.observed_criterion_sigma_F       ? 
_reflns.observed_criterion_sigma_I       ? 
_reflns.percent_possible_obs             99.2 
_reflns.R_free_details                   ? 
_reflns.Rmerge_F_all                     ? 
_reflns.Rmerge_F_obs                     ? 
_reflns.Friedel_coverage                 ? 
_reflns.number_gt                        ? 
_reflns.threshold_expression             ? 
_reflns.pdbx_redundancy                  3.7 
_reflns.pdbx_Rmerge_I_obs                0.112 
_reflns.pdbx_Rmerge_I_all                ? 
_reflns.pdbx_Rsym_value                  ? 
_reflns.pdbx_netI_over_av_sigmaI         ? 
_reflns.pdbx_netI_over_sigmaI            10.8 
_reflns.pdbx_res_netI_over_av_sigmaI_2   ? 
_reflns.pdbx_res_netI_over_sigmaI_2      ? 
_reflns.pdbx_chi_squared                 ? 
_reflns.pdbx_scaling_rejects             ? 
_reflns.pdbx_d_res_high_opt              ? 
_reflns.pdbx_d_res_low_opt               ? 
_reflns.pdbx_d_res_opt_method            ? 
_reflns.phase_calculation_details        ? 
_reflns.pdbx_Rrim_I_all                  ? 
_reflns.pdbx_Rpim_I_all                  ? 
_reflns.pdbx_d_opt                       ? 
_reflns.pdbx_number_measured_all         ? 
_reflns.pdbx_diffrn_id                   1 
_reflns.pdbx_ordinal                     1 
_reflns.pdbx_CC_half                     ? 
_reflns.pdbx_R_split                     ? 
# 
_reflns_shell.d_res_high                  2.28 
_reflns_shell.d_res_low                   2.32 
_reflns_shell.meanI_over_sigI_all         ? 
_reflns_shell.meanI_over_sigI_obs         5.8 
_reflns_shell.number_measured_all         ? 
_reflns_shell.number_measured_obs         ? 
_reflns_shell.number_possible             ? 
_reflns_shell.number_unique_all           ? 
_reflns_shell.number_unique_obs           ? 
_reflns_shell.percent_possible_all        99.6 
_reflns_shell.percent_possible_obs        ? 
_reflns_shell.Rmerge_F_all                ? 
_reflns_shell.Rmerge_F_obs                ? 
_reflns_shell.Rmerge_I_all                ? 
_reflns_shell.Rmerge_I_obs                0.223 
_reflns_shell.meanI_over_sigI_gt          ? 
_reflns_shell.meanI_over_uI_all           ? 
_reflns_shell.meanI_over_uI_gt            ? 
_reflns_shell.number_measured_gt          ? 
_reflns_shell.number_unique_gt            ? 
_reflns_shell.percent_possible_gt         ? 
_reflns_shell.Rmerge_F_gt                 ? 
_reflns_shell.Rmerge_I_gt                 ? 
_reflns_shell.pdbx_redundancy             3.6 
_reflns_shell.pdbx_Rsym_value             ? 
_reflns_shell.pdbx_chi_squared            ? 
_reflns_shell.pdbx_netI_over_sigmaI_all   ? 
_reflns_shell.pdbx_netI_over_sigmaI_obs   ? 
_reflns_shell.pdbx_Rrim_I_all             ? 
_reflns_shell.pdbx_Rpim_I_all             ? 
_reflns_shell.pdbx_rejects                ? 
_reflns_shell.pdbx_ordinal                1 
_reflns_shell.pdbx_diffrn_id              1 
_reflns_shell.pdbx_CC_half                ? 
_reflns_shell.pdbx_R_split                ? 
# 
_refine.aniso_B[1][1]                            ? 
_refine.aniso_B[1][2]                            ? 
_refine.aniso_B[1][3]                            ? 
_refine.aniso_B[2][2]                            ? 
_refine.aniso_B[2][3]                            ? 
_refine.aniso_B[3][3]                            ? 
_refine.B_iso_max                                ? 
_refine.B_iso_mean                               ? 
_refine.B_iso_min                                ? 
_refine.correlation_coeff_Fo_to_Fc               ? 
_refine.correlation_coeff_Fo_to_Fc_free          ? 
_refine.details                                  ? 
_refine.diff_density_max                         ? 
_refine.diff_density_max_esd                     ? 
_refine.diff_density_min                         ? 
_refine.diff_density_min_esd                     ? 
_refine.diff_density_rms                         ? 
_refine.diff_density_rms_esd                     ? 
_refine.entry_id                                 4YG3 
_refine.pdbx_refine_id                           'X-RAY DIFFRACTION' 
_refine.ls_abs_structure_details                 ? 
_refine.ls_abs_structure_Flack                   ? 
_refine.ls_abs_structure_Flack_esd               ? 
_refine.ls_abs_structure_Rogers                  ? 
_refine.ls_abs_structure_Rogers_esd              ? 
_refine.ls_d_res_high                            2.285 
_refine.ls_d_res_low                             29.643 
_refine.ls_extinction_coef                       ? 
_refine.ls_extinction_coef_esd                   ? 
_refine.ls_extinction_expression                 ? 
_refine.ls_extinction_method                     ? 
_refine.ls_goodness_of_fit_all                   ? 
_refine.ls_goodness_of_fit_all_esd               ? 
_refine.ls_goodness_of_fit_obs                   ? 
_refine.ls_goodness_of_fit_obs_esd               ? 
_refine.ls_hydrogen_treatment                    ? 
_refine.ls_matrix_type                           ? 
_refine.ls_number_constraints                    ? 
_refine.ls_number_parameters                     ? 
_refine.ls_number_reflns_all                     ? 
_refine.ls_number_reflns_obs                     5504 
_refine.ls_number_reflns_R_free                  250 
_refine.ls_number_reflns_R_work                  ? 
_refine.ls_number_restraints                     ? 
_refine.ls_percent_reflns_obs                    98.25 
_refine.ls_percent_reflns_R_free                 4.54 
_refine.ls_R_factor_all                          ? 
_refine.ls_R_factor_obs                          0.1866 
_refine.ls_R_factor_R_free                       0.2416 
_refine.ls_R_factor_R_free_error                 ? 
_refine.ls_R_factor_R_free_error_details         ? 
_refine.ls_R_factor_R_work                       0.1840 
_refine.ls_R_Fsqd_factor_obs                     ? 
_refine.ls_R_I_factor_obs                        ? 
_refine.ls_redundancy_reflns_all                 ? 
_refine.ls_redundancy_reflns_obs                 ? 
_refine.ls_restrained_S_all                      ? 
_refine.ls_restrained_S_obs                      ? 
_refine.ls_shift_over_esd_max                    ? 
_refine.ls_shift_over_esd_mean                   ? 
_refine.ls_structure_factor_coef                 ? 
_refine.ls_weighting_details                     ? 
_refine.ls_weighting_scheme                      ? 
_refine.ls_wR_factor_all                         ? 
_refine.ls_wR_factor_obs                         ? 
_refine.ls_wR_factor_R_free                      ? 
_refine.ls_wR_factor_R_work                      ? 
_refine.occupancy_max                            ? 
_refine.occupancy_min                            ? 
_refine.solvent_model_details                    'FLAT BULK SOLVENT MODEL' 
_refine.solvent_model_param_bsol                 ? 
_refine.solvent_model_param_ksol                 ? 
_refine.ls_R_factor_gt                           ? 
_refine.ls_goodness_of_fit_gt                    ? 
_refine.ls_goodness_of_fit_ref                   ? 
_refine.ls_shift_over_su_max                     ? 
_refine.ls_shift_over_su_max_lt                  ? 
_refine.ls_shift_over_su_mean                    ? 
_refine.ls_shift_over_su_mean_lt                 ? 
_refine.pdbx_ls_sigma_I                          ? 
_refine.pdbx_ls_sigma_F                          1.37 
_refine.pdbx_ls_sigma_Fsqd                       ? 
_refine.pdbx_data_cutoff_high_absF               ? 
_refine.pdbx_data_cutoff_high_rms_absF           ? 
_refine.pdbx_data_cutoff_low_absF                ? 
_refine.pdbx_isotropic_thermal_model             ? 
_refine.pdbx_ls_cross_valid_method               'FREE R-VALUE' 
_refine.pdbx_method_to_determine_struct          'MOLECULAR REPLACEMENT' 
_refine.pdbx_starting_model                      4YFW 
_refine.pdbx_stereochemistry_target_values       ML 
_refine.pdbx_R_Free_selection_details            ? 
_refine.pdbx_stereochem_target_val_spec_case     ? 
_refine.pdbx_overall_ESU_R                       ? 
_refine.pdbx_overall_ESU_R_Free                  ? 
_refine.pdbx_solvent_vdw_probe_radii             1.11 
_refine.pdbx_solvent_ion_probe_radii             ? 
_refine.pdbx_solvent_shrinkage_radii             0.90 
_refine.pdbx_real_space_R                        ? 
_refine.pdbx_density_correlation                 ? 
_refine.pdbx_pd_number_of_powder_patterns        ? 
_refine.pdbx_pd_number_of_points                 ? 
_refine.pdbx_pd_meas_number_of_points            ? 
_refine.pdbx_pd_proc_ls_prof_R_factor            ? 
_refine.pdbx_pd_proc_ls_prof_wR_factor           ? 
_refine.pdbx_pd_Marquardt_correlation_coeff      ? 
_refine.pdbx_pd_Fsqrd_R_factor                   ? 
_refine.pdbx_pd_ls_matrix_band_width             ? 
_refine.pdbx_overall_phase_error                 24.62 
_refine.pdbx_overall_SU_R_free_Cruickshank_DPI   ? 
_refine.pdbx_overall_SU_R_free_Blow_DPI          ? 
_refine.pdbx_overall_SU_R_Blow_DPI               ? 
_refine.pdbx_TLS_residual_ADP_flag               ? 
_refine.pdbx_diffrn_id                           1 
_refine.overall_SU_B                             ? 
_refine.overall_SU_ML                            0.24 
_refine.overall_SU_R_Cruickshank_DPI             ? 
_refine.overall_SU_R_free                        ? 
_refine.overall_FOM_free_R_set                   ? 
_refine.overall_FOM_work_R_set                   ? 
_refine.pdbx_average_fsc_overall                 ? 
_refine.pdbx_average_fsc_work                    ? 
_refine.pdbx_average_fsc_free                    ? 
# 
_refine_hist.pdbx_refine_id                   'X-RAY DIFFRACTION' 
_refine_hist.cycle_id                         LAST 
_refine_hist.pdbx_number_atoms_protein        1273 
_refine_hist.pdbx_number_atoms_nucleic_acid   0 
_refine_hist.pdbx_number_atoms_ligand         15 
_refine_hist.number_atoms_solvent             81 
_refine_hist.number_atoms_total               1369 
_refine_hist.d_res_high                       2.285 
_refine_hist.d_res_low                        29.643 
# 
loop_
_refine_ls_restr.pdbx_refine_id 
_refine_ls_restr.criterion 
_refine_ls_restr.dev_ideal 
_refine_ls_restr.dev_ideal_target 
_refine_ls_restr.number 
_refine_ls_restr.rejects 
_refine_ls_restr.type 
_refine_ls_restr.weight 
_refine_ls_restr.pdbx_restraint_function 
'X-RAY DIFFRACTION' ? 0.003  ? 1316 ? f_bond_d           ? ? 
'X-RAY DIFFRACTION' ? 0.701  ? 1806 ? f_angle_d          ? ? 
'X-RAY DIFFRACTION' ? 11.809 ? 455  ? f_dihedral_angle_d ? ? 
'X-RAY DIFFRACTION' ? 0.028  ? 197  ? f_chiral_restr     ? ? 
'X-RAY DIFFRACTION' ? 0.002  ? 238  ? f_plane_restr      ? ? 
# 
loop_
_refine_ls_shell.pdbx_refine_id 
_refine_ls_shell.d_res_high 
_refine_ls_shell.d_res_low 
_refine_ls_shell.number_reflns_all 
_refine_ls_shell.number_reflns_obs 
_refine_ls_shell.number_reflns_R_free 
_refine_ls_shell.number_reflns_R_work 
_refine_ls_shell.percent_reflns_obs 
_refine_ls_shell.percent_reflns_R_free 
_refine_ls_shell.R_factor_all 
_refine_ls_shell.R_factor_obs 
_refine_ls_shell.R_factor_R_free 
_refine_ls_shell.R_factor_R_free_error 
_refine_ls_shell.R_factor_R_work 
_refine_ls_shell.redundancy_reflns_all 
_refine_ls_shell.redundancy_reflns_obs 
_refine_ls_shell.wR_factor_all 
_refine_ls_shell.wR_factor_obs 
_refine_ls_shell.wR_factor_R_free 
_refine_ls_shell.wR_factor_R_work 
_refine_ls_shell.pdbx_total_number_of_bins_used 
_refine_ls_shell.pdbx_phase_error 
_refine_ls_shell.pdbx_fsc_work 
_refine_ls_shell.pdbx_fsc_free 
'X-RAY DIFFRACTION' 2.285  2.8782  . . 122 2614 98.00 . . . 0.2868 . 0.2160 . . . . . . . . . . 
'X-RAY DIFFRACTION' 2.8782 29.6450 . . 128 2640 98.00 . . . 0.2203 . 0.1689 . . . . . . . . . . 
# 
_struct.entry_id                     4YG3 
_struct.title                        'Structural basis of glycan recognition in neonate-specific rotaviruses' 
_struct.pdbx_model_details           ? 
_struct.pdbx_formula_weight          ? 
_struct.pdbx_formula_weight_method   ? 
_struct.pdbx_model_type_details      ? 
_struct.pdbx_CASP_flag               ? 
# 
_struct_keywords.entry_id        4YG3 
_struct_keywords.text            'rotavirus, structural biology, glycan, VIRAL PROTEIN' 
_struct_keywords.pdbx_keywords   'VIRAL PROTEIN' 
# 
loop_
_struct_asym.id 
_struct_asym.pdbx_blank_PDB_chainid_flag 
_struct_asym.pdbx_modified 
_struct_asym.entity_id 
_struct_asym.details 
A N N 1 ? 
B N N 2 ? 
C N N 2 ? 
D N N 2 ? 
E N N 3 ? 
# 
_struct_conf.conf_type_id            HELX_P 
_struct_conf.id                      HELX_P1 
_struct_conf.pdbx_PDB_helix_id       AA1 
_struct_conf.beg_label_comp_id       GLN 
_struct_conf.beg_label_asym_id       A 
_struct_conf.beg_label_seq_id        151 
_struct_conf.pdbx_beg_PDB_ins_code   ? 
_struct_conf.end_label_comp_id       GLY 
_struct_conf.end_label_asym_id       A 
_struct_conf.end_label_seq_id        162 
_struct_conf.pdbx_end_PDB_ins_code   ? 
_struct_conf.beg_auth_comp_id        GLN 
_struct_conf.beg_auth_asym_id        A 
_struct_conf.beg_auth_seq_id         213 
_struct_conf.end_auth_comp_id        GLY 
_struct_conf.end_auth_asym_id        A 
_struct_conf.end_auth_seq_id         224 
_struct_conf.pdbx_PDB_helix_class    1 
_struct_conf.details                 ? 
_struct_conf.pdbx_PDB_helix_length   12 
# 
_struct_conf_type.id          HELX_P 
_struct_conf_type.criteria    ? 
_struct_conf_type.reference   ? 
# 
_struct_mon_prot_cis.pdbx_id                1 
_struct_mon_prot_cis.label_comp_id          GLY 
_struct_mon_prot_cis.label_seq_id           5 
_struct_mon_prot_cis.label_asym_id          A 
_struct_mon_prot_cis.label_alt_id           . 
_struct_mon_prot_cis.pdbx_PDB_ins_code      ? 
_struct_mon_prot_cis.auth_comp_id           GLY 
_struct_mon_prot_cis.auth_seq_id            67 
_struct_mon_prot_cis.auth_asym_id           A 
_struct_mon_prot_cis.pdbx_label_comp_id_2   PRO 
_struct_mon_prot_cis.pdbx_label_seq_id_2    6 
_struct_mon_prot_cis.pdbx_label_asym_id_2   A 
_struct_mon_prot_cis.pdbx_PDB_ins_code_2    ? 
_struct_mon_prot_cis.pdbx_auth_comp_id_2    PRO 
_struct_mon_prot_cis.pdbx_auth_seq_id_2     68 
_struct_mon_prot_cis.pdbx_auth_asym_id_2    A 
_struct_mon_prot_cis.pdbx_PDB_model_num     1 
_struct_mon_prot_cis.pdbx_omega_angle       6.46 
# 
loop_
_struct_sheet.id 
_struct_sheet.type 
_struct_sheet.number_strands 
_struct_sheet.details 
AA1 ? 6 ? 
AA2 ? 6 ? 
AA3 ? 2 ? 
# 
loop_
_struct_sheet_order.sheet_id 
_struct_sheet_order.range_id_1 
_struct_sheet_order.range_id_2 
_struct_sheet_order.offset 
_struct_sheet_order.sense 
AA1 1 2 ? anti-parallel 
AA1 2 3 ? anti-parallel 
AA1 3 4 ? anti-parallel 
AA1 4 5 ? anti-parallel 
AA1 5 6 ? anti-parallel 
AA2 1 2 ? anti-parallel 
AA2 2 3 ? anti-parallel 
AA2 3 4 ? anti-parallel 
AA2 4 5 ? anti-parallel 
AA2 5 6 ? anti-parallel 
AA3 1 2 ? anti-parallel 
# 
loop_
_struct_sheet_range.sheet_id 
_struct_sheet_range.id 
_struct_sheet_range.beg_label_comp_id 
_struct_sheet_range.beg_label_asym_id 
_struct_sheet_range.beg_label_seq_id 
_struct_sheet_range.pdbx_beg_PDB_ins_code 
_struct_sheet_range.end_label_comp_id 
_struct_sheet_range.end_label_asym_id 
_struct_sheet_range.end_label_seq_id 
_struct_sheet_range.pdbx_end_PDB_ins_code 
_struct_sheet_range.beg_auth_comp_id 
_struct_sheet_range.beg_auth_asym_id 
_struct_sheet_range.beg_auth_seq_id 
_struct_sheet_range.end_auth_comp_id 
_struct_sheet_range.end_auth_asym_id 
_struct_sheet_range.end_auth_seq_id 
AA1 1 ASP A 4   ? TYR A 7   ? ASP A 66  TYR A 69  
AA1 2 PHE A 144 ? PRO A 148 ? PHE A 206 PRO A 210 
AA1 3 CYS A 18  ? VAL A 22  ? CYS A 80  VAL A 84  
AA1 4 GLN A 102 ? ARG A 106 ? GLN A 164 ARG A 168 
AA1 5 ILE A 112 ? TRP A 116 ? ILE A 174 TRP A 178 
AA1 6 ARG A 125 ? THR A 128 ? ARG A 187 THR A 190 
AA2 1 ASP A 10  ? SER A 12  ? ASP A 72  SER A 74  
AA2 2 VAL A 137 ? LEU A 140 ? VAL A 199 LEU A 202 
AA2 3 GLY A 28  ? THR A 34  ? GLY A 90  THR A 96  
AA2 4 TRP A 40  ? VAL A 46  ? TRP A 102 VAL A 108 
AA2 5 TYR A 75  ? LYS A 82  ? TYR A 137 LYS A 144 
AA2 6 GLY A 90  ? THR A 97  ? GLY A 152 THR A 159 
AA3 1 THR A 50  ? VAL A 59  ? THR A 112 VAL A 121 
AA3 2 GLU A 62  ? ASN A 70  ? GLU A 124 ASN A 132 
# 
loop_
_pdbx_struct_sheet_hbond.sheet_id 
_pdbx_struct_sheet_hbond.range_id_1 
_pdbx_struct_sheet_hbond.range_id_2 
_pdbx_struct_sheet_hbond.range_1_label_atom_id 
_pdbx_struct_sheet_hbond.range_1_label_comp_id 
_pdbx_struct_sheet_hbond.range_1_label_asym_id 
_pdbx_struct_sheet_hbond.range_1_label_seq_id 
_pdbx_struct_sheet_hbond.range_1_PDB_ins_code 
_pdbx_struct_sheet_hbond.range_1_auth_atom_id 
_pdbx_struct_sheet_hbond.range_1_auth_comp_id 
_pdbx_struct_sheet_hbond.range_1_auth_asym_id 
_pdbx_struct_sheet_hbond.range_1_auth_seq_id 
_pdbx_struct_sheet_hbond.range_2_label_atom_id 
_pdbx_struct_sheet_hbond.range_2_label_comp_id 
_pdbx_struct_sheet_hbond.range_2_label_asym_id 
_pdbx_struct_sheet_hbond.range_2_label_seq_id 
_pdbx_struct_sheet_hbond.range_2_PDB_ins_code 
_pdbx_struct_sheet_hbond.range_2_auth_atom_id 
_pdbx_struct_sheet_hbond.range_2_auth_comp_id 
_pdbx_struct_sheet_hbond.range_2_auth_asym_id 
_pdbx_struct_sheet_hbond.range_2_auth_seq_id 
AA1 1 2 N TYR A 7   ? N TYR A 69  O PHE A 144 ? O PHE A 206 
AA1 2 3 O ILE A 147 ? O ILE A 209 N TRP A 19  ? N TRP A 81  
AA1 3 4 N TYR A 20  ? N TYR A 82  O TYR A 104 ? O TYR A 166 
AA1 4 5 N ARG A 105 ? N ARG A 167 O SER A 113 ? O SER A 175 
AA1 5 6 N TRP A 116 ? N TRP A 178 O ARG A 125 ? O ARG A 187 
AA2 1 2 N ASP A 10  ? N ASP A 72  O LEU A 140 ? O LEU A 202 
AA2 2 3 O ASN A 139 ? O ASN A 201 N SER A 32  ? N SER A 94  
AA2 3 4 N GLY A 28  ? N GLY A 90  O LEU A 45  ? O LEU A 107 
AA2 4 5 N VAL A 46  ? N VAL A 108 O ARG A 76  ? O ARG A 138 
AA2 5 6 N TYR A 75  ? N TYR A 137 O THR A 97  ? O THR A 159 
AA3 1 2 N VAL A 59  ? N VAL A 121 O GLU A 62  ? O GLU A 124 
# 
loop_
_struct_site.id 
_struct_site.pdbx_evidence_code 
_struct_site.pdbx_auth_asym_id 
_struct_site.pdbx_auth_comp_id 
_struct_site.pdbx_auth_seq_id 
_struct_site.pdbx_auth_ins_code 
_struct_site.pdbx_num_residues 
_struct_site.details 
AC1 Software A SO4 301 ? 6 'binding site for residue SO4 A 301' 
AC2 Software A SO4 302 ? 9 'binding site for residue SO4 A 302' 
AC3 Software A SO4 303 ? 5 'binding site for residue SO4 A 303' 
# 
loop_
_struct_site_gen.id 
_struct_site_gen.site_id 
_struct_site_gen.pdbx_num_res 
_struct_site_gen.label_comp_id 
_struct_site_gen.label_asym_id 
_struct_site_gen.label_seq_id 
_struct_site_gen.pdbx_auth_ins_code 
_struct_site_gen.auth_comp_id 
_struct_site_gen.auth_asym_id 
_struct_site_gen.auth_seq_id 
_struct_site_gen.label_atom_id 
_struct_site_gen.label_alt_id 
_struct_site_gen.symmetry 
_struct_site_gen.details 
1  AC1 6 ASN A 23  ? ASN A 85  . ? 1_555 ? 
2  AC1 6 HIS A 99  ? HIS A 161 . ? 1_555 ? 
3  AC1 6 ARG A 100 ? ARG A 162 . ? 1_555 ? 
4  AC1 6 PRO A 134 ? PRO A 196 . ? 1_554 ? 
5  AC1 6 HOH E .   ? HOH A 410 . ? 1_555 ? 
6  AC1 6 HOH E .   ? HOH A 479 . ? 1_555 ? 
7  AC2 9 PRO A 24  ? PRO A 86  . ? 1_455 ? 
8  AC2 9 SER A 25  ? SER A 87  . ? 1_455 ? 
9  AC2 9 ASN A 26  ? ASN A 88  . ? 1_455 ? 
10 AC2 9 ARG A 92  ? ARG A 154 . ? 1_555 ? 
11 AC2 9 ASN A 141 ? ASN A 203 . ? 1_455 ? 
12 AC2 9 ALA A 142 ? ALA A 204 . ? 1_455 ? 
13 AC2 9 HOH E .   ? HOH A 409 . ? 1_555 ? 
14 AC2 9 HOH E .   ? HOH A 430 . ? 1_455 ? 
15 AC2 9 HOH E .   ? HOH A 432 . ? 1_455 ? 
16 AC3 5 TYR A 94  ? TYR A 156 . ? 1_655 ? 
17 AC3 5 ARG A 100 ? ARG A 162 . ? 1_555 ? 
18 AC3 5 ASN A 135 ? ASN A 197 . ? 1_554 ? 
19 AC3 5 HOH E .   ? HOH A 404 . ? 1_555 ? 
20 AC3 5 HOH E .   ? HOH A 417 . ? 1_554 ? 
# 
_atom_sites.entry_id                    4YG3 
_atom_sites.fract_transf_matrix[1][1]   -0.01466894 
_atom_sites.fract_transf_matrix[1][2]   -0.00928736 
_atom_sites.fract_transf_matrix[1][3]   0.03408913 
_atom_sites.fract_transf_matrix[2][1]   -0.00202117 
_atom_sites.fract_transf_matrix[2][2]   0.01497501 
_atom_sites.fract_transf_matrix[2][3]   0.00321011 
_atom_sites.fract_transf_matrix[3][1]   -0.02971291 
_atom_sites.fract_transf_matrix[3][2]   -0.00406633 
_atom_sites.fract_transf_matrix[3][3]   0.00026117 
_atom_sites.fract_transf_vector[1]      4.245580 
_atom_sites.fract_transf_vector[2]      0.235681 
_atom_sites.fract_transf_vector[3]      3.071284 
# 
loop_
_atom_type.symbol 
C 
N 
O 
S 
# 
loop_
_atom_site.group_PDB 
_atom_site.id 
_atom_site.type_symbol 
_atom_site.label_atom_id 
_atom_site.label_alt_id 
_atom_site.label_comp_id 
_atom_site.label_asym_id 
_atom_site.label_entity_id 
_atom_site.label_seq_id 
_atom_site.pdbx_PDB_ins_code 
_atom_site.Cartn_x 
_atom_site.Cartn_y 
_atom_site.Cartn_z 
_atom_site.occupancy 
_atom_site.B_iso_or_equiv 
_atom_site.pdbx_formal_charge 
_atom_site.auth_seq_id 
_atom_site.auth_comp_id 
_atom_site.auth_asym_id 
_atom_site.auth_atom_id 
_atom_site.pdbx_PDB_model_num 
ATOM   1    N N   . GLY A 1 1   ? 3.514   18.153  12.675  1.00 36.62 ? 63  GLY A N   1 
ATOM   2    C CA  . GLY A 1 1   ? 2.199   17.611  12.387  1.00 31.25 ? 63  GLY A CA  1 
ATOM   3    C C   . GLY A 1 1   ? 1.731   16.646  13.456  1.00 27.94 ? 63  GLY A C   1 
ATOM   4    O O   . GLY A 1 1   ? 2.490   16.278  14.353  1.00 32.63 ? 63  GLY A O   1 
ATOM   5    N N   . SER A 1 2   ? 0.475   16.229  13.367  1.00 28.69 ? 64  SER A N   1 
ATOM   6    C CA  . SER A 1 2   ? -0.058  15.281  14.332  1.00 29.48 ? 64  SER A CA  1 
ATOM   7    C C   . SER A 1 2   ? -0.817  14.156  13.638  1.00 30.66 ? 64  SER A C   1 
ATOM   8    O O   . SER A 1 2   ? -1.374  14.340  12.556  1.00 28.41 ? 64  SER A O   1 
ATOM   9    C CB  . SER A 1 2   ? -0.958  15.992  15.346  1.00 30.62 ? 64  SER A CB  1 
ATOM   10   O OG  . SER A 1 2   ? -2.108  16.542  14.732  1.00 39.95 ? 64  SER A OG  1 
ATOM   11   N N   . LEU A 1 3   ? -0.828  12.987  14.271  1.00 28.72 ? 65  LEU A N   1 
ATOM   12   C CA  . LEU A 1 3   ? -1.480  11.810  13.707  1.00 23.92 ? 65  LEU A CA  1 
ATOM   13   C C   . LEU A 1 3   ? -2.237  11.036  14.785  1.00 23.18 ? 65  LEU A C   1 
ATOM   14   O O   . LEU A 1 3   ? -1.731  10.851  15.890  1.00 26.34 ? 65  LEU A O   1 
ATOM   15   C CB  . LEU A 1 3   ? -0.457  10.884  13.025  1.00 19.68 ? 65  LEU A CB  1 
ATOM   16   C CG  . LEU A 1 3   ? 0.832   11.375  12.338  1.00 22.30 ? 65  LEU A CG  1 
ATOM   17   C CD1 . LEU A 1 3   ? 1.900   11.865  13.306  1.00 21.50 ? 65  LEU A CD1 1 
ATOM   18   C CD2 . LEU A 1 3   ? 1.422   10.236  11.540  1.00 23.14 ? 65  LEU A CD2 1 
ATOM   19   N N   . ASP A 1 4   ? -3.448  10.585  14.469  1.00 21.51 ? 66  ASP A N   1 
ATOM   20   C CA  . ASP A 1 4   ? -4.197  9.745   15.402  1.00 24.32 ? 66  ASP A CA  1 
ATOM   21   C C   . ASP A 1 4   ? -3.624  8.335   15.391  1.00 24.26 ? 66  ASP A C   1 
ATOM   22   O O   . ASP A 1 4   ? -3.396  7.760   14.328  1.00 24.95 ? 66  ASP A O   1 
ATOM   23   C CB  . ASP A 1 4   ? -5.690  9.713   15.055  1.00 22.75 ? 66  ASP A CB  1 
ATOM   24   C CG  . ASP A 1 4   ? -6.331  11.087  15.092  1.00 23.99 ? 66  ASP A CG  1 
ATOM   25   O OD1 . ASP A 1 4   ? -5.707  12.021  15.633  1.00 22.50 ? 66  ASP A OD1 1 
ATOM   26   O OD2 . ASP A 1 4   ? -7.463  11.228  14.584  1.00 24.12 ? 66  ASP A OD2 1 
ATOM   27   N N   . GLY A 1 5   ? -3.387  7.786   16.577  1.00 20.88 ? 67  GLY A N   1 
ATOM   28   C CA  . GLY A 1 5   ? -2.778  6.476   16.689  1.00 22.52 ? 67  GLY A CA  1 
ATOM   29   C C   . GLY A 1 5   ? -1.428  6.504   17.383  1.00 24.57 ? 67  GLY A C   1 
ATOM   30   O O   . GLY A 1 5   ? -1.137  7.435   18.136  1.00 25.77 ? 67  GLY A O   1 
ATOM   31   N N   . PRO A 1 6   ? -0.580  5.496   17.118  1.00 19.11 ? 68  PRO A N   1 
ATOM   32   C CA  . PRO A 1 6   ? -0.757  4.427   16.125  1.00 18.57 ? 68  PRO A CA  1 
ATOM   33   C C   . PRO A 1 6   ? -1.809  3.380   16.494  1.00 20.18 ? 68  PRO A C   1 
ATOM   34   O O   . PRO A 1 6   ? -2.090  3.156   17.672  1.00 22.90 ? 68  PRO A O   1 
ATOM   35   C CB  . PRO A 1 6   ? 0.628   3.779   16.070  1.00 24.74 ? 68  PRO A CB  1 
ATOM   36   C CG  . PRO A 1 6   ? 1.174   3.984   17.439  1.00 19.70 ? 68  PRO A CG  1 
ATOM   37   C CD  . PRO A 1 6   ? 0.676   5.336   17.874  1.00 20.77 ? 68  PRO A CD  1 
ATOM   38   N N   . TYR A 1 7   ? -2.381  2.750   15.474  1.00 18.09 ? 69  TYR A N   1 
ATOM   39   C CA  . TYR A 1 7   ? -3.350  1.682   15.675  1.00 18.19 ? 69  TYR A CA  1 
ATOM   40   C C   . TYR A 1 7   ? -2.799  0.367   15.140  1.00 17.35 ? 69  TYR A C   1 
ATOM   41   O O   . TYR A 1 7   ? -2.038  0.349   14.173  1.00 16.95 ? 69  TYR A O   1 
ATOM   42   C CB  . TYR A 1 7   ? -4.680  2.019   14.997  1.00 18.52 ? 69  TYR A CB  1 
ATOM   43   C CG  . TYR A 1 7   ? -5.279  3.333   15.441  1.00 23.40 ? 69  TYR A CG  1 
ATOM   44   C CD1 . TYR A 1 7   ? -5.779  3.492   16.725  1.00 22.43 ? 69  TYR A CD1 1 
ATOM   45   C CD2 . TYR A 1 7   ? -5.342  4.416   14.575  1.00 20.46 ? 69  TYR A CD2 1 
ATOM   46   C CE1 . TYR A 1 7   ? -6.326  4.694   17.137  1.00 22.28 ? 69  TYR A CE1 1 
ATOM   47   C CE2 . TYR A 1 7   ? -5.887  5.622   14.976  1.00 25.34 ? 69  TYR A CE2 1 
ATOM   48   C CZ  . TYR A 1 7   ? -6.377  5.755   16.258  1.00 25.21 ? 69  TYR A CZ  1 
ATOM   49   O OH  . TYR A 1 7   ? -6.920  6.953   16.662  1.00 30.92 ? 69  TYR A OH  1 
ATOM   50   N N   . ALA A 1 8   ? -3.187  -0.729  15.778  1.00 13.60 ? 70  ALA A N   1 
ATOM   51   C CA  . ALA A 1 8   ? -2.734  -2.054  15.375  1.00 17.57 ? 70  ALA A CA  1 
ATOM   52   C C   . ALA A 1 8   ? -3.350  -2.462  14.042  1.00 21.45 ? 70  ALA A C   1 
ATOM   53   O O   . ALA A 1 8   ? -4.391  -1.926  13.661  1.00 20.37 ? 70  ALA A O   1 
ATOM   54   C CB  . ALA A 1 8   ? -3.079  -3.059  16.439  1.00 17.19 ? 70  ALA A CB  1 
ATOM   55   N N   . PRO A 1 9   ? -2.703  -3.405  13.329  1.00 18.65 ? 71  PRO A N   1 
ATOM   56   C CA  . PRO A 1 9   ? -3.239  -3.970  12.084  1.00 19.28 ? 71  PRO A CA  1 
ATOM   57   C C   . PRO A 1 9   ? -4.722  -4.320  12.178  1.00 22.74 ? 71  PRO A C   1 
ATOM   58   O O   . PRO A 1 9   ? -5.151  -4.939  13.152  1.00 21.51 ? 71  PRO A O   1 
ATOM   59   C CB  . PRO A 1 9   ? -2.396  -5.229  11.891  1.00 19.85 ? 71  PRO A CB  1 
ATOM   60   C CG  . PRO A 1 9   ? -1.078  -4.864  12.468  1.00 23.24 ? 71  PRO A CG  1 
ATOM   61   C CD  . PRO A 1 9   ? -1.354  -3.927  13.621  1.00 21.74 ? 71  PRO A CD  1 
ATOM   62   N N   . ASP A 1 10  ? -5.492  -3.920  11.172  1.00 24.60 ? 72  ASP A N   1 
ATOM   63   C CA  . ASP A 1 10  ? -6.938  -4.091  11.206  1.00 24.06 ? 72  ASP A CA  1 
ATOM   64   C C   . ASP A 1 10  ? -7.504  -4.457  9.840   1.00 20.24 ? 72  ASP A C   1 
ATOM   65   O O   . ASP A 1 10  ? -6.975  -4.048  8.806   1.00 17.82 ? 72  ASP A O   1 
ATOM   66   C CB  . ASP A 1 10  ? -7.607  -2.813  11.718  1.00 26.97 ? 72  ASP A CB  1 
ATOM   67   C CG  . ASP A 1 10  ? -9.119  -2.924  11.764  1.00 23.70 ? 72  ASP A CG  1 
ATOM   68   O OD1 . ASP A 1 10  ? -9.623  -3.984  12.186  1.00 19.58 ? 72  ASP A OD1 1 
ATOM   69   O OD2 . ASP A 1 10  ? -9.801  -1.953  11.374  1.00 24.42 ? 72  ASP A OD2 1 
ATOM   70   N N   . SER A 1 11  ? -8.579  -5.236  9.847   1.00 24.23 ? 73  SER A N   1 
ATOM   71   C CA  . SER A 1 11  ? -9.322  -5.539  8.632   1.00 22.22 ? 73  SER A CA  1 
ATOM   72   C C   . SER A 1 11  ? -10.783 -5.152  8.823   1.00 19.72 ? 73  SER A C   1 
ATOM   73   O O   . SER A 1 11  ? -11.510 -5.813  9.560   1.00 22.72 ? 73  SER A O   1 
ATOM   74   C CB  . SER A 1 11  ? -9.206  -7.021  8.272   1.00 19.86 ? 73  SER A CB  1 
ATOM   75   O OG  . SER A 1 11  ? -7.889  -7.346  7.866   1.00 21.51 ? 73  SER A OG  1 
ATOM   76   N N   . SER A 1 12  ? -11.200 -4.073  8.166   1.00 18.21 ? 74  SER A N   1 
ATOM   77   C CA  . SER A 1 12  ? -12.576 -3.597  8.258   1.00 19.11 ? 74  SER A CA  1 
ATOM   78   C C   . SER A 1 12  ? -12.874 -2.583  7.160   1.00 19.55 ? 74  SER A C   1 
ATOM   79   O O   . SER A 1 12  ? -11.959 -2.039  6.544   1.00 19.67 ? 74  SER A O   1 
ATOM   80   C CB  . SER A 1 12  ? -12.842 -2.973  9.629   1.00 21.09 ? 74  SER A CB  1 
ATOM   81   O OG  . SER A 1 12  ? -11.983 -1.871  9.864   1.00 24.25 ? 74  SER A OG  1 
ATOM   82   N N   . ASN A 1 13  ? -14.156 -2.330  6.918   1.00 20.18 ? 75  ASN A N   1 
ATOM   83   C CA  . ASN A 1 13  ? -14.549 -1.296  5.972   1.00 23.45 ? 75  ASN A CA  1 
ATOM   84   C C   . ASN A 1 13  ? -14.225 0.075   6.553   1.00 20.08 ? 75  ASN A C   1 
ATOM   85   O O   . ASN A 1 13  ? -15.103 0.769   7.066   1.00 20.82 ? 75  ASN A O   1 
ATOM   86   C CB  . ASN A 1 13  ? -16.036 -1.400  5.630   1.00 23.72 ? 75  ASN A CB  1 
ATOM   87   C CG  . ASN A 1 13  ? -16.462 -0.394  4.576   1.00 24.62 ? 75  ASN A CG  1 
ATOM   88   O OD1 . ASN A 1 13  ? -15.644 0.076   3.784   1.00 19.40 ? 75  ASN A OD1 1 
ATOM   89   N ND2 . ASN A 1 13  ? -17.749 -0.063  4.558   1.00 24.49 ? 75  ASN A ND2 1 
ATOM   90   N N   . LEU A 1 14  ? -12.951 0.447   6.471   1.00 21.33 ? 76  LEU A N   1 
ATOM   91   C CA  . LEU A 1 14  ? -12.453 1.675   7.079   1.00 16.55 ? 76  LEU A CA  1 
ATOM   92   C C   . LEU A 1 14  ? -13.100 2.920   6.481   1.00 15.42 ? 76  LEU A C   1 
ATOM   93   O O   . LEU A 1 14  ? -13.474 2.925   5.309   1.00 16.78 ? 76  LEU A O   1 
ATOM   94   C CB  . LEU A 1 14  ? -10.931 1.750   6.933   1.00 14.58 ? 76  LEU A CB  1 
ATOM   95   C CG  . LEU A 1 14  ? -10.149 0.717   7.747   1.00 15.99 ? 76  LEU A CG  1 
ATOM   96   C CD1 . LEU A 1 14  ? -8.672  0.758   7.398   1.00 22.65 ? 76  LEU A CD1 1 
ATOM   97   C CD2 . LEU A 1 14  ? -10.356 0.945   9.237   1.00 15.97 ? 76  LEU A CD2 1 
ATOM   98   N N   . PRO A 1 15  ? -13.252 3.974   7.300   1.00 17.13 ? 77  PRO A N   1 
ATOM   99   C CA  . PRO A 1 15  ? -13.789 5.263   6.851   1.00 17.21 ? 77  PRO A CA  1 
ATOM   100  C C   . PRO A 1 15  ? -13.039 5.820   5.647   1.00 26.69 ? 77  PRO A C   1 
ATOM   101  O O   . PRO A 1 15  ? -11.811 5.743   5.596   1.00 24.18 ? 77  PRO A O   1 
ATOM   102  C CB  . PRO A 1 15  ? -13.594 6.164   8.072   1.00 19.33 ? 77  PRO A CB  1 
ATOM   103  C CG  . PRO A 1 15  ? -13.667 5.233   9.226   1.00 16.10 ? 77  PRO A CG  1 
ATOM   104  C CD  . PRO A 1 15  ? -13.032 3.951   8.758   1.00 15.54 ? 77  PRO A CD  1 
ATOM   105  N N   . SER A 1 16  ? -13.777 6.372   4.689   1.00 21.15 ? 78  SER A N   1 
ATOM   106  C CA  . SER A 1 16  ? -13.170 6.972   3.509   1.00 19.40 ? 78  SER A CA  1 
ATOM   107  C C   . SER A 1 16  ? -12.649 8.372   3.822   1.00 24.10 ? 78  SER A C   1 
ATOM   108  O O   . SER A 1 16  ? -12.849 8.882   4.925   1.00 25.19 ? 78  SER A O   1 
ATOM   109  C CB  . SER A 1 16  ? -14.177 7.028   2.358   1.00 24.92 ? 78  SER A CB  1 
ATOM   110  O OG  . SER A 1 16  ? -14.631 5.732   2.012   1.00 25.38 ? 78  SER A OG  1 
ATOM   111  N N   . ASN A 1 17  ? -11.975 8.976   2.847   1.00 20.08 ? 79  ASN A N   1 
ATOM   112  C CA  . ASN A 1 17  ? -11.488 10.350  2.949   1.00 25.10 ? 79  ASN A CA  1 
ATOM   113  C C   . ASN A 1 17  ? -10.555 10.596  4.133   1.00 29.97 ? 79  ASN A C   1 
ATOM   114  O O   . ASN A 1 17  ? -10.705 11.580  4.859   1.00 31.94 ? 79  ASN A O   1 
ATOM   115  C CB  . ASN A 1 17  ? -12.668 11.323  3.020   1.00 29.39 ? 79  ASN A CB  1 
ATOM   116  C CG  . ASN A 1 17  ? -13.475 11.353  1.737   1.00 28.15 ? 79  ASN A CG  1 
ATOM   117  O OD1 . ASN A 1 17  ? -13.008 11.837  0.706   1.00 23.81 ? 79  ASN A OD1 1 
ATOM   118  N ND2 . ASN A 1 17  ? -14.694 10.831  1.794   1.00 29.34 ? 79  ASN A ND2 1 
ATOM   119  N N   . CYS A 1 18  ? -9.595  9.698   4.326   1.00 25.50 ? 80  CYS A N   1 
ATOM   120  C CA  . CYS A 1 18  ? -8.520  9.915   5.288   1.00 27.05 ? 80  CYS A CA  1 
ATOM   121  C C   . CYS A 1 18  ? -7.328  9.030   4.943   1.00 25.63 ? 80  CYS A C   1 
ATOM   122  O O   . CYS A 1 18  ? -7.491  7.911   4.459   1.00 23.45 ? 80  CYS A O   1 
ATOM   123  C CB  . CYS A 1 18  ? -8.990  9.647   6.720   1.00 29.49 ? 80  CYS A CB  1 
ATOM   124  S SG  . CYS A 1 18  ? -9.699  8.014   7.011   1.00 36.77 ? 80  CYS A SG  1 
ATOM   125  N N   . TRP A 1 19  ? -6.129  9.545   5.188   1.00 24.00 ? 81  TRP A N   1 
ATOM   126  C CA  . TRP A 1 19  ? -4.908  8.815   4.874   1.00 22.60 ? 81  TRP A CA  1 
ATOM   127  C C   . TRP A 1 19  ? -4.520  7.853   5.991   1.00 27.97 ? 81  TRP A C   1 
ATOM   128  O O   . TRP A 1 19  ? -4.429  8.239   7.158   1.00 25.66 ? 81  TRP A O   1 
ATOM   129  C CB  . TRP A 1 19  ? -3.762  9.791   4.596   1.00 21.27 ? 81  TRP A CB  1 
ATOM   130  C CG  . TRP A 1 19  ? -3.857  10.453  3.253   1.00 25.72 ? 81  TRP A CG  1 
ATOM   131  C CD1 . TRP A 1 19  ? -4.319  11.709  2.986   1.00 20.58 ? 81  TRP A CD1 1 
ATOM   132  C CD2 . TRP A 1 19  ? -3.484  9.884   1.993   1.00 24.32 ? 81  TRP A CD2 1 
ATOM   133  N NE1 . TRP A 1 19  ? -4.254  11.959  1.636   1.00 23.39 ? 81  TRP A NE1 1 
ATOM   134  C CE2 . TRP A 1 19  ? -3.745  10.855  1.004   1.00 26.83 ? 81  TRP A CE2 1 
ATOM   135  C CE3 . TRP A 1 19  ? -2.954  8.652   1.603   1.00 22.22 ? 81  TRP A CE3 1 
ATOM   136  C CZ2 . TRP A 1 19  ? -3.494  10.628  -0.349  1.00 26.95 ? 81  TRP A CZ2 1 
ATOM   137  C CZ3 . TRP A 1 19  ? -2.707  8.428   0.261   1.00 21.12 ? 81  TRP A CZ3 1 
ATOM   138  C CH2 . TRP A 1 19  ? -2.977  9.411   -0.698  1.00 23.79 ? 81  TRP A CH2 1 
ATOM   139  N N   . TYR A 1 20  ? -4.295  6.596   5.624   1.00 18.31 ? 82  TYR A N   1 
ATOM   140  C CA  . TYR A 1 20  ? -3.844  5.586   6.573   1.00 22.02 ? 82  TYR A CA  1 
ATOM   141  C C   . TYR A 1 20  ? -2.363  5.293   6.377   1.00 20.43 ? 82  TYR A C   1 
ATOM   142  O O   . TYR A 1 20  ? -1.992  4.417   5.598   1.00 19.15 ? 82  TYR A O   1 
ATOM   143  C CB  . TYR A 1 20  ? -4.660  4.301   6.428   1.00 21.17 ? 82  TYR A CB  1 
ATOM   144  C CG  . TYR A 1 20  ? -6.124  4.462   6.770   1.00 22.81 ? 82  TYR A CG  1 
ATOM   145  C CD1 . TYR A 1 20  ? -6.559  4.393   8.087   1.00 21.15 ? 82  TYR A CD1 1 
ATOM   146  C CD2 . TYR A 1 20  ? -7.069  4.681   5.778   1.00 21.51 ? 82  TYR A CD2 1 
ATOM   147  C CE1 . TYR A 1 20  ? -7.895  4.541   8.407   1.00 19.55 ? 82  TYR A CE1 1 
ATOM   148  C CE2 . TYR A 1 20  ? -8.409  4.828   6.087   1.00 26.98 ? 82  TYR A CE2 1 
ATOM   149  C CZ  . TYR A 1 20  ? -8.814  4.757   7.403   1.00 23.30 ? 82  TYR A CZ  1 
ATOM   150  O OH  . TYR A 1 20  ? -10.145 4.905   7.717   1.00 19.71 ? 82  TYR A OH  1 
ATOM   151  N N   . LEU A 1 21  ? -1.525  6.038   7.089   1.00 19.72 ? 83  LEU A N   1 
ATOM   152  C CA  . LEU A 1 21  ? -0.080  5.890   6.991   1.00 16.47 ? 83  LEU A CA  1 
ATOM   153  C C   . LEU A 1 21  ? 0.383   4.608   7.670   1.00 21.42 ? 83  LEU A C   1 
ATOM   154  O O   . LEU A 1 21  ? 0.349   4.507   8.895   1.00 27.27 ? 83  LEU A O   1 
ATOM   155  C CB  . LEU A 1 21  ? 0.618   7.099   7.617   1.00 16.97 ? 83  LEU A CB  1 
ATOM   156  C CG  . LEU A 1 21  ? 2.147   7.095   7.642   1.00 24.64 ? 83  LEU A CG  1 
ATOM   157  C CD1 . LEU A 1 21  ? 2.708   7.228   6.236   1.00 17.75 ? 83  LEU A CD1 1 
ATOM   158  C CD2 . LEU A 1 21  ? 2.675   8.200   8.548   1.00 17.62 ? 83  LEU A CD2 1 
ATOM   159  N N   . VAL A 1 22  ? 0.818   3.630   6.882   1.00 20.12 ? 84  VAL A N   1 
ATOM   160  C CA  . VAL A 1 22  ? 1.265   2.361   7.449   1.00 17.15 ? 84  VAL A CA  1 
ATOM   161  C C   . VAL A 1 22  ? 2.762   2.385   7.752   1.00 17.80 ? 84  VAL A C   1 
ATOM   162  O O   . VAL A 1 22  ? 3.566   2.890   6.967   1.00 19.30 ? 84  VAL A O   1 
ATOM   163  C CB  . VAL A 1 22  ? 0.935   1.166   6.518   1.00 17.10 ? 84  VAL A CB  1 
ATOM   164  C CG1 . VAL A 1 22  ? -0.571  1.018   6.364   1.00 16.67 ? 84  VAL A CG1 1 
ATOM   165  C CG2 . VAL A 1 22  ? 1.601   1.321   5.160   1.00 18.55 ? 84  VAL A CG2 1 
ATOM   166  N N   . ASN A 1 23  ? 3.123   1.845   8.910   1.00 20.71 ? 85  ASN A N   1 
ATOM   167  C CA  . ASN A 1 23  ? 4.515   1.801   9.346   1.00 18.62 ? 85  ASN A CA  1 
ATOM   168  C C   . ASN A 1 23  ? 4.948   0.375   9.666   1.00 18.37 ? 85  ASN A C   1 
ATOM   169  O O   . ASN A 1 23  ? 5.095   0.014   10.832  1.00 20.32 ? 85  ASN A O   1 
ATOM   170  C CB  . ASN A 1 23  ? 4.716   2.708   10.566  1.00 15.64 ? 85  ASN A CB  1 
ATOM   171  C CG  . ASN A 1 23  ? 6.165   2.773   11.017  1.00 19.06 ? 85  ASN A CG  1 
ATOM   172  O OD1 . ASN A 1 23  ? 7.087   2.648   10.210  1.00 24.52 ? 85  ASN A OD1 1 
ATOM   173  N ND2 . ASN A 1 23  ? 6.372   2.969   12.314  1.00 15.98 ? 85  ASN A ND2 1 
ATOM   174  N N   . PRO A 1 24  ? 5.147   -0.448  8.625   1.00 21.63 ? 86  PRO A N   1 
ATOM   175  C CA  . PRO A 1 24  ? 5.544   -1.843  8.834   1.00 23.49 ? 86  PRO A CA  1 
ATOM   176  C C   . PRO A 1 24  ? 6.953   -1.965  9.401   1.00 27.09 ? 86  PRO A C   1 
ATOM   177  O O   . PRO A 1 24  ? 7.810   -1.135  9.107   1.00 31.28 ? 86  PRO A O   1 
ATOM   178  C CB  . PRO A 1 24  ? 5.475   -2.440  7.426   1.00 22.92 ? 86  PRO A CB  1 
ATOM   179  C CG  . PRO A 1 24  ? 5.737   -1.282  6.529   1.00 21.95 ? 86  PRO A CG  1 
ATOM   180  C CD  . PRO A 1 24  ? 5.061   -0.114  7.192   1.00 18.03 ? 86  PRO A CD  1 
ATOM   181  N N   . SER A 1 25  ? 7.182   -2.990  10.213  1.00 26.11 ? 87  SER A N   1 
ATOM   182  C CA  . SER A 1 25  ? 8.516   -3.266  10.722  1.00 32.41 ? 87  SER A CA  1 
ATOM   183  C C   . SER A 1 25  ? 9.178   -4.331  9.860   1.00 31.04 ? 87  SER A C   1 
ATOM   184  O O   . SER A 1 25  ? 10.403  -4.385  9.746   1.00 29.66 ? 87  SER A O   1 
ATOM   185  C CB  . SER A 1 25  ? 8.458   -3.716  12.183  1.00 31.83 ? 87  SER A CB  1 
ATOM   186  O OG  . SER A 1 25  ? 8.145   -2.633  13.040  1.00 33.18 ? 87  SER A OG  1 
ATOM   187  N N   . ASN A 1 26  ? 8.355   -5.171  9.244   1.00 27.69 ? 88  ASN A N   1 
ATOM   188  C CA  . ASN A 1 26  ? 8.854   -6.284  8.448   1.00 32.77 ? 88  ASN A CA  1 
ATOM   189  C C   . ASN A 1 26  ? 8.371   -6.236  7.004   1.00 28.86 ? 88  ASN A C   1 
ATOM   190  O O   . ASN A 1 26  ? 7.413   -5.534  6.678   1.00 27.00 ? 88  ASN A O   1 
ATOM   191  C CB  . ASN A 1 26  ? 8.439   -7.609  9.088   1.00 34.82 ? 88  ASN A CB  1 
ATOM   192  C CG  . ASN A 1 26  ? 9.064   -7.814  10.452  1.00 35.28 ? 88  ASN A CG  1 
ATOM   193  O OD1 . ASN A 1 26  ? 10.278  -7.699  10.615  1.00 36.62 ? 88  ASN A OD1 1 
ATOM   194  N ND2 . ASN A 1 26  ? 8.234   -8.113  11.445  1.00 38.78 ? 88  ASN A ND2 1 
ATOM   195  N N   . ASP A 1 27  ? 9.044   -6.990  6.143   1.00 20.54 ? 89  ASP A N   1 
ATOM   196  C CA  . ASP A 1 27  ? 8.667   -7.074  4.739   1.00 24.27 ? 89  ASP A CA  1 
ATOM   197  C C   . ASP A 1 27  ? 7.404   -7.914  4.565   1.00 23.11 ? 89  ASP A C   1 
ATOM   198  O O   . ASP A 1 27  ? 6.854   -8.433  5.535   1.00 25.74 ? 89  ASP A O   1 
ATOM   199  C CB  . ASP A 1 27  ? 9.816   -7.651  3.907   1.00 27.44 ? 89  ASP A CB  1 
ATOM   200  C CG  . ASP A 1 27  ? 10.204  -9.057  4.334   1.00 29.72 ? 89  ASP A CG  1 
ATOM   201  O OD1 . ASP A 1 27  ? 9.729   -9.520  5.391   1.00 37.32 ? 89  ASP A OD1 1 
ATOM   202  O OD2 . ASP A 1 27  ? 10.991  -9.700  3.608   1.00 33.28 ? 89  ASP A OD2 1 
ATOM   203  N N   . GLY A 1 28  ? 6.948   -8.045  3.325   1.00 22.23 ? 90  GLY A N   1 
ATOM   204  C CA  . GLY A 1 28  ? 5.747   -8.806  3.042   1.00 19.85 ? 90  GLY A CA  1 
ATOM   205  C C   . GLY A 1 28  ? 4.541   -7.908  2.853   1.00 21.62 ? 90  GLY A C   1 
ATOM   206  O O   . GLY A 1 28  ? 4.683   -6.701  2.660   1.00 21.30 ? 90  GLY A O   1 
ATOM   207  N N   . VAL A 1 29  ? 3.353   -8.500  2.912   1.00 21.11 ? 91  VAL A N   1 
ATOM   208  C CA  . VAL A 1 29  ? 2.114   -7.757  2.716   1.00 20.27 ? 91  VAL A CA  1 
ATOM   209  C C   . VAL A 1 29  ? 1.919   -6.707  3.806   1.00 22.56 ? 91  VAL A C   1 
ATOM   210  O O   . VAL A 1 29  ? 1.947   -7.017  4.997   1.00 20.71 ? 91  VAL A O   1 
ATOM   211  C CB  . VAL A 1 29  ? 0.890   -8.695  2.692   1.00 19.23 ? 91  VAL A CB  1 
ATOM   212  C CG1 . VAL A 1 29  ? -0.380  -7.903  2.416   1.00 12.78 ? 91  VAL A CG1 1 
ATOM   213  C CG2 . VAL A 1 29  ? 1.078   -9.784  1.648   1.00 15.66 ? 91  VAL A CG2 1 
ATOM   214  N N   . VAL A 1 30  ? 1.732   -5.460  3.385   1.00 22.98 ? 92  VAL A N   1 
ATOM   215  C CA  . VAL A 1 30  ? 1.489   -4.361  4.308   1.00 21.43 ? 92  VAL A CA  1 
ATOM   216  C C   . VAL A 1 30  ? 0.061   -3.850  4.138   1.00 24.98 ? 92  VAL A C   1 
ATOM   217  O O   . VAL A 1 30  ? -0.482  -3.167  5.007   1.00 23.29 ? 92  VAL A O   1 
ATOM   218  C CB  . VAL A 1 30  ? 2.488   -3.205  4.084   1.00 19.83 ? 92  VAL A CB  1 
ATOM   219  C CG1 . VAL A 1 30  ? 2.157   -2.450  2.803   1.00 15.16 ? 92  VAL A CG1 1 
ATOM   220  C CG2 . VAL A 1 30  ? 2.489   -2.261  5.274   1.00 22.13 ? 92  VAL A CG2 1 
ATOM   221  N N   . PHE A 1 31  ? -0.550  -4.213  3.016   1.00 19.20 ? 93  PHE A N   1 
ATOM   222  C CA  . PHE A 1 31  ? -1.851  -3.684  2.637   1.00 17.53 ? 93  PHE A CA  1 
ATOM   223  C C   . PHE A 1 31  ? -2.540  -4.623  1.658   1.00 23.03 ? 93  PHE A C   1 
ATOM   224  O O   . PHE A 1 31  ? -1.890  -5.207  0.796   1.00 23.15 ? 93  PHE A O   1 
ATOM   225  C CB  . PHE A 1 31  ? -1.691  -2.286  2.026   1.00 19.46 ? 93  PHE A CB  1 
ATOM   226  C CG  . PHE A 1 31  ? -2.927  -1.765  1.340   1.00 18.83 ? 93  PHE A CG  1 
ATOM   227  C CD1 . PHE A 1 31  ? -3.127  -1.971  -0.016  1.00 17.93 ? 93  PHE A CD1 1 
ATOM   228  C CD2 . PHE A 1 31  ? -3.882  -1.057  2.052   1.00 19.14 ? 93  PHE A CD2 1 
ATOM   229  C CE1 . PHE A 1 31  ? -4.258  -1.490  -0.647  1.00 19.50 ? 93  PHE A CE1 1 
ATOM   230  C CE2 . PHE A 1 31  ? -5.016  -0.572  1.425   1.00 22.62 ? 93  PHE A CE2 1 
ATOM   231  C CZ  . PHE A 1 31  ? -5.204  -0.790  0.074   1.00 22.03 ? 93  PHE A CZ  1 
ATOM   232  N N   . SER A 1 32  ? -3.855  -4.768  1.799   1.00 17.44 ? 94  SER A N   1 
ATOM   233  C CA  . SER A 1 32  ? -4.648  -5.522  0.834   1.00 22.56 ? 94  SER A CA  1 
ATOM   234  C C   . SER A 1 32  ? -6.117  -5.123  0.913   1.00 23.61 ? 94  SER A C   1 
ATOM   235  O O   . SER A 1 32  ? -6.581  -4.640  1.946   1.00 17.55 ? 94  SER A O   1 
ATOM   236  C CB  . SER A 1 32  ? -4.499  -7.030  1.052   1.00 13.12 ? 94  SER A CB  1 
ATOM   237  O OG  . SER A 1 32  ? -5.139  -7.443  2.241   1.00 21.99 ? 94  SER A OG  1 
ATOM   238  N N   . VAL A 1 33  ? -6.841  -5.333  -0.183  1.00 25.23 ? 95  VAL A N   1 
ATOM   239  C CA  . VAL A 1 33  ? -8.260  -4.995  -0.249  1.00 21.21 ? 95  VAL A CA  1 
ATOM   240  C C   . VAL A 1 33  ? -8.932  -5.687  -1.436  1.00 22.48 ? 95  VAL A C   1 
ATOM   241  O O   . VAL A 1 33  ? -8.362  -5.767  -2.526  1.00 21.71 ? 95  VAL A O   1 
ATOM   242  C CB  . VAL A 1 33  ? -8.468  -3.461  -0.351  1.00 17.46 ? 95  VAL A CB  1 
ATOM   243  C CG1 . VAL A 1 33  ? -7.677  -2.883  -1.518  1.00 14.38 ? 95  VAL A CG1 1 
ATOM   244  C CG2 . VAL A 1 33  ? -9.948  -3.116  -0.468  1.00 20.65 ? 95  VAL A CG2 1 
ATOM   245  N N   . THR A 1 34  ? -10.136 -6.206  -1.215  1.00 23.96 ? 96  THR A N   1 
ATOM   246  C CA  . THR A 1 34  ? -10.935 -6.769  -2.296  1.00 22.94 ? 96  THR A CA  1 
ATOM   247  C C   . THR A 1 34  ? -12.426 -6.686  -1.989  1.00 20.34 ? 96  THR A C   1 
ATOM   248  O O   . THR A 1 34  ? -12.838 -6.739  -0.831  1.00 22.17 ? 96  THR A O   1 
ATOM   249  C CB  . THR A 1 34  ? -10.563 -8.241  -2.586  1.00 21.87 ? 96  THR A CB  1 
ATOM   250  O OG1 . THR A 1 34  ? -11.351 -8.728  -3.680  1.00 22.47 ? 96  THR A OG1 1 
ATOM   251  C CG2 . THR A 1 34  ? -10.806 -9.113  -1.363  1.00 21.31 ? 96  THR A CG2 1 
ATOM   252  N N   . ASP A 1 35  ? -13.227 -6.540  -3.039  1.00 23.24 ? 97  ASP A N   1 
ATOM   253  C CA  . ASP A 1 35  ? -14.677 -6.545  -2.911  1.00 23.74 ? 97  ASP A CA  1 
ATOM   254  C C   . ASP A 1 35  ? -15.211 -7.908  -3.329  1.00 27.09 ? 97  ASP A C   1 
ATOM   255  O O   . ASP A 1 35  ? -16.423 -8.127  -3.372  1.00 32.17 ? 97  ASP A O   1 
ATOM   256  C CB  . ASP A 1 35  ? -15.306 -5.444  -3.766  1.00 26.27 ? 97  ASP A CB  1 
ATOM   257  C CG  . ASP A 1 35  ? -15.158 -5.705  -5.253  1.00 21.16 ? 97  ASP A CG  1 
ATOM   258  O OD1 . ASP A 1 35  ? -14.130 -6.285  -5.660  1.00 19.89 ? 97  ASP A OD1 1 
ATOM   259  O OD2 . ASP A 1 35  ? -16.072 -5.330  -6.016  1.00 26.84 ? 97  ASP A OD2 1 
ATOM   260  N N   . ASN A 1 36  ? -14.279 -8.804  -3.648  1.00 24.03 ? 98  ASN A N   1 
ATOM   261  C CA  . ASN A 1 36  ? -14.570 -10.163 -4.103  1.00 27.42 ? 98  ASN A CA  1 
ATOM   262  C C   . ASN A 1 36  ? -15.298 -10.204 -5.444  1.00 20.32 ? 98  ASN A C   1 
ATOM   263  O O   . ASN A 1 36  ? -15.822 -11.246 -5.835  1.00 22.97 ? 98  ASN A O   1 
ATOM   264  C CB  . ASN A 1 36  ? -15.391 -10.921 -3.054  1.00 26.36 ? 98  ASN A CB  1 
ATOM   265  C CG  . ASN A 1 36  ? -14.793 -10.828 -1.667  1.00 27.14 ? 98  ASN A CG  1 
ATOM   266  O OD1 . ASN A 1 36  ? -15.406 -10.280 -0.751  1.00 27.30 ? 98  ASN A OD1 1 
ATOM   267  N ND2 . ASN A 1 36  ? -13.589 -11.365 -1.504  1.00 24.95 ? 98  ASN A ND2 1 
ATOM   268  N N   . SER A 1 37  ? -15.316 -9.081  -6.155  1.00 24.17 ? 99  SER A N   1 
ATOM   269  C CA  . SER A 1 37  ? -16.071 -8.998  -7.401  1.00 23.13 ? 99  SER A CA  1 
ATOM   270  C C   . SER A 1 37  ? -15.315 -8.303  -8.534  1.00 22.77 ? 99  SER A C   1 
ATOM   271  O O   . SER A 1 37  ? -15.208 -8.842  -9.636  1.00 21.10 ? 99  SER A O   1 
ATOM   272  C CB  . SER A 1 37  ? -17.398 -8.274  -7.162  1.00 20.00 ? 99  SER A CB  1 
ATOM   273  O OG  . SER A 1 37  ? -18.179 -8.950  -6.193  1.00 29.75 ? 99  SER A OG  1 
ATOM   274  N N   . THR A 1 38  ? -14.801 -7.106  -8.269  1.00 21.30 ? 100 THR A N   1 
ATOM   275  C CA  . THR A 1 38  ? -14.268 -6.271  -9.341  1.00 23.61 ? 100 THR A CA  1 
ATOM   276  C C   . THR A 1 38  ? -12.813 -5.844  -9.166  1.00 18.81 ? 100 THR A C   1 
ATOM   277  O O   . THR A 1 38  ? -12.198 -5.362  -10.114 1.00 21.36 ? 100 THR A O   1 
ATOM   278  C CB  . THR A 1 38  ? -15.109 -4.990  -9.506  1.00 21.12 ? 100 THR A CB  1 
ATOM   279  O OG1 . THR A 1 38  ? -14.795 -4.073  -8.452  1.00 17.09 ? 100 THR A OG1 1 
ATOM   280  C CG2 . THR A 1 38  ? -16.593 -5.312  -9.471  1.00 19.36 ? 100 THR A CG2 1 
ATOM   281  N N   . PHE A 1 39  ? -12.259 -6.010  -7.969  1.00 21.74 ? 101 PHE A N   1 
ATOM   282  C CA  . PHE A 1 39  ? -10.932 -5.466  -7.694  1.00 19.32 ? 101 PHE A CA  1 
ATOM   283  C C   . PHE A 1 39  ? -10.195 -6.186  -6.567  1.00 19.40 ? 101 PHE A C   1 
ATOM   284  O O   . PHE A 1 39  ? -10.725 -6.354  -5.471  1.00 16.96 ? 101 PHE A O   1 
ATOM   285  C CB  . PHE A 1 39  ? -11.049 -3.975  -7.369  1.00 17.91 ? 101 PHE A CB  1 
ATOM   286  C CG  . PHE A 1 39  ? -9.733  -3.256  -7.312  1.00 17.19 ? 101 PHE A CG  1 
ATOM   287  C CD1 . PHE A 1 39  ? -8.854  -3.302  -8.380  1.00 18.20 ? 101 PHE A CD1 1 
ATOM   288  C CD2 . PHE A 1 39  ? -9.384  -2.516  -6.194  1.00 20.74 ? 101 PHE A CD2 1 
ATOM   289  C CE1 . PHE A 1 39  ? -7.649  -2.632  -8.331  1.00 22.94 ? 101 PHE A CE1 1 
ATOM   290  C CE2 . PHE A 1 39  ? -8.180  -1.844  -6.138  1.00 18.78 ? 101 PHE A CE2 1 
ATOM   291  C CZ  . PHE A 1 39  ? -7.313  -1.901  -7.207  1.00 21.34 ? 101 PHE A CZ  1 
ATOM   292  N N   . TRP A 1 40  ? -8.970  -6.614  -6.861  1.00 17.61 ? 102 TRP A N   1 
ATOM   293  C CA  . TRP A 1 40  ? -8.084  -7.225  -5.878  1.00 15.28 ? 102 TRP A CA  1 
ATOM   294  C C   . TRP A 1 40  ? -6.764  -6.471  -5.855  1.00 21.67 ? 102 TRP A C   1 
ATOM   295  O O   . TRP A 1 40  ? -6.142  -6.278  -6.896  1.00 20.42 ? 102 TRP A O   1 
ATOM   296  C CB  . TRP A 1 40  ? -7.829  -8.699  -6.197  1.00 16.45 ? 102 TRP A CB  1 
ATOM   297  C CG  . TRP A 1 40  ? -8.995  -9.601  -5.956  1.00 19.01 ? 102 TRP A CG  1 
ATOM   298  C CD1 . TRP A 1 40  ? -9.149  -10.481 -4.927  1.00 22.50 ? 102 TRP A CD1 1 
ATOM   299  C CD2 . TRP A 1 40  ? -10.172 -9.716  -6.765  1.00 20.69 ? 102 TRP A CD2 1 
ATOM   300  N NE1 . TRP A 1 40  ? -10.349 -11.137 -5.042  1.00 22.57 ? 102 TRP A NE1 1 
ATOM   301  C CE2 . TRP A 1 40  ? -10.996 -10.686 -6.161  1.00 24.22 ? 102 TRP A CE2 1 
ATOM   302  C CE3 . TRP A 1 40  ? -10.607 -9.097  -7.939  1.00 19.65 ? 102 TRP A CE3 1 
ATOM   303  C CZ2 . TRP A 1 40  ? -12.232 -11.047 -6.692  1.00 20.80 ? 102 TRP A CZ2 1 
ATOM   304  C CZ3 . TRP A 1 40  ? -11.834 -9.451  -8.459  1.00 20.75 ? 102 TRP A CZ3 1 
ATOM   305  C CH2 . TRP A 1 40  ? -12.632 -10.421 -7.839  1.00 25.93 ? 102 TRP A CH2 1 
ATOM   306  N N   . MET A 1 41  ? -6.337  -6.044  -4.673  1.00 19.15 ? 103 MET A N   1 
ATOM   307  C CA  . MET A 1 41  ? -5.081  -5.318  -4.553  1.00 19.35 ? 103 MET A CA  1 
ATOM   308  C C   . MET A 1 41  ? -4.347  -5.680  -3.275  1.00 17.87 ? 103 MET A C   1 
ATOM   309  O O   . MET A 1 41  ? -4.955  -5.776  -2.213  1.00 21.28 ? 103 MET A O   1 
ATOM   310  C CB  . MET A 1 41  ? -5.326  -3.808  -4.593  1.00 22.44 ? 103 MET A CB  1 
ATOM   311  C CG  . MET A 1 41  ? -4.077  -2.977  -4.327  1.00 16.16 ? 103 MET A CG  1 
ATOM   312  S SD  . MET A 1 41  ? -4.348  -1.199  -4.440  1.00 19.76 ? 103 MET A SD  1 
ATOM   313  C CE  . MET A 1 41  ? -2.721  -0.587  -4.008  1.00 14.23 ? 103 MET A CE  1 
ATOM   314  N N   . PHE A 1 42  ? -3.040  -5.896  -3.382  1.00 17.05 ? 104 PHE A N   1 
ATOM   315  C CA  . PHE A 1 42  ? -2.203  -5.988  -2.195  1.00 15.97 ? 104 PHE A CA  1 
ATOM   316  C C   . PHE A 1 42  ? -0.859  -5.323  -2.454  1.00 18.85 ? 104 PHE A C   1 
ATOM   317  O O   . PHE A 1 42  ? -0.406  -5.234  -3.595  1.00 17.79 ? 104 PHE A O   1 
ATOM   318  C CB  . PHE A 1 42  ? -2.010  -7.445  -1.750  1.00 16.52 ? 104 PHE A CB  1 
ATOM   319  C CG  . PHE A 1 42  ? -1.178  -8.280  -2.690  1.00 24.64 ? 104 PHE A CG  1 
ATOM   320  C CD1 . PHE A 1 42  ? 0.205   -8.330  -2.563  1.00 22.63 ? 104 PHE A CD1 1 
ATOM   321  C CD2 . PHE A 1 42  ? -1.779  -9.045  -3.675  1.00 22.01 ? 104 PHE A CD2 1 
ATOM   322  C CE1 . PHE A 1 42  ? 0.970   -9.105  -3.416  1.00 23.54 ? 104 PHE A CE1 1 
ATOM   323  C CE2 . PHE A 1 42  ? -1.020  -9.825  -4.529  1.00 24.82 ? 104 PHE A CE2 1 
ATOM   324  C CZ  . PHE A 1 42  ? 0.355   -9.857  -4.399  1.00 18.75 ? 104 PHE A CZ  1 
ATOM   325  N N   . THR A 1 43  ? -0.230  -4.846  -1.388  1.00 21.40 ? 105 THR A N   1 
ATOM   326  C CA  . THR A 1 43  ? 1.092   -4.252  -1.495  1.00 21.63 ? 105 THR A CA  1 
ATOM   327  C C   . THR A 1 43  ? 2.115   -5.103  -0.764  1.00 20.38 ? 105 THR A C   1 
ATOM   328  O O   . THR A 1 43  ? 1.962   -5.396  0.422   1.00 22.14 ? 105 THR A O   1 
ATOM   329  C CB  . THR A 1 43  ? 1.128   -2.830  -0.929  1.00 19.64 ? 105 THR A CB  1 
ATOM   330  O OG1 . THR A 1 43  ? 0.122   -2.031  -1.565  1.00 21.81 ? 105 THR A OG1 1 
ATOM   331  C CG2 . THR A 1 43  ? 2.493   -2.202  -1.160  1.00 18.54 ? 105 THR A CG2 1 
ATOM   332  N N   . TYR A 1 44  ? 3.157   -5.501  -1.482  1.00 21.24 ? 106 TYR A N   1 
ATOM   333  C CA  . TYR A 1 44  ? 4.217   -6.306  -0.898  1.00 18.21 ? 106 TYR A CA  1 
ATOM   334  C C   . TYR A 1 44  ? 5.452   -5.448  -0.658  1.00 20.08 ? 106 TYR A C   1 
ATOM   335  O O   . TYR A 1 44  ? 5.947   -4.787  -1.572  1.00 16.33 ? 106 TYR A O   1 
ATOM   336  C CB  . TYR A 1 44  ? 4.554   -7.490  -1.805  1.00 17.56 ? 106 TYR A CB  1 
ATOM   337  C CG  . TYR A 1 44  ? 5.456   -8.517  -1.165  1.00 20.73 ? 106 TYR A CG  1 
ATOM   338  C CD1 . TYR A 1 44  ? 6.837   -8.369  -1.183  1.00 18.01 ? 106 TYR A CD1 1 
ATOM   339  C CD2 . TYR A 1 44  ? 4.926   -9.639  -0.543  1.00 19.23 ? 106 TYR A CD2 1 
ATOM   340  C CE1 . TYR A 1 44  ? 7.664   -9.309  -0.596  1.00 24.03 ? 106 TYR A CE1 1 
ATOM   341  C CE2 . TYR A 1 44  ? 5.744   -10.585 0.044   1.00 24.58 ? 106 TYR A CE2 1 
ATOM   342  C CZ  . TYR A 1 44  ? 7.112   -10.414 0.015   1.00 24.19 ? 106 TYR A CZ  1 
ATOM   343  O OH  . TYR A 1 44  ? 7.931   -11.354 0.599   1.00 23.97 ? 106 TYR A OH  1 
ATOM   344  N N   . LEU A 1 45  ? 5.941   -5.456  0.576   1.00 21.49 ? 107 LEU A N   1 
ATOM   345  C CA  . LEU A 1 45  ? 7.140   -4.708  0.923   1.00 20.42 ? 107 LEU A CA  1 
ATOM   346  C C   . LEU A 1 45  ? 8.391   -5.532  0.639   1.00 22.14 ? 107 LEU A C   1 
ATOM   347  O O   . LEU A 1 45  ? 8.585   -6.600  1.217   1.00 21.86 ? 107 LEU A O   1 
ATOM   348  C CB  . LEU A 1 45  ? 7.106   -4.286  2.393   1.00 17.67 ? 107 LEU A CB  1 
ATOM   349  C CG  . LEU A 1 45  ? 8.345   -3.550  2.909   1.00 30.60 ? 107 LEU A CG  1 
ATOM   350  C CD1 . LEU A 1 45  ? 8.628   -2.311  2.069   1.00 19.03 ? 107 LEU A CD1 1 
ATOM   351  C CD2 . LEU A 1 45  ? 8.176   -3.182  4.375   1.00 23.23 ? 107 LEU A CD2 1 
ATOM   352  N N   . VAL A 1 46  ? 9.234   -5.034  -0.258  1.00 22.16 ? 108 VAL A N   1 
ATOM   353  C CA  . VAL A 1 46  ? 10.477  -5.715  -0.594  1.00 25.69 ? 108 VAL A CA  1 
ATOM   354  C C   . VAL A 1 46  ? 11.658  -5.017  0.071   1.00 21.61 ? 108 VAL A C   1 
ATOM   355  O O   . VAL A 1 46  ? 11.779  -3.794  0.013   1.00 21.77 ? 108 VAL A O   1 
ATOM   356  C CB  . VAL A 1 46  ? 10.700  -5.768  -2.117  1.00 25.20 ? 108 VAL A CB  1 
ATOM   357  C CG1 . VAL A 1 46  ? 11.932  -6.599  -2.445  1.00 21.81 ? 108 VAL A CG1 1 
ATOM   358  C CG2 . VAL A 1 46  ? 9.474   -6.338  -2.807  1.00 22.85 ? 108 VAL A CG2 1 
ATOM   359  N N   . LEU A 1 47  ? 12.520  -5.802  0.708   1.00 20.82 ? 109 LEU A N   1 
ATOM   360  C CA  . LEU A 1 47  ? 13.687  -5.258  1.394   1.00 22.06 ? 109 LEU A CA  1 
ATOM   361  C C   . LEU A 1 47  ? 14.734  -4.754  0.407   1.00 21.07 ? 109 LEU A C   1 
ATOM   362  O O   . LEU A 1 47  ? 14.832  -5.256  -0.712  1.00 15.96 ? 109 LEU A O   1 
ATOM   363  C CB  . LEU A 1 47  ? 14.308  -6.314  2.313   1.00 21.73 ? 109 LEU A CB  1 
ATOM   364  C CG  . LEU A 1 47  ? 13.489  -6.732  3.535   1.00 24.79 ? 109 LEU A CG  1 
ATOM   365  C CD1 . LEU A 1 47  ? 14.175  -7.869  4.280   1.00 24.02 ? 109 LEU A CD1 1 
ATOM   366  C CD2 . LEU A 1 47  ? 13.266  -5.541  4.453   1.00 22.07 ? 109 LEU A CD2 1 
ATOM   367  N N   . PRO A 1 48  ? 15.514  -3.744  0.821   1.00 21.90 ? 110 PRO A N   1 
ATOM   368  C CA  . PRO A 1 48  ? 16.660  -3.299  0.022   1.00 22.40 ? 110 PRO A CA  1 
ATOM   369  C C   . PRO A 1 48  ? 17.707  -4.398  -0.098  1.00 19.30 ? 110 PRO A C   1 
ATOM   370  O O   . PRO A 1 48  ? 17.845  -5.203  0.826   1.00 20.67 ? 110 PRO A O   1 
ATOM   371  C CB  . PRO A 1 48  ? 17.205  -2.106  0.814   1.00 18.26 ? 110 PRO A CB  1 
ATOM   372  C CG  . PRO A 1 48  ? 16.680  -2.279  2.192   1.00 22.59 ? 110 PRO A CG  1 
ATOM   373  C CD  . PRO A 1 48  ? 15.341  -2.926  2.032   1.00 19.32 ? 110 PRO A CD  1 
ATOM   374  N N   . ASN A 1 49  ? 18.421  -4.423  -1.220  1.00 15.14 ? 111 ASN A N   1 
ATOM   375  C CA  . ASN A 1 49  ? 19.429  -5.446  -1.484  1.00 20.78 ? 111 ASN A CA  1 
ATOM   376  C C   . ASN A 1 49  ? 18.867  -6.858  -1.368  1.00 27.15 ? 111 ASN A C   1 
ATOM   377  O O   . ASN A 1 49  ? 19.478  -7.738  -0.760  1.00 18.64 ? 111 ASN A O   1 
ATOM   378  C CB  . ASN A 1 49  ? 20.622  -5.273  -0.545  1.00 16.95 ? 111 ASN A CB  1 
ATOM   379  C CG  . ASN A 1 49  ? 21.409  -4.014  -0.837  1.00 17.58 ? 111 ASN A CG  1 
ATOM   380  O OD1 . ASN A 1 49  ? 21.409  -3.070  -0.047  1.00 22.41 ? 111 ASN A OD1 1 
ATOM   381  N ND2 . ASN A 1 49  ? 22.088  -3.993  -1.977  1.00 18.13 ? 111 ASN A ND2 1 
ATOM   382  N N   . THR A 1 50  ? 17.689  -7.058  -1.948  1.00 21.50 ? 112 THR A N   1 
ATOM   383  C CA  . THR A 1 50  ? 17.099  -8.384  -2.048  1.00 27.46 ? 112 THR A CA  1 
ATOM   384  C C   . THR A 1 50  ? 17.374  -8.957  -3.432  1.00 27.36 ? 112 THR A C   1 
ATOM   385  O O   . THR A 1 50  ? 16.836  -8.472  -4.429  1.00 26.67 ? 112 THR A O   1 
ATOM   386  C CB  . THR A 1 50  ? 15.575  -8.361  -1.796  1.00 25.62 ? 112 THR A CB  1 
ATOM   387  O OG1 . THR A 1 50  ? 15.311  -7.924  -0.458  1.00 21.12 ? 112 THR A OG1 1 
ATOM   388  C CG2 . THR A 1 50  ? 14.978  -9.747  -1.999  1.00 22.90 ? 112 THR A CG2 1 
ATOM   389  N N   . ALA A 1 51  ? 18.221  -9.980  -3.493  1.00 25.98 ? 113 ALA A N   1 
ATOM   390  C CA  . ALA A 1 51  ? 18.478  -10.675 -4.748  1.00 30.83 ? 113 ALA A CA  1 
ATOM   391  C C   . ALA A 1 51  ? 17.191  -11.332 -5.238  1.00 27.23 ? 113 ALA A C   1 
ATOM   392  O O   . ALA A 1 51  ? 16.261  -11.536 -4.456  1.00 22.24 ? 113 ALA A O   1 
ATOM   393  C CB  . ALA A 1 51  ? 19.582  -11.709 -4.576  1.00 26.83 ? 113 ALA A CB  1 
ATOM   394  N N   . GLN A 1 52  ? 17.143  -11.655 -6.528  1.00 29.25 ? 114 GLN A N   1 
ATOM   395  C CA  . GLN A 1 52  ? 15.938  -12.206 -7.147  1.00 26.77 ? 114 GLN A CA  1 
ATOM   396  C C   . GLN A 1 52  ? 15.428  -13.429 -6.391  1.00 26.71 ? 114 GLN A C   1 
ATOM   397  O O   . GLN A 1 52  ? 16.113  -14.447 -6.295  1.00 25.76 ? 114 GLN A O   1 
ATOM   398  C CB  . GLN A 1 52  ? 16.205  -12.563 -8.610  1.00 26.55 ? 114 GLN A CB  1 
ATOM   399  C CG  . GLN A 1 52  ? 14.953  -12.870 -9.421  1.00 24.77 ? 114 GLN A CG  1 
ATOM   400  C CD  . GLN A 1 52  ? 14.472  -14.298 -9.247  1.00 29.04 ? 114 GLN A CD  1 
ATOM   401  O OE1 . GLN A 1 52  ? 15.267  -15.207 -9.009  1.00 29.84 ? 114 GLN A OE1 1 
ATOM   402  N NE2 . GLN A 1 52  ? 13.166  -14.501 -9.360  1.00 34.22 ? 114 GLN A NE2 1 
ATOM   403  N N   . THR A 1 53  ? 14.218  -13.315 -5.853  1.00 25.73 ? 115 THR A N   1 
ATOM   404  C CA  . THR A 1 53  ? 13.633  -14.380 -5.053  1.00 25.79 ? 115 THR A CA  1 
ATOM   405  C C   . THR A 1 53  ? 12.216  -14.705 -5.502  1.00 26.03 ? 115 THR A C   1 
ATOM   406  O O   . THR A 1 53  ? 11.403  -13.809 -5.726  1.00 24.59 ? 115 THR A O   1 
ATOM   407  C CB  . THR A 1 53  ? 13.605  -14.010 -3.554  1.00 24.07 ? 115 THR A CB  1 
ATOM   408  O OG1 . THR A 1 53  ? 14.881  -13.491 -3.159  1.00 30.42 ? 115 THR A OG1 1 
ATOM   409  C CG2 . THR A 1 53  ? 13.266  -15.228 -2.705  1.00 23.05 ? 115 THR A CG2 1 
ATOM   410  N N   . ASN A 1 54  ? 11.932  -15.995 -5.645  1.00 25.95 ? 116 ASN A N   1 
ATOM   411  C CA  . ASN A 1 54  ? 10.570  -16.454 -5.871  1.00 24.09 ? 116 ASN A CA  1 
ATOM   412  C C   . ASN A 1 54  ? 9.881   -16.708 -4.538  1.00 25.24 ? 116 ASN A C   1 
ATOM   413  O O   . ASN A 1 54  ? 10.297  -17.580 -3.774  1.00 29.19 ? 116 ASN A O   1 
ATOM   414  C CB  . ASN A 1 54  ? 10.557  -17.721 -6.728  1.00 27.83 ? 116 ASN A CB  1 
ATOM   415  C CG  . ASN A 1 54  ? 10.902  -17.448 -8.177  1.00 36.93 ? 116 ASN A CG  1 
ATOM   416  O OD1 . ASN A 1 54  ? 10.076  -16.949 -8.940  1.00 38.53 ? 116 ASN A OD1 1 
ATOM   417  N ND2 . ASN A 1 54  ? 12.130  -17.777 -8.566  1.00 32.98 ? 116 ASN A ND2 1 
ATOM   418  N N   . VAL A 1 55  ? 8.838   -15.940 -4.248  1.00 21.00 ? 117 VAL A N   1 
ATOM   419  C CA  . VAL A 1 55  ? 8.151   -16.079 -2.973  1.00 26.26 ? 117 VAL A CA  1 
ATOM   420  C C   . VAL A 1 55  ? 6.678   -16.422 -3.159  1.00 25.94 ? 117 VAL A C   1 
ATOM   421  O O   . VAL A 1 55  ? 6.086   -16.147 -4.203  1.00 26.62 ? 117 VAL A O   1 
ATOM   422  C CB  . VAL A 1 55  ? 8.273   -14.798 -2.119  1.00 25.48 ? 117 VAL A CB  1 
ATOM   423  C CG1 . VAL A 1 55  ? 9.733   -14.428 -1.923  1.00 25.20 ? 117 VAL A CG1 1 
ATOM   424  C CG2 . VAL A 1 55  ? 7.524   -13.656 -2.765  1.00 22.36 ? 117 VAL A CG2 1 
ATOM   425  N N   . THR A 1 56  ? 6.099   -17.036 -2.134  1.00 26.81 ? 118 THR A N   1 
ATOM   426  C CA  . THR A 1 56  ? 4.702   -17.442 -2.158  1.00 24.76 ? 118 THR A CA  1 
ATOM   427  C C   . THR A 1 56  ? 3.895   -16.573 -1.201  1.00 29.87 ? 118 THR A C   1 
ATOM   428  O O   . THR A 1 56  ? 4.208   -16.493 -0.015  1.00 29.87 ? 118 THR A O   1 
ATOM   429  C CB  . THR A 1 56  ? 4.546   -18.926 -1.777  1.00 21.85 ? 118 THR A CB  1 
ATOM   430  O OG1 . THR A 1 56  ? 5.209   -19.743 -2.748  1.00 21.90 ? 118 THR A OG1 1 
ATOM   431  C CG2 . THR A 1 56  ? 3.085   -19.313 -1.720  1.00 26.38 ? 118 THR A CG2 1 
ATOM   432  N N   . VAL A 1 57  ? 2.860   -15.919 -1.718  1.00 26.78 ? 119 VAL A N   1 
ATOM   433  C CA  . VAL A 1 57  ? 2.062   -15.009 -0.904  1.00 24.25 ? 119 VAL A CA  1 
ATOM   434  C C   . VAL A 1 57  ? 0.633   -15.505 -0.705  1.00 24.88 ? 119 VAL A C   1 
ATOM   435  O O   . VAL A 1 57  ? -0.115  -15.682 -1.667  1.00 28.90 ? 119 VAL A O   1 
ATOM   436  C CB  . VAL A 1 57  ? 2.012   -13.599 -1.521  1.00 28.59 ? 119 VAL A CB  1 
ATOM   437  C CG1 . VAL A 1 57  ? 1.128   -12.685 -0.683  1.00 23.61 ? 119 VAL A CG1 1 
ATOM   438  C CG2 . VAL A 1 57  ? 3.413   -13.021 -1.644  1.00 26.47 ? 119 VAL A CG2 1 
ATOM   439  N N   . ASN A 1 58  ? 0.265   -15.730 0.552   1.00 26.35 ? 120 ASN A N   1 
ATOM   440  C CA  . ASN A 1 58  ? -1.117  -16.015 0.909   1.00 27.73 ? 120 ASN A CA  1 
ATOM   441  C C   . ASN A 1 58  ? -1.794  -14.730 1.370   1.00 25.90 ? 120 ASN A C   1 
ATOM   442  O O   . ASN A 1 58  ? -1.456  -14.183 2.421   1.00 25.38 ? 120 ASN A O   1 
ATOM   443  C CB  . ASN A 1 58  ? -1.193  -17.085 2.000   1.00 26.19 ? 120 ASN A CB  1 
ATOM   444  C CG  . ASN A 1 58  ? -2.620  -17.497 2.316   1.00 29.15 ? 120 ASN A CG  1 
ATOM   445  O OD1 . ASN A 1 58  ? -3.310  -16.842 3.096   1.00 36.43 ? 120 ASN A OD1 1 
ATOM   446  N ND2 . ASN A 1 58  ? -3.067  -18.590 1.710   1.00 25.32 ? 120 ASN A ND2 1 
ATOM   447  N N   . VAL A 1 59  ? -2.739  -14.243 0.575   1.00 32.03 ? 121 VAL A N   1 
ATOM   448  C CA  . VAL A 1 59  ? -3.388  -12.971 0.855   1.00 25.99 ? 121 VAL A CA  1 
ATOM   449  C C   . VAL A 1 59  ? -4.813  -12.961 0.305   1.00 21.20 ? 121 VAL A C   1 
ATOM   450  O O   . VAL A 1 59  ? -5.071  -13.502 -0.771  1.00 24.23 ? 121 VAL A O   1 
ATOM   451  C CB  . VAL A 1 59  ? -2.574  -11.790 0.268   1.00 24.54 ? 121 VAL A CB  1 
ATOM   452  C CG1 . VAL A 1 59  ? -2.447  -11.918 -1.245  1.00 28.26 ? 121 VAL A CG1 1 
ATOM   453  C CG2 . VAL A 1 59  ? -3.196  -10.455 0.652   1.00 30.04 ? 121 VAL A CG2 1 
ATOM   454  N N   . MET A 1 60  ? -5.730  -12.363 1.065   1.00 28.38 ? 122 MET A N   1 
ATOM   455  C CA  . MET A 1 60  ? -7.145  -12.293 0.700   1.00 24.66 ? 122 MET A CA  1 
ATOM   456  C C   . MET A 1 60  ? -7.701  -13.681 0.395   1.00 28.98 ? 122 MET A C   1 
ATOM   457  O O   . MET A 1 60  ? -8.459  -13.868 -0.559  1.00 27.59 ? 122 MET A O   1 
ATOM   458  C CB  . MET A 1 60  ? -7.344  -11.349 -0.489  1.00 23.34 ? 122 MET A CB  1 
ATOM   459  C CG  . MET A 1 60  ? -7.117  -9.882  -0.139  1.00 22.18 ? 122 MET A CG  1 
ATOM   460  S SD  . MET A 1 60  ? -7.155  -8.771  -1.559  1.00 23.83 ? 122 MET A SD  1 
ATOM   461  C CE  . MET A 1 60  ? -5.580  -9.139  -2.326  1.00 20.90 ? 122 MET A CE  1 
ATOM   462  N N   . ASN A 1 61  ? -7.300  -14.645 1.220   1.00 30.96 ? 123 ASN A N   1 
ATOM   463  C CA  . ASN A 1 61  ? -7.693  -16.047 1.090   1.00 28.65 ? 123 ASN A CA  1 
ATOM   464  C C   . ASN A 1 61  ? -7.323  -16.652 -0.263  1.00 31.21 ? 123 ASN A C   1 
ATOM   465  O O   . ASN A 1 61  ? -7.902  -17.652 -0.685  1.00 26.24 ? 123 ASN A O   1 
ATOM   466  C CB  . ASN A 1 61  ? -9.193  -16.208 1.345   1.00 38.52 ? 123 ASN A CB  1 
ATOM   467  C CG  . ASN A 1 61  ? -9.521  -17.496 2.074   1.00 44.01 ? 123 ASN A CG  1 
ATOM   468  O OD1 . ASN A 1 61  ? -8.685  -18.045 2.794   1.00 31.07 ? 123 ASN A OD1 1 
ATOM   469  N ND2 . ASN A 1 61  ? -10.743 -17.984 1.896   1.00 41.73 ? 123 ASN A ND2 1 
ATOM   470  N N   . GLU A 1 62  ? -6.356  -16.034 -0.933  1.00 35.07 ? 124 GLU A N   1 
ATOM   471  C CA  . GLU A 1 62  ? -5.765  -16.596 -2.141  1.00 34.25 ? 124 GLU A CA  1 
ATOM   472  C C   . GLU A 1 62  ? -4.271  -16.780 -1.928  1.00 29.31 ? 124 GLU A C   1 
ATOM   473  O O   . GLU A 1 62  ? -3.644  -16.009 -1.202  1.00 27.38 ? 124 GLU A O   1 
ATOM   474  C CB  . GLU A 1 62  ? -6.013  -15.697 -3.356  1.00 30.15 ? 124 GLU A CB  1 
ATOM   475  C CG  . GLU A 1 62  ? -7.416  -15.772 -3.932  1.00 35.06 ? 124 GLU A CG  1 
ATOM   476  C CD  . GLU A 1 62  ? -7.607  -14.830 -5.108  1.00 35.05 ? 124 GLU A CD  1 
ATOM   477  O OE1 . GLU A 1 62  ? -6.860  -13.834 -5.203  1.00 29.55 ? 124 GLU A OE1 1 
ATOM   478  O OE2 . GLU A 1 62  ? -8.501  -15.091 -5.942  1.00 32.53 ? 124 GLU A OE2 1 
ATOM   479  N N   . THR A 1 63  ? -3.701  -17.802 -2.555  1.00 24.55 ? 125 THR A N   1 
ATOM   480  C CA  . THR A 1 63  ? -2.265  -18.018 -2.468  1.00 26.25 ? 125 THR A CA  1 
ATOM   481  C C   . THR A 1 63  ? -1.629  -17.918 -3.850  1.00 27.70 ? 125 THR A C   1 
ATOM   482  O O   . THR A 1 63  ? -1.888  -18.747 -4.723  1.00 24.40 ? 125 THR A O   1 
ATOM   483  C CB  . THR A 1 63  ? -1.927  -19.380 -1.848  1.00 28.24 ? 125 THR A CB  1 
ATOM   484  O OG1 . THR A 1 63  ? -2.533  -19.482 -0.554  1.00 27.46 ? 125 THR A OG1 1 
ATOM   485  C CG2 . THR A 1 63  ? -0.429  -19.521 -1.700  1.00 27.79 ? 125 THR A CG2 1 
ATOM   486  N N   . VAL A 1 64  ? -0.799  -16.898 -4.043  1.00 20.10 ? 126 VAL A N   1 
ATOM   487  C CA  . VAL A 1 64  ? -0.182  -16.652 -5.340  1.00 23.38 ? 126 VAL A CA  1 
ATOM   488  C C   . VAL A 1 64  ? 1.334   -16.541 -5.240  1.00 22.22 ? 126 VAL A C   1 
ATOM   489  O O   . VAL A 1 64  ? 1.913   -16.699 -4.164  1.00 23.40 ? 126 VAL A O   1 
ATOM   490  C CB  . VAL A 1 64  ? -0.734  -15.367 -5.988  1.00 20.59 ? 126 VAL A CB  1 
ATOM   491  C CG1 . VAL A 1 64  ? -2.113  -15.617 -6.581  1.00 28.81 ? 126 VAL A CG1 1 
ATOM   492  C CG2 . VAL A 1 64  ? -0.766  -14.229 -4.976  1.00 14.78 ? 126 VAL A CG2 1 
ATOM   493  N N   . ASN A 1 65  ? 1.971   -16.269 -6.372  1.00 19.43 ? 127 ASN A N   1 
ATOM   494  C CA  . ASN A 1 65  ? 3.419   -16.123 -6.428  1.00 24.15 ? 127 ASN A CA  1 
ATOM   495  C C   . ASN A 1 65  ? 3.833   -14.806 -7.064  1.00 21.28 ? 127 ASN A C   1 
ATOM   496  O O   . ASN A 1 65  ? 3.187   -14.327 -7.995  1.00 23.93 ? 127 ASN A O   1 
ATOM   497  C CB  . ASN A 1 65  ? 4.043   -17.283 -7.205  1.00 27.47 ? 127 ASN A CB  1 
ATOM   498  C CG  . ASN A 1 65  ? 4.046   -18.575 -6.420  1.00 25.59 ? 127 ASN A CG  1 
ATOM   499  O OD1 . ASN A 1 65  ? 5.015   -18.896 -5.732  1.00 27.78 ? 127 ASN A OD1 1 
ATOM   500  N ND2 . ASN A 1 65  ? 2.956   -19.323 -6.512  1.00 22.61 ? 127 ASN A ND2 1 
ATOM   501  N N   . ILE A 1 66  ? 4.911   -14.224 -6.553  1.00 19.73 ? 128 ILE A N   1 
ATOM   502  C CA  . ILE A 1 66  ? 5.496   -13.035 -7.154  1.00 23.56 ? 128 ILE A CA  1 
ATOM   503  C C   . ILE A 1 66  ? 7.012   -13.153 -7.156  1.00 22.03 ? 128 ILE A C   1 
ATOM   504  O O   . ILE A 1 66  ? 7.589   -13.922 -6.387  1.00 20.53 ? 128 ILE A O   1 
ATOM   505  C CB  . ILE A 1 66  ? 5.092   -11.744 -6.413  1.00 22.32 ? 128 ILE A CB  1 
ATOM   506  C CG1 . ILE A 1 66  ? 5.438   -11.852 -4.929  1.00 19.65 ? 128 ILE A CG1 1 
ATOM   507  C CG2 . ILE A 1 66  ? 3.607   -11.461 -6.592  1.00 21.54 ? 128 ILE A CG2 1 
ATOM   508  C CD1 . ILE A 1 66  ? 5.403   -10.533 -4.196  1.00 18.65 ? 128 ILE A CD1 1 
ATOM   509  N N   . SER A 1 67  ? 7.650   -12.391 -8.035  1.00 23.27 ? 129 SER A N   1 
ATOM   510  C CA  . SER A 1 67  ? 9.101   -12.309 -8.057  1.00 22.00 ? 129 SER A CA  1 
ATOM   511  C C   . SER A 1 67  ? 9.538   -10.957 -7.526  1.00 20.72 ? 129 SER A C   1 
ATOM   512  O O   . SER A 1 67  ? 9.148   -9.920  -8.061  1.00 19.63 ? 129 SER A O   1 
ATOM   513  C CB  . SER A 1 67  ? 9.638   -12.528 -9.472  1.00 26.43 ? 129 SER A CB  1 
ATOM   514  O OG  . SER A 1 67  ? 11.045  -12.356 -9.517  1.00 27.65 ? 129 SER A OG  1 
ATOM   515  N N   . ILE A 1 68  ? 10.338  -10.973 -6.464  1.00 20.66 ? 130 ILE A N   1 
ATOM   516  C CA  . ILE A 1 68  ? 10.854  -9.739  -5.889  1.00 20.86 ? 130 ILE A CA  1 
ATOM   517  C C   . ILE A 1 68  ? 12.334  -9.581  -6.228  1.00 26.23 ? 130 ILE A C   1 
ATOM   518  O O   . ILE A 1 68  ? 13.096  -10.550 -6.225  1.00 24.10 ? 130 ILE A O   1 
ATOM   519  C CB  . ILE A 1 68  ? 10.640  -9.689  -4.358  1.00 18.19 ? 130 ILE A CB  1 
ATOM   520  C CG1 . ILE A 1 68  ? 11.383  -10.828 -3.655  1.00 22.22 ? 130 ILE A CG1 1 
ATOM   521  C CG2 . ILE A 1 68  ? 9.154   -9.752  -4.030  1.00 18.57 ? 130 ILE A CG2 1 
ATOM   522  C CD1 . ILE A 1 68  ? 11.120  -10.901 -2.159  1.00 22.83 ? 130 ILE A CD1 1 
ATOM   523  N N   . ASP A 1 69  ? 12.728  -8.351  -6.539  1.00 24.01 ? 131 ASP A N   1 
ATOM   524  C CA  . ASP A 1 69  ? 14.083  -8.061  -6.989  1.00 23.77 ? 131 ASP A CA  1 
ATOM   525  C C   . ASP A 1 69  ? 14.383  -6.588  -6.745  1.00 20.35 ? 131 ASP A C   1 
ATOM   526  O O   . ASP A 1 69  ? 13.861  -5.717  -7.438  1.00 28.11 ? 131 ASP A O   1 
ATOM   527  C CB  . ASP A 1 69  ? 14.242  -8.413  -8.471  1.00 27.04 ? 131 ASP A CB  1 
ATOM   528  C CG  . ASP A 1 69  ? 15.695  -8.568  -8.892  1.00 31.35 ? 131 ASP A CG  1 
ATOM   529  O OD1 . ASP A 1 69  ? 16.586  -8.036  -8.199  1.00 32.28 ? 131 ASP A OD1 1 
ATOM   530  O OD2 . ASP A 1 69  ? 15.944  -9.223  -9.927  1.00 32.50 ? 131 ASP A OD2 1 
ATOM   531  N N   . ASN A 1 70  ? 15.221  -6.313  -5.750  1.00 20.52 ? 132 ASN A N   1 
ATOM   532  C CA  . ASN A 1 70  ? 15.504  -4.941  -5.349  1.00 22.30 ? 132 ASN A CA  1 
ATOM   533  C C   . ASN A 1 70  ? 16.992  -4.724  -5.107  1.00 19.83 ? 132 ASN A C   1 
ATOM   534  O O   . ASN A 1 70  ? 17.522  -5.098  -4.063  1.00 21.96 ? 132 ASN A O   1 
ATOM   535  C CB  . ASN A 1 70  ? 14.703  -4.587  -4.092  1.00 23.47 ? 132 ASN A CB  1 
ATOM   536  C CG  . ASN A 1 70  ? 14.869  -3.137  -3.677  1.00 22.62 ? 132 ASN A CG  1 
ATOM   537  O OD1 . ASN A 1 70  ? 15.396  -2.318  -4.429  1.00 26.22 ? 132 ASN A OD1 1 
ATOM   538  N ND2 . ASN A 1 70  ? 14.412  -2.813  -2.473  1.00 17.14 ? 132 ASN A ND2 1 
ATOM   539  N N   . SER A 1 71  ? 17.659  -4.109  -6.078  1.00 20.27 ? 133 SER A N   1 
ATOM   540  C CA  . SER A 1 71  ? 19.100  -3.892  -6.014  1.00 20.15 ? 133 SER A CA  1 
ATOM   541  C C   . SER A 1 71  ? 19.466  -2.590  -5.307  1.00 22.93 ? 133 SER A C   1 
ATOM   542  O O   . SER A 1 71  ? 20.643  -2.253  -5.182  1.00 24.85 ? 133 SER A O   1 
ATOM   543  C CB  . SER A 1 71  ? 19.695  -3.894  -7.424  1.00 18.94 ? 133 SER A CB  1 
ATOM   544  O OG  . SER A 1 71  ? 19.129  -2.860  -8.210  1.00 24.79 ? 133 SER A OG  1 
ATOM   545  N N   . GLY A 1 72  ? 18.456  -1.861  -4.846  1.00 20.14 ? 134 GLY A N   1 
ATOM   546  C CA  . GLY A 1 72  ? 18.684  -0.585  -4.197  1.00 19.95 ? 134 GLY A CA  1 
ATOM   547  C C   . GLY A 1 72  ? 18.872  -0.697  -2.698  1.00 20.97 ? 134 GLY A C   1 
ATOM   548  O O   . GLY A 1 72  ? 18.680  -1.765  -2.116  1.00 20.99 ? 134 GLY A O   1 
ATOM   549  N N   . SER A 1 73  ? 19.259  0.410   -2.070  1.00 18.36 ? 135 SER A N   1 
ATOM   550  C CA  . SER A 1 73  ? 19.377  0.463   -0.618  1.00 19.85 ? 135 SER A CA  1 
ATOM   551  C C   . SER A 1 73  ? 18.089  1.007   -0.015  1.00 18.21 ? 135 SER A C   1 
ATOM   552  O O   . SER A 1 73  ? 17.976  1.169   1.199   1.00 24.30 ? 135 SER A O   1 
ATOM   553  C CB  . SER A 1 73  ? 20.571  1.322   -0.195  1.00 22.45 ? 135 SER A CB  1 
ATOM   554  O OG  . SER A 1 73  ? 20.454  2.647   -0.679  1.00 20.35 ? 135 SER A OG  1 
ATOM   555  N N   . THR A 1 74  ? 17.118  1.280   -0.881  1.00 17.83 ? 136 THR A N   1 
ATOM   556  C CA  . THR A 1 74  ? 15.808  1.754   -0.453  1.00 21.45 ? 136 THR A CA  1 
ATOM   557  C C   . THR A 1 74  ? 14.825  0.595   -0.330  1.00 23.66 ? 136 THR A C   1 
ATOM   558  O O   . THR A 1 74  ? 14.980  -0.433  -0.991  1.00 21.69 ? 136 THR A O   1 
ATOM   559  C CB  . THR A 1 74  ? 15.229  2.786   -1.439  1.00 24.47 ? 136 THR A CB  1 
ATOM   560  O OG1 . THR A 1 74  ? 15.525  2.383   -2.782  1.00 27.02 ? 136 THR A OG1 1 
ATOM   561  C CG2 . THR A 1 74  ? 15.834  4.159   -1.195  1.00 20.73 ? 136 THR A CG2 1 
ATOM   562  N N   . TYR A 1 75  ? 13.815  0.763   0.519   1.00 23.28 ? 137 TYR A N   1 
ATOM   563  C CA  . TYR A 1 75  ? 12.711  -0.187  0.579   1.00 18.80 ? 137 TYR A CA  1 
ATOM   564  C C   . TYR A 1 75  ? 11.840  -0.017  -0.660  1.00 25.13 ? 137 TYR A C   1 
ATOM   565  O O   . TYR A 1 75  ? 11.860  1.036   -1.295  1.00 21.76 ? 137 TYR A O   1 
ATOM   566  C CB  . TYR A 1 75  ? 11.878  0.013   1.846   1.00 24.09 ? 137 TYR A CB  1 
ATOM   567  C CG  . TYR A 1 75  ? 12.616  -0.287  3.133   1.00 27.99 ? 137 TYR A CG  1 
ATOM   568  C CD1 . TYR A 1 75  ? 12.584  -1.557  3.693   1.00 23.48 ? 137 TYR A CD1 1 
ATOM   569  C CD2 . TYR A 1 75  ? 13.339  0.701   3.790   1.00 22.08 ? 137 TYR A CD2 1 
ATOM   570  C CE1 . TYR A 1 75  ? 13.255  -1.836  4.869   1.00 23.32 ? 137 TYR A CE1 1 
ATOM   571  C CE2 . TYR A 1 75  ? 14.011  0.431   4.968   1.00 19.56 ? 137 TYR A CE2 1 
ATOM   572  C CZ  . TYR A 1 75  ? 13.967  -0.840  5.501   1.00 17.75 ? 137 TYR A CZ  1 
ATOM   573  O OH  . TYR A 1 75  ? 14.634  -1.114  6.672   1.00 26.89 ? 137 TYR A OH  1 
ATOM   574  N N   . ARG A 1 76  ? 11.076  -1.047  -1.004  1.00 19.16 ? 138 ARG A N   1 
ATOM   575  C CA  . ARG A 1 76  ? 10.215  -0.978  -2.178  1.00 18.40 ? 138 ARG A CA  1 
ATOM   576  C C   . ARG A 1 76  ? 8.854   -1.621  -1.932  1.00 21.64 ? 138 ARG A C   1 
ATOM   577  O O   . ARG A 1 76  ? 8.753   -2.831  -1.729  1.00 21.96 ? 138 ARG A O   1 
ATOM   578  C CB  . ARG A 1 76  ? 10.899  -1.639  -3.379  1.00 20.78 ? 138 ARG A CB  1 
ATOM   579  C CG  . ARG A 1 76  ? 10.087  -1.566  -4.665  1.00 24.17 ? 138 ARG A CG  1 
ATOM   580  C CD  . ARG A 1 76  ? 10.825  -2.196  -5.836  1.00 24.33 ? 138 ARG A CD  1 
ATOM   581  N NE  . ARG A 1 76  ? 11.952  -1.383  -6.282  1.00 28.02 ? 138 ARG A NE  1 
ATOM   582  C CZ  . ARG A 1 76  ? 12.869  -1.788  -7.154  1.00 23.90 ? 138 ARG A CZ  1 
ATOM   583  N NH1 . ARG A 1 76  ? 12.795  -3.003  -7.677  1.00 21.92 ? 138 ARG A NH1 1 
ATOM   584  N NH2 . ARG A 1 76  ? 13.861  -0.981  -7.503  1.00 30.44 ? 138 ARG A NH2 1 
ATOM   585  N N   . PHE A 1 77  ? 7.812   -0.795  -1.949  1.00 19.26 ? 139 PHE A N   1 
ATOM   586  C CA  . PHE A 1 77  ? 6.437   -1.266  -1.832  1.00 17.80 ? 139 PHE A CA  1 
ATOM   587  C C   . PHE A 1 77  ? 5.870   -1.567  -3.215  1.00 23.58 ? 139 PHE A C   1 
ATOM   588  O O   . PHE A 1 77  ? 5.725   -0.662  -4.030  1.00 25.17 ? 139 PHE A O   1 
ATOM   589  C CB  . PHE A 1 77  ? 5.563   -0.223  -1.132  1.00 20.46 ? 139 PHE A CB  1 
ATOM   590  C CG  . PHE A 1 77  ? 5.908   -0.001  0.312   1.00 17.70 ? 139 PHE A CG  1 
ATOM   591  C CD1 . PHE A 1 77  ? 6.963   0.822   0.671   1.00 18.65 ? 139 PHE A CD1 1 
ATOM   592  C CD2 . PHE A 1 77  ? 5.162   -0.601  1.314   1.00 15.39 ? 139 PHE A CD2 1 
ATOM   593  C CE1 . PHE A 1 77  ? 7.277   1.032   2.001   1.00 22.18 ? 139 PHE A CE1 1 
ATOM   594  C CE2 . PHE A 1 77  ? 5.469   -0.394  2.645   1.00 18.78 ? 139 PHE A CE2 1 
ATOM   595  C CZ  . PHE A 1 77  ? 6.527   0.424   2.990   1.00 16.66 ? 139 PHE A CZ  1 
ATOM   596  N N   . VAL A 1 78  ? 5.540   -2.827  -3.478  1.00 17.81 ? 140 VAL A N   1 
ATOM   597  C CA  . VAL A 1 78  ? 5.052   -3.218  -4.799  1.00 16.46 ? 140 VAL A CA  1 
ATOM   598  C C   . VAL A 1 78  ? 3.554   -3.507  -4.798  1.00 18.68 ? 140 VAL A C   1 
ATOM   599  O O   . VAL A 1 78  ? 3.069   -4.307  -3.998  1.00 15.88 ? 140 VAL A O   1 
ATOM   600  C CB  . VAL A 1 78  ? 5.795   -4.460  -5.329  1.00 22.65 ? 140 VAL A CB  1 
ATOM   601  C CG1 . VAL A 1 78  ? 5.424   -4.716  -6.780  1.00 24.10 ? 140 VAL A CG1 1 
ATOM   602  C CG2 . VAL A 1 78  ? 7.299   -4.282  -5.184  1.00 20.19 ? 140 VAL A CG2 1 
ATOM   603  N N   . ASP A 1 79  ? 2.827   -2.858  -5.704  1.00 18.45 ? 141 ASP A N   1 
ATOM   604  C CA  . ASP A 1 79  ? 1.385   -3.051  -5.821  1.00 20.01 ? 141 ASP A CA  1 
ATOM   605  C C   . ASP A 1 79  ? 1.035   -4.120  -6.855  1.00 21.05 ? 141 ASP A C   1 
ATOM   606  O O   . ASP A 1 79  ? 1.480   -4.052  -7.999  1.00 21.81 ? 141 ASP A O   1 
ATOM   607  C CB  . ASP A 1 79  ? 0.696   -1.737  -6.197  1.00 17.05 ? 141 ASP A CB  1 
ATOM   608  C CG  . ASP A 1 79  ? 0.788   -0.692  -5.105  1.00 22.40 ? 141 ASP A CG  1 
ATOM   609  O OD1 . ASP A 1 79  ? 1.168   -1.041  -3.967  1.00 21.07 ? 141 ASP A OD1 1 
ATOM   610  O OD2 . ASP A 1 79  ? 0.474   0.485   -5.386  1.00 20.54 ? 141 ASP A OD2 1 
ATOM   611  N N   . TYR A 1 80  ? 0.234   -5.100  -6.447  1.00 18.82 ? 142 TYR A N   1 
ATOM   612  C CA  . TYR A 1 80  ? -0.268  -6.122  -7.364  1.00 21.90 ? 142 TYR A CA  1 
ATOM   613  C C   . TYR A 1 80  ? -1.787  -6.060  -7.444  1.00 21.50 ? 142 TYR A C   1 
ATOM   614  O O   . TYR A 1 80  ? -2.454  -5.826  -6.437  1.00 22.07 ? 142 TYR A O   1 
ATOM   615  C CB  . TYR A 1 80  ? 0.186   -7.513  -6.932  1.00 19.00 ? 142 TYR A CB  1 
ATOM   616  C CG  . TYR A 1 80  ? 1.626   -7.809  -7.271  1.00 23.74 ? 142 TYR A CG  1 
ATOM   617  C CD1 . TYR A 1 80  ? 2.635   -7.625  -6.334  1.00 22.64 ? 142 TYR A CD1 1 
ATOM   618  C CD2 . TYR A 1 80  ? 1.979   -8.265  -8.534  1.00 23.19 ? 142 TYR A CD2 1 
ATOM   619  C CE1 . TYR A 1 80  ? 3.956   -7.893  -6.646  1.00 24.56 ? 142 TYR A CE1 1 
ATOM   620  C CE2 . TYR A 1 80  ? 3.293   -8.537  -8.854  1.00 24.52 ? 142 TYR A CE2 1 
ATOM   621  C CZ  . TYR A 1 80  ? 4.278   -8.348  -7.908  1.00 22.02 ? 142 TYR A CZ  1 
ATOM   622  O OH  . TYR A 1 80  ? 5.588   -8.618  -8.230  1.00 28.32 ? 142 TYR A OH  1 
ATOM   623  N N   . ILE A 1 81  ? -2.332  -6.282  -8.636  1.00 18.89 ? 143 ILE A N   1 
ATOM   624  C CA  . ILE A 1 81  ? -3.739  -5.987  -8.885  1.00 22.61 ? 143 ILE A CA  1 
ATOM   625  C C   . ILE A 1 81  ? -4.385  -6.839  -9.978  1.00 22.81 ? 143 ILE A C   1 
ATOM   626  O O   . ILE A 1 81  ? -3.758  -7.156  -10.989 1.00 25.70 ? 143 ILE A O   1 
ATOM   627  C CB  . ILE A 1 81  ? -3.896  -4.489  -9.232  1.00 20.51 ? 143 ILE A CB  1 
ATOM   628  C CG1 . ILE A 1 81  ? -4.183  -3.702  -7.960  1.00 25.51 ? 143 ILE A CG1 1 
ATOM   629  C CG2 . ILE A 1 81  ? -4.995  -4.249  -10.264 1.00 25.48 ? 143 ILE A CG2 1 
ATOM   630  C CD1 . ILE A 1 81  ? -4.052  -2.241  -8.126  1.00 25.36 ? 143 ILE A CD1 1 
ATOM   631  N N   . LYS A 1 82  ? -5.642  -7.219  -9.747  1.00 19.83 ? 144 LYS A N   1 
ATOM   632  C CA  . LYS A 1 82  ? -6.452  -7.894  -10.755 1.00 21.39 ? 144 LYS A CA  1 
ATOM   633  C C   . LYS A 1 82  ? -7.927  -7.524  -10.585 1.00 23.69 ? 144 LYS A C   1 
ATOM   634  O O   . LYS A 1 82  ? -8.337  -7.053  -9.523  1.00 14.91 ? 144 LYS A O   1 
ATOM   635  C CB  . LYS A 1 82  ? -6.266  -9.410  -10.670 1.00 18.35 ? 144 LYS A CB  1 
ATOM   636  C CG  . LYS A 1 82  ? -6.728  -10.020 -9.361  1.00 18.71 ? 144 LYS A CG  1 
ATOM   637  C CD  . LYS A 1 82  ? -6.405  -11.502 -9.308  1.00 18.88 ? 144 LYS A CD  1 
ATOM   638  C CE  . LYS A 1 82  ? -6.984  -12.157 -8.066  1.00 21.86 ? 144 LYS A CE  1 
ATOM   639  N NZ  . LYS A 1 82  ? -6.697  -13.619 -8.037  1.00 23.00 ? 144 LYS A NZ  1 
ATOM   640  N N   . THR A 1 83  ? -8.720  -7.736  -11.632 1.00 21.75 ? 145 THR A N   1 
ATOM   641  C CA  . THR A 1 83  ? -10.133 -7.367  -11.601 1.00 21.05 ? 145 THR A CA  1 
ATOM   642  C C   . THR A 1 83  ? -11.060 -8.580  -11.678 1.00 22.44 ? 145 THR A C   1 
ATOM   643  O O   . THR A 1 83  ? -12.274 -8.433  -11.817 1.00 24.60 ? 145 THR A O   1 
ATOM   644  C CB  . THR A 1 83  ? -10.482 -6.394  -12.742 1.00 19.17 ? 145 THR A CB  1 
ATOM   645  O OG1 . THR A 1 83  ? -9.947  -6.885  -13.976 1.00 22.91 ? 145 THR A OG1 1 
ATOM   646  C CG2 . THR A 1 83  ? -9.901  -5.016  -12.461 1.00 18.81 ? 145 THR A CG2 1 
ATOM   647  N N   . SER A 1 84  ? -10.480 -9.773  -11.589 1.00 20.06 ? 146 SER A N   1 
ATOM   648  C CA  . SER A 1 84  ? -11.257 -11.003 -11.456 1.00 22.81 ? 146 SER A CA  1 
ATOM   649  C C   . SER A 1 84  ? -10.410 -12.065 -10.761 1.00 24.40 ? 146 SER A C   1 
ATOM   650  O O   . SER A 1 84  ? -9.185  -12.046 -10.860 1.00 28.02 ? 146 SER A O   1 
ATOM   651  C CB  . SER A 1 84  ? -11.751 -11.500 -12.816 1.00 26.96 ? 146 SER A CB  1 
ATOM   652  O OG  . SER A 1 84  ? -10.760 -12.257 -13.483 1.00 27.38 ? 146 SER A OG  1 
ATOM   653  N N   . SER A 1 85  ? -11.064 -12.984 -10.057 1.00 22.87 ? 147 SER A N   1 
ATOM   654  C CA  . SER A 1 85  ? -10.362 -13.971 -9.239  1.00 25.75 ? 147 SER A CA  1 
ATOM   655  C C   . SER A 1 85  ? -9.515  -14.941 -10.060 1.00 25.25 ? 147 SER A C   1 
ATOM   656  O O   . SER A 1 85  ? -8.457  -15.382 -9.611  1.00 27.33 ? 147 SER A O   1 
ATOM   657  C CB  . SER A 1 85  ? -11.361 -14.758 -8.387  1.00 24.73 ? 147 SER A CB  1 
ATOM   658  O OG  . SER A 1 85  ? -12.237 -15.517 -9.199  1.00 29.74 ? 147 SER A OG  1 
ATOM   659  N N   . THR A 1 86  ? -9.983  -15.277 -11.258 1.00 22.94 ? 148 THR A N   1 
ATOM   660  C CA  . THR A 1 86  ? -9.268  -16.217 -12.117 1.00 25.54 ? 148 THR A CA  1 
ATOM   661  C C   . THR A 1 86  ? -8.166  -15.519 -12.909 1.00 27.62 ? 148 THR A C   1 
ATOM   662  O O   . THR A 1 86  ? -7.333  -16.171 -13.540 1.00 25.21 ? 148 THR A O   1 
ATOM   663  C CB  . THR A 1 86  ? -10.220 -16.932 -13.094 1.00 33.32 ? 148 THR A CB  1 
ATOM   664  O OG1 . THR A 1 86  ? -11.099 -15.974 -13.695 1.00 35.61 ? 148 THR A OG1 1 
ATOM   665  C CG2 . THR A 1 86  ? -11.050 -17.974 -12.360 1.00 28.74 ? 148 THR A CG2 1 
ATOM   666  N N   . GLN A 1 87  ? -8.168  -14.191 -12.872 1.00 24.68 ? 149 GLN A N   1 
ATOM   667  C CA  . GLN A 1 87  ? -7.145  -13.399 -13.544 1.00 22.80 ? 149 GLN A CA  1 
ATOM   668  C C   . GLN A 1 87  ? -5.838  -13.443 -12.754 1.00 27.24 ? 149 GLN A C   1 
ATOM   669  O O   . GLN A 1 87  ? -5.843  -13.664 -11.544 1.00 22.99 ? 149 GLN A O   1 
ATOM   670  C CB  . GLN A 1 87  ? -7.621  -11.952 -13.719 1.00 26.47 ? 149 GLN A CB  1 
ATOM   671  C CG  . GLN A 1 87  ? -6.660  -11.040 -14.466 1.00 24.37 ? 149 GLN A CG  1 
ATOM   672  C CD  . GLN A 1 87  ? -7.168  -9.614  -14.567 1.00 36.74 ? 149 GLN A CD  1 
ATOM   673  O OE1 . GLN A 1 87  ? -8.026  -9.191  -13.790 1.00 27.00 ? 149 GLN A OE1 1 
ATOM   674  N NE2 . GLN A 1 87  ? -6.641  -8.865  -15.527 1.00 39.40 ? 149 GLN A NE2 1 
ATOM   675  N N   . ALA A 1 88  ? -4.719  -13.249 -13.444 1.00 19.53 ? 150 ALA A N   1 
ATOM   676  C CA  . ALA A 1 88  ? -3.423  -13.177 -12.784 1.00 24.52 ? 150 ALA A CA  1 
ATOM   677  C C   . ALA A 1 88  ? -3.121  -11.749 -12.342 1.00 23.74 ? 150 ALA A C   1 
ATOM   678  O O   . ALA A 1 88  ? -3.431  -10.793 -13.053 1.00 19.98 ? 150 ALA A O   1 
ATOM   679  C CB  . ALA A 1 88  ? -2.331  -13.689 -13.705 1.00 25.75 ? 150 ALA A CB  1 
ATOM   680  N N   . TYR A 1 89  ? -2.521  -11.610 -11.163 1.00 22.22 ? 151 TYR A N   1 
ATOM   681  C CA  . TYR A 1 89  ? -2.108  -10.304 -10.662 1.00 22.26 ? 151 TYR A CA  1 
ATOM   682  C C   . TYR A 1 89  ? -1.085  -9.657  -11.587 1.00 24.41 ? 151 TYR A C   1 
ATOM   683  O O   . TYR A 1 89  ? -0.278  -10.343 -12.214 1.00 28.16 ? 151 TYR A O   1 
ATOM   684  C CB  . TYR A 1 89  ? -1.521  -10.417 -9.252  1.00 22.28 ? 151 TYR A CB  1 
ATOM   685  C CG  . TYR A 1 89  ? -2.541  -10.556 -8.144  1.00 20.06 ? 151 TYR A CG  1 
ATOM   686  C CD1 . TYR A 1 89  ? -3.291  -9.466  -7.724  1.00 21.48 ? 151 TYR A CD1 1 
ATOM   687  C CD2 . TYR A 1 89  ? -2.736  -11.771 -7.501  1.00 23.05 ? 151 TYR A CD2 1 
ATOM   688  C CE1 . TYR A 1 89  ? -4.219  -9.586  -6.705  1.00 24.16 ? 151 TYR A CE1 1 
ATOM   689  C CE2 . TYR A 1 89  ? -3.661  -11.901 -6.481  1.00 24.26 ? 151 TYR A CE2 1 
ATOM   690  C CZ  . TYR A 1 89  ? -4.399  -10.804 -6.087  1.00 29.11 ? 151 TYR A CZ  1 
ATOM   691  O OH  . TYR A 1 89  ? -5.321  -10.928 -5.072  1.00 31.42 ? 151 TYR A OH  1 
ATOM   692  N N   . GLY A 1 90  ? -1.124  -8.332  -11.664 1.00 26.18 ? 152 GLY A N   1 
ATOM   693  C CA  . GLY A 1 90  ? -0.141  -7.578  -12.417 1.00 21.67 ? 152 GLY A CA  1 
ATOM   694  C C   . GLY A 1 90  ? 0.417   -6.451  -11.571 1.00 27.83 ? 152 GLY A C   1 
ATOM   695  O O   . GLY A 1 90  ? -0.323  -5.792  -10.840 1.00 24.35 ? 152 GLY A O   1 
ATOM   696  N N   . SER A 1 91  ? 1.725   -6.237  -11.656 1.00 26.10 ? 153 SER A N   1 
ATOM   697  C CA  . SER A 1 91  ? 2.363   -5.150  -10.924 1.00 27.57 ? 153 SER A CA  1 
ATOM   698  C C   . SER A 1 91  ? 2.237   -3.853  -11.711 1.00 33.24 ? 153 SER A C   1 
ATOM   699  O O   . SER A 1 91  ? 2.688   -3.769  -12.852 1.00 36.35 ? 153 SER A O   1 
ATOM   700  C CB  . SER A 1 91  ? 3.834   -5.464  -10.652 1.00 28.86 ? 153 SER A CB  1 
ATOM   701  O OG  . SER A 1 91  ? 4.551   -5.630  -11.863 1.00 31.48 ? 153 SER A OG  1 
ATOM   702  N N   . ARG A 1 92  ? 1.626   -2.844  -11.101 1.00 32.58 ? 154 ARG A N   1 
ATOM   703  C CA  . ARG A 1 92  ? 1.387   -1.588  -11.800 1.00 29.97 ? 154 ARG A CA  1 
ATOM   704  C C   . ARG A 1 92  ? 2.285   -0.464  -11.295 1.00 27.54 ? 154 ARG A C   1 
ATOM   705  O O   . ARG A 1 92  ? 2.914   0.241   -12.084 1.00 31.95 ? 154 ARG A O   1 
ATOM   706  C CB  . ARG A 1 92  ? -0.083  -1.179  -11.673 1.00 33.50 ? 154 ARG A CB  1 
ATOM   707  C CG  . ARG A 1 92  ? -1.084  -2.245  -12.115 1.00 28.82 ? 154 ARG A CG  1 
ATOM   708  C CD  . ARG A 1 92  ? -0.886  -2.695  -13.562 1.00 36.76 ? 154 ARG A CD  1 
ATOM   709  N NE  . ARG A 1 92  ? -0.325  -1.653  -14.420 1.00 37.06 ? 154 ARG A NE  1 
ATOM   710  C CZ  . ARG A 1 92  ? 0.746   -1.823  -15.189 1.00 38.09 ? 154 ARG A CZ  1 
ATOM   711  N NH1 . ARG A 1 92  ? 1.366   -2.994  -15.209 1.00 35.74 ? 154 ARG A NH1 1 
ATOM   712  N NH2 . ARG A 1 92  ? 1.196   -0.826  -15.936 1.00 41.83 ? 154 ARG A NH2 1 
ATOM   713  N N   . ASN A 1 93  ? 2.338   -0.293  -9.980  1.00 25.41 ? 155 ASN A N   1 
ATOM   714  C CA  . ASN A 1 93  ? 3.153   0.760   -9.394  1.00 23.14 ? 155 ASN A CA  1 
ATOM   715  C C   . ASN A 1 93  ? 3.975   0.268   -8.215  1.00 20.76 ? 155 ASN A C   1 
ATOM   716  O O   . ASN A 1 93  ? 3.608   -0.697  -7.545  1.00 23.11 ? 155 ASN A O   1 
ATOM   717  C CB  . ASN A 1 93  ? 2.275   1.934   -8.953  1.00 22.83 ? 155 ASN A CB  1 
ATOM   718  C CG  . ASN A 1 93  ? 1.650   2.664   -10.123 1.00 22.39 ? 155 ASN A CG  1 
ATOM   719  O OD1 . ASN A 1 93  ? 0.482   2.452   -10.450 1.00 22.53 ? 155 ASN A OD1 1 
ATOM   720  N ND2 . ASN A 1 93  ? 2.429   3.528   -10.764 1.00 15.49 ? 155 ASN A ND2 1 
ATOM   721  N N   . TYR A 1 94  ? 5.096   0.936   -7.972  1.00 22.19 ? 156 TYR A N   1 
ATOM   722  C CA  . TYR A 1 94  ? 5.897   0.656   -6.793  1.00 23.58 ? 156 TYR A CA  1 
ATOM   723  C C   . TYR A 1 94  ? 6.510   1.939   -6.250  1.00 25.02 ? 156 TYR A C   1 
ATOM   724  O O   . TYR A 1 94  ? 6.640   2.931   -6.967  1.00 22.06 ? 156 TYR A O   1 
ATOM   725  C CB  . TYR A 1 94  ? 6.989   -0.377  -7.098  1.00 25.20 ? 156 TYR A CB  1 
ATOM   726  C CG  . TYR A 1 94  ? 8.048   0.078   -8.079  1.00 29.96 ? 156 TYR A CG  1 
ATOM   727  C CD1 . TYR A 1 94  ? 9.287   0.519   -7.635  1.00 34.99 ? 156 TYR A CD1 1 
ATOM   728  C CD2 . TYR A 1 94  ? 7.818   0.045   -9.449  1.00 40.13 ? 156 TYR A CD2 1 
ATOM   729  C CE1 . TYR A 1 94  ? 10.262  0.927   -8.523  1.00 34.46 ? 156 TYR A CE1 1 
ATOM   730  C CE2 . TYR A 1 94  ? 8.789   0.452   -10.346 1.00 42.53 ? 156 TYR A CE2 1 
ATOM   731  C CZ  . TYR A 1 94  ? 10.010  0.893   -9.876  1.00 41.62 ? 156 TYR A CZ  1 
ATOM   732  O OH  . TYR A 1 94  ? 10.983  1.299   -10.761 1.00 45.71 ? 156 TYR A OH  1 
ATOM   733  N N   . LEU A 1 95  ? 6.871   1.915   -4.971  1.00 24.01 ? 157 LEU A N   1 
ATOM   734  C CA  . LEU A 1 95  ? 7.464   3.075   -4.321  1.00 23.79 ? 157 LEU A CA  1 
ATOM   735  C C   . LEU A 1 95  ? 8.807   2.736   -3.698  1.00 20.76 ? 157 LEU A C   1 
ATOM   736  O O   . LEU A 1 95  ? 8.883   1.928   -2.775  1.00 20.54 ? 157 LEU A O   1 
ATOM   737  C CB  . LEU A 1 95  ? 6.523   3.634   -3.250  1.00 20.43 ? 157 LEU A CB  1 
ATOM   738  C CG  . LEU A 1 95  ? 7.073   4.819   -2.453  1.00 22.72 ? 157 LEU A CG  1 
ATOM   739  C CD1 . LEU A 1 95  ? 7.130   6.068   -3.318  1.00 18.82 ? 157 LEU A CD1 1 
ATOM   740  C CD2 . LEU A 1 95  ? 6.247   5.066   -1.199  1.00 24.63 ? 157 LEU A CD2 1 
ATOM   741  N N   . ASN A 1 96  ? 9.868   3.351   -4.210  1.00 23.30 ? 158 ASN A N   1 
ATOM   742  C CA  . ASN A 1 96  ? 11.181  3.237   -3.588  1.00 20.42 ? 158 ASN A CA  1 
ATOM   743  C C   . ASN A 1 96  ? 11.333  4.301   -2.512  1.00 21.99 ? 158 ASN A C   1 
ATOM   744  O O   . ASN A 1 96  ? 11.208  5.495   -2.785  1.00 26.94 ? 158 ASN A O   1 
ATOM   745  C CB  . ASN A 1 96  ? 12.300  3.368   -4.622  1.00 27.51 ? 158 ASN A CB  1 
ATOM   746  C CG  . ASN A 1 96  ? 12.294  2.244   -5.638  1.00 28.51 ? 158 ASN A CG  1 
ATOM   747  O OD1 . ASN A 1 96  ? 12.189  1.070   -5.285  1.00 22.03 ? 158 ASN A OD1 1 
ATOM   748  N ND2 . ASN A 1 96  ? 12.425  2.601   -6.910  1.00 32.24 ? 158 ASN A ND2 1 
ATOM   749  N N   . THR A 1 97  ? 11.603  3.863   -1.288  1.00 22.42 ? 159 THR A N   1 
ATOM   750  C CA  . THR A 1 97  ? 11.650  4.770   -0.152  1.00 20.20 ? 159 THR A CA  1 
ATOM   751  C C   . THR A 1 97  ? 12.673  4.329   0.886   1.00 23.17 ? 159 THR A C   1 
ATOM   752  O O   . THR A 1 97  ? 12.909  3.136   1.073   1.00 24.08 ? 159 THR A O   1 
ATOM   753  C CB  . THR A 1 97  ? 10.265  4.891   0.515   1.00 17.93 ? 159 THR A CB  1 
ATOM   754  O OG1 . THR A 1 97  ? 10.387  5.592   1.758   1.00 18.48 ? 159 THR A OG1 1 
ATOM   755  C CG2 . THR A 1 97  ? 9.669   3.514   0.759   1.00 18.85 ? 159 THR A CG2 1 
ATOM   756  N N   . ALA A 1 98  ? 13.284  5.302   1.555   1.00 20.55 ? 160 ALA A N   1 
ATOM   757  C CA  . ALA A 1 98  ? 14.267  5.015   2.589   1.00 23.08 ? 160 ALA A CA  1 
ATOM   758  C C   . ALA A 1 98  ? 13.587  4.570   3.878   1.00 24.55 ? 160 ALA A C   1 
ATOM   759  O O   . ALA A 1 98  ? 14.190  3.884   4.704   1.00 28.38 ? 160 ALA A O   1 
ATOM   760  C CB  . ALA A 1 98  ? 15.143  6.232   2.842   1.00 24.40 ? 160 ALA A CB  1 
ATOM   761  N N   . HIS A 1 99  ? 12.329  4.966   4.044   1.00 22.81 ? 161 HIS A N   1 
ATOM   762  C CA  . HIS A 1 99  ? 11.578  4.660   5.255   1.00 19.95 ? 161 HIS A CA  1 
ATOM   763  C C   . HIS A 1 99  ? 10.522  3.595   5.000   1.00 19.09 ? 161 HIS A C   1 
ATOM   764  O O   . HIS A 1 99  ? 10.022  3.463   3.885   1.00 20.78 ? 161 HIS A O   1 
ATOM   765  C CB  . HIS A 1 99  ? 10.918  5.925   5.806   1.00 19.15 ? 161 HIS A CB  1 
ATOM   766  C CG  . HIS A 1 99  ? 11.865  7.061   6.004   1.00 22.13 ? 161 HIS A CG  1 
ATOM   767  N ND1 . HIS A 1 99  ? 12.096  8.026   5.049   1.00 26.67 ? 161 HIS A ND1 1 
ATOM   768  C CD2 . HIS A 1 99  ? 12.658  7.392   7.061   1.00 23.41 ? 161 HIS A CD2 1 
ATOM   769  C CE1 . HIS A 1 99  ? 12.973  8.895   5.493   1.00 27.70 ? 161 HIS A CE1 1 
ATOM   770  N NE2 . HIS A 1 99  ? 13.334  8.535   6.716   1.00 24.23 ? 161 HIS A NE2 1 
ATOM   771  N N   . ARG A 1 100 ? 10.151  2.888   6.041   1.00 25.57 ? 162 ARG A N   1 
ATOM   772  C CA  . ARG A 1 100 ? 9.057   1.914   5.976   1.00 25.66 ? 162 ARG A CA  1 
ATOM   773  C C   . ARG A 1 100 ? 7.736   2.634   6.125   1.00 21.02 ? 162 ARG A C   1 
ATOM   774  O O   . ARG A 1 100 ? 7.029   2.450   7.073   1.00 22.65 ? 162 ARG A O   1 
ATOM   775  C CB  . ARG A 1 100 ? 9.202   0.845   7.046   1.00 19.76 ? 162 ARG A CB  1 
ATOM   776  C CG  . ARG A 1 100 ? 10.237  -0.191  6.759   1.00 22.95 ? 162 ARG A CG  1 
ATOM   777  C CD  . ARG A 1 100 ? 11.433  0.039   7.634   1.00 27.29 ? 162 ARG A CD  1 
ATOM   778  N NE  . ARG A 1 100 ? 11.516  -0.936  8.677   1.00 31.62 ? 162 ARG A NE  1 
ATOM   779  C CZ  . ARG A 1 100 ? 12.224  -0.835  9.788   1.00 33.07 ? 162 ARG A CZ  1 
ATOM   780  N NH1 . ARG A 1 100 ? 12.962  0.215   10.076  1.00 26.51 ? 162 ARG A NH1 1 
ATOM   781  N NH2 . ARG A 1 100 ? 12.185  -1.827  10.615  1.00 32.65 ? 162 ARG A NH2 1 
ATOM   782  N N   . LEU A 1 101 ? 7.438   3.452   5.138   1.00 20.62 ? 163 LEU A N   1 
ATOM   783  C CA  . LEU A 1 101 ? 6.210   4.232   5.190   1.00 17.53 ? 163 LEU A CA  1 
ATOM   784  C C   . LEU A 1 101 ? 5.518   4.319   3.835   1.00 17.04 ? 163 LEU A C   1 
ATOM   785  O O   . LEU A 1 101 ? 6.073   4.833   2.865   1.00 22.57 ? 163 LEU A O   1 
ATOM   786  C CB  . LEU A 1 101 ? 6.491   5.645   5.712   1.00 16.60 ? 163 LEU A CB  1 
ATOM   787  C CG  . LEU A 1 101 ? 6.925   5.769   7.175   1.00 24.12 ? 163 LEU A CG  1 
ATOM   788  C CD1 . LEU A 1 101 ? 7.330   7.201   7.499   1.00 21.74 ? 163 LEU A CD1 1 
ATOM   789  C CD2 . LEU A 1 101 ? 5.814   5.300   8.102   1.00 17.39 ? 163 LEU A CD2 1 
ATOM   790  N N   . GLN A 1 102 ? 4.299   3.798   3.789   1.00 18.16 ? 164 GLN A N   1 
ATOM   791  C CA  . GLN A 1 102 ? 3.411   3.961   2.649   1.00 18.51 ? 164 GLN A CA  1 
ATOM   792  C C   . GLN A 1 102 ? 2.078   4.439   3.222   1.00 18.27 ? 164 GLN A C   1 
ATOM   793  O O   . GLN A 1 102 ? 1.857   4.336   4.428   1.00 20.98 ? 164 GLN A O   1 
ATOM   794  C CB  . GLN A 1 102 ? 3.278   2.646   1.867   1.00 14.87 ? 164 GLN A CB  1 
ATOM   795  C CG  . GLN A 1 102 ? 2.273   2.636   0.712   1.00 18.40 ? 164 GLN A CG  1 
ATOM   796  C CD  . GLN A 1 102 ? 2.605   3.618   -0.401  1.00 18.66 ? 164 GLN A CD  1 
ATOM   797  O OE1 . GLN A 1 102 ? 2.516   4.833   -0.227  1.00 18.93 ? 164 GLN A OE1 1 
ATOM   798  N NE2 . GLN A 1 102 ? 2.981   3.087   -1.560  1.00 19.30 ? 164 GLN A NE2 1 
ATOM   799  N N   . ALA A 1 103 ? 1.204   4.987   2.387   1.00 16.47 ? 165 ALA A N   1 
ATOM   800  C CA  . ALA A 1 103 ? -0.062  5.506   2.888   1.00 19.58 ? 165 ALA A CA  1 
ATOM   801  C C   . ALA A 1 103 ? -1.199  5.271   1.908   1.00 22.95 ? 165 ALA A C   1 
ATOM   802  O O   . ALA A 1 103 ? -1.024  5.404   0.699   1.00 27.31 ? 165 ALA A O   1 
ATOM   803  C CB  . ALA A 1 103 ? 0.067   6.977   3.193   1.00 17.56 ? 165 ALA A CB  1 
ATOM   804  N N   . TYR A 1 104 ? -2.370  4.933   2.440   1.00 20.03 ? 166 TYR A N   1 
ATOM   805  C CA  . TYR A 1 104 ? -3.522  4.619   1.607   1.00 20.71 ? 166 TYR A CA  1 
ATOM   806  C C   . TYR A 1 104 ? -4.740  5.449   1.984   1.00 21.83 ? 166 TYR A C   1 
ATOM   807  O O   . TYR A 1 104 ? -5.020  5.665   3.162   1.00 21.35 ? 166 TYR A O   1 
ATOM   808  C CB  . TYR A 1 104 ? -3.852  3.128   1.699   1.00 17.81 ? 166 TYR A CB  1 
ATOM   809  C CG  . TYR A 1 104 ? -2.686  2.250   1.328   1.00 21.58 ? 166 TYR A CG  1 
ATOM   810  C CD1 . TYR A 1 104 ? -1.744  1.879   2.279   1.00 17.40 ? 166 TYR A CD1 1 
ATOM   811  C CD2 . TYR A 1 104 ? -2.510  1.814   0.024   1.00 23.87 ? 166 TYR A CD2 1 
ATOM   812  C CE1 . TYR A 1 104 ? -0.670  1.091   1.944   1.00 20.12 ? 166 TYR A CE1 1 
ATOM   813  C CE2 . TYR A 1 104 ? -1.436  1.022   -0.322  1.00 22.78 ? 166 TYR A CE2 1 
ATOM   814  C CZ  . TYR A 1 104 ? -0.522  0.665   0.644   1.00 24.24 ? 166 TYR A CZ  1 
ATOM   815  O OH  . TYR A 1 104 ? 0.553   -0.120  0.313   1.00 18.22 ? 166 TYR A OH  1 
ATOM   816  N N   . ARG A 1 105 ? -5.457  5.914   0.968   1.00 20.90 ? 167 ARG A N   1 
ATOM   817  C CA  . ARG A 1 105 ? -6.667  6.693   1.178   1.00 18.49 ? 167 ARG A CA  1 
ATOM   818  C C   . ARG A 1 105 ? -7.761  6.276   0.206   1.00 17.79 ? 167 ARG A C   1 
ATOM   819  O O   . ARG A 1 105 ? -7.521  6.126   -0.992  1.00 17.76 ? 167 ARG A O   1 
ATOM   820  C CB  . ARG A 1 105 ? -6.375  8.188   1.037   1.00 25.22 ? 167 ARG A CB  1 
ATOM   821  C CG  . ARG A 1 105 ? -7.609  9.040   0.809   1.00 25.75 ? 167 ARG A CG  1 
ATOM   822  C CD  . ARG A 1 105 ? -7.233  10.428  0.327   1.00 36.26 ? 167 ARG A CD  1 
ATOM   823  N NE  . ARG A 1 105 ? -8.196  10.937  -0.644  1.00 32.04 ? 167 ARG A NE  1 
ATOM   824  C CZ  . ARG A 1 105 ? -7.926  11.096  -1.935  1.00 33.21 ? 167 ARG A CZ  1 
ATOM   825  N NH1 . ARG A 1 105 ? -6.725  10.786  -2.404  1.00 27.85 ? 167 ARG A NH1 1 
ATOM   826  N NH2 . ARG A 1 105 ? -8.854  11.564  -2.758  1.00 38.02 ? 167 ARG A NH2 1 
ATOM   827  N N   . ARG A 1 106 ? -8.961  6.079   0.739   1.00 24.39 ? 168 ARG A N   1 
ATOM   828  C CA  . ARG A 1 106 ? -10.122 5.741   -0.069  1.00 22.82 ? 168 ARG A CA  1 
ATOM   829  C C   . ARG A 1 106 ? -10.962 6.993   -0.301  1.00 24.32 ? 168 ARG A C   1 
ATOM   830  O O   . ARG A 1 106 ? -11.430 7.615   0.653   1.00 22.23 ? 168 ARG A O   1 
ATOM   831  C CB  . ARG A 1 106 ? -10.948 4.654   0.620   1.00 24.15 ? 168 ARG A CB  1 
ATOM   832  C CG  . ARG A 1 106 ? -12.080 4.088   -0.211  1.00 20.72 ? 168 ARG A CG  1 
ATOM   833  C CD  . ARG A 1 106 ? -13.019 3.277   0.663   1.00 28.91 ? 168 ARG A CD  1 
ATOM   834  N NE  . ARG A 1 106 ? -12.850 1.842   0.466   1.00 25.24 ? 168 ARG A NE  1 
ATOM   835  C CZ  . ARG A 1 106 ? -13.137 0.921   1.380   1.00 23.21 ? 168 ARG A CZ  1 
ATOM   836  N NH1 . ARG A 1 106 ? -13.605 1.284   2.566   1.00 23.39 ? 168 ARG A NH1 1 
ATOM   837  N NH2 . ARG A 1 106 ? -12.950 -0.362  1.108   1.00 26.46 ? 168 ARG A NH2 1 
ATOM   838  N N   . ASP A 1 107 ? -11.144 7.369   -1.564  1.00 25.47 ? 169 ASP A N   1 
ATOM   839  C CA  . ASP A 1 107 ? -11.877 8.591   -1.888  1.00 24.69 ? 169 ASP A CA  1 
ATOM   840  C C   . ASP A 1 107 ? -13.388 8.411   -1.752  1.00 28.76 ? 169 ASP A C   1 
ATOM   841  O O   . ASP A 1 107 ? -13.858 7.380   -1.269  1.00 26.12 ? 169 ASP A O   1 
ATOM   842  C CB  . ASP A 1 107 ? -11.531 9.071   -3.305  1.00 25.05 ? 169 ASP A CB  1 
ATOM   843  C CG  . ASP A 1 107 ? -11.889 8.058   -4.384  1.00 27.22 ? 169 ASP A CG  1 
ATOM   844  O OD1 . ASP A 1 107 ? -12.487 7.007   -4.070  1.00 27.75 ? 169 ASP A OD1 1 
ATOM   845  O OD2 . ASP A 1 107 ? -11.574 8.323   -5.563  1.00 33.71 ? 169 ASP A OD2 1 
ATOM   846  N N   . GLY A 1 108 ? -14.138 9.418   -2.185  1.00 23.59 ? 170 GLY A N   1 
ATOM   847  C CA  . GLY A 1 108 ? -15.587 9.386   -2.105  1.00 29.74 ? 170 GLY A CA  1 
ATOM   848  C C   . GLY A 1 108 ? -16.206 8.329   -3.000  1.00 32.16 ? 170 GLY A C   1 
ATOM   849  O O   . GLY A 1 108 ? -17.282 7.806   -2.705  1.00 27.96 ? 170 GLY A O   1 
ATOM   850  N N   . ASP A 1 109 ? -15.524 8.012   -4.095  1.00 31.55 ? 171 ASP A N   1 
ATOM   851  C CA  . ASP A 1 109 ? -16.011 7.010   -5.036  1.00 31.11 ? 171 ASP A CA  1 
ATOM   852  C C   . ASP A 1 109 ? -15.613 5.603   -4.604  1.00 25.64 ? 171 ASP A C   1 
ATOM   853  O O   . ASP A 1 109 ? -16.189 4.617   -5.062  1.00 28.21 ? 171 ASP A O   1 
ATOM   854  C CB  . ASP A 1 109 ? -15.483 7.296   -6.442  1.00 29.59 ? 171 ASP A CB  1 
ATOM   855  C CG  . ASP A 1 109 ? -16.084 8.550   -7.045  1.00 34.28 ? 171 ASP A CG  1 
ATOM   856  O OD1 . ASP A 1 109 ? -17.244 8.874   -6.714  1.00 32.15 ? 171 ASP A OD1 1 
ATOM   857  O OD2 . ASP A 1 109 ? -15.393 9.213   -7.847  1.00 33.30 ? 171 ASP A OD2 1 
ATOM   858  N N   . GLY A 1 110 ? -14.624 5.516   -3.721  1.00 24.52 ? 172 GLY A N   1 
ATOM   859  C CA  . GLY A 1 110 ? -14.162 4.234   -3.225  1.00 22.86 ? 172 GLY A CA  1 
ATOM   860  C C   . GLY A 1 110 ? -12.867 3.782   -3.870  1.00 23.79 ? 172 GLY A C   1 
ATOM   861  O O   . GLY A 1 110 ? -12.413 2.660   -3.651  1.00 21.68 ? 172 GLY A O   1 
ATOM   862  N N   . ASN A 1 111 ? -12.273 4.659   -4.674  1.00 20.91 ? 173 ASN A N   1 
ATOM   863  C CA  . ASN A 1 111 ? -10.998 4.365   -5.311  1.00 23.68 ? 173 ASN A CA  1 
ATOM   864  C C   . ASN A 1 111 ? -9.853  4.419   -4.308  1.00 24.20 ? 173 ASN A C   1 
ATOM   865  O O   . ASN A 1 111 ? -9.892  5.190   -3.349  1.00 24.14 ? 173 ASN A O   1 
ATOM   866  C CB  . ASN A 1 111 ? -10.737 5.337   -6.460  1.00 26.70 ? 173 ASN A CB  1 
ATOM   867  C CG  . ASN A 1 111 ? -11.541 5.003   -7.699  1.00 25.96 ? 173 ASN A CG  1 
ATOM   868  O OD1 . ASN A 1 111 ? -11.551 3.861   -8.157  1.00 22.83 ? 173 ASN A OD1 1 
ATOM   869  N ND2 . ASN A 1 111 ? -12.229 5.998   -8.246  1.00 24.15 ? 173 ASN A ND2 1 
ATOM   870  N N   . ILE A 1 112 ? -8.837  3.594   -4.533  1.00 19.25 ? 174 ILE A N   1 
ATOM   871  C CA  . ILE A 1 112 ? -7.698  3.524   -3.628  1.00 20.89 ? 174 ILE A CA  1 
ATOM   872  C C   . ILE A 1 112 ? -6.551  4.411   -4.101  1.00 20.92 ? 174 ILE A C   1 
ATOM   873  O O   . ILE A 1 112 ? -6.087  4.293   -5.235  1.00 19.26 ? 174 ILE A O   1 
ATOM   874  C CB  . ILE A 1 112 ? -7.187  2.080   -3.478  1.00 22.88 ? 174 ILE A CB  1 
ATOM   875  C CG1 . ILE A 1 112 ? -8.290  1.179   -2.920  1.00 17.50 ? 174 ILE A CG1 1 
ATOM   876  C CG2 . ILE A 1 112 ? -5.960  2.039   -2.579  1.00 21.42 ? 174 ILE A CG2 1 
ATOM   877  C CD1 . ILE A 1 112 ? -8.904  1.692   -1.634  1.00 18.22 ? 174 ILE A CD1 1 
ATOM   878  N N   . SER A 1 113 ? -6.099  5.299   -3.221  1.00 20.95 ? 175 SER A N   1 
ATOM   879  C CA  . SER A 1 113 ? -4.957  6.155   -3.512  1.00 21.51 ? 175 SER A CA  1 
ATOM   880  C C   . SER A 1 113 ? -3.764  5.774   -2.647  1.00 16.71 ? 175 SER A C   1 
ATOM   881  O O   . SER A 1 113 ? -3.924  5.407   -1.485  1.00 23.01 ? 175 SER A O   1 
ATOM   882  C CB  . SER A 1 113 ? -5.311  7.628   -3.290  1.00 18.94 ? 175 SER A CB  1 
ATOM   883  O OG  . SER A 1 113 ? -5.999  8.166   -4.404  1.00 26.43 ? 175 SER A OG  1 
ATOM   884  N N   . ASN A 1 114 ? -2.571  5.856   -3.227  1.00 17.62 ? 176 ASN A N   1 
ATOM   885  C CA  . ASN A 1 114 ? -1.332  5.663   -2.483  1.00 19.03 ? 176 ASN A CA  1 
ATOM   886  C C   . ASN A 1 114 ? -0.160  6.283   -3.231  1.00 21.87 ? 176 ASN A C   1 
ATOM   887  O O   . ASN A 1 114 ? -0.313  6.742   -4.362  1.00 24.57 ? 176 ASN A O   1 
ATOM   888  C CB  . ASN A 1 114 ? -1.075  4.176   -2.216  1.00 17.97 ? 176 ASN A CB  1 
ATOM   889  C CG  . ASN A 1 114 ? -0.823  3.387   -3.481  1.00 19.31 ? 176 ASN A CG  1 
ATOM   890  O OD1 . ASN A 1 114 ? -1.424  3.652   -4.521  1.00 16.71 ? 176 ASN A OD1 1 
ATOM   891  N ND2 . ASN A 1 114 ? 0.070   2.405   -3.398  1.00 16.23 ? 176 ASN A ND2 1 
ATOM   892  N N   . TYR A 1 115 ? 1.009   6.302   -2.597  1.00 20.47 ? 177 TYR A N   1 
ATOM   893  C CA  . TYR A 1 115 ? 2.170   6.973   -3.173  1.00 21.19 ? 177 TYR A CA  1 
ATOM   894  C C   . TYR A 1 115 ? 2.942   6.080   -4.140  1.00 23.57 ? 177 TYR A C   1 
ATOM   895  O O   . TYR A 1 115 ? 3.320   4.957   -3.805  1.00 22.43 ? 177 TYR A O   1 
ATOM   896  C CB  . TYR A 1 115 ? 3.096   7.474   -2.063  1.00 25.08 ? 177 TYR A CB  1 
ATOM   897  C CG  . TYR A 1 115 ? 2.533   8.650   -1.295  1.00 24.44 ? 177 TYR A CG  1 
ATOM   898  C CD1 . TYR A 1 115 ? 1.538   8.471   -0.342  1.00 21.47 ? 177 TYR A CD1 1 
ATOM   899  C CD2 . TYR A 1 115 ? 2.992   9.940   -1.529  1.00 20.05 ? 177 TYR A CD2 1 
ATOM   900  C CE1 . TYR A 1 115 ? 1.017   9.543   0.359   1.00 20.33 ? 177 TYR A CE1 1 
ATOM   901  C CE2 . TYR A 1 115 ? 2.478   11.019  -0.833  1.00 17.77 ? 177 TYR A CE2 1 
ATOM   902  C CZ  . TYR A 1 115 ? 1.491   10.814  0.110   1.00 21.72 ? 177 TYR A CZ  1 
ATOM   903  O OH  . TYR A 1 115 ? 0.975   11.882  0.806   1.00 18.72 ? 177 TYR A OH  1 
ATOM   904  N N   . TRP A 1 116 ? 3.161   6.597   -5.347  1.00 24.35 ? 178 TRP A N   1 
ATOM   905  C CA  . TRP A 1 116 ? 3.910   5.896   -6.383  1.00 20.70 ? 178 TRP A CA  1 
ATOM   906  C C   . TRP A 1 116 ? 5.204   6.655   -6.678  1.00 22.34 ? 178 TRP A C   1 
ATOM   907  O O   . TRP A 1 116 ? 5.257   7.875   -6.520  1.00 25.10 ? 178 TRP A O   1 
ATOM   908  C CB  . TRP A 1 116 ? 3.082   5.767   -7.670  1.00 22.37 ? 178 TRP A CB  1 
ATOM   909  C CG  . TRP A 1 116 ? 1.686   5.221   -7.492  1.00 17.23 ? 178 TRP A CG  1 
ATOM   910  C CD1 . TRP A 1 116 ? 1.192   4.548   -6.411  1.00 19.63 ? 178 TRP A CD1 1 
ATOM   911  C CD2 . TRP A 1 116 ? 0.607   5.312   -8.433  1.00 18.33 ? 178 TRP A CD2 1 
ATOM   912  N NE1 . TRP A 1 116 ? -0.123  4.214   -6.622  1.00 20.80 ? 178 TRP A NE1 1 
ATOM   913  C CE2 . TRP A 1 116 ? -0.507  4.671   -7.856  1.00 21.72 ? 178 TRP A CE2 1 
ATOM   914  C CE3 . TRP A 1 116 ? 0.475   5.873   -9.707  1.00 16.67 ? 178 TRP A CE3 1 
ATOM   915  C CZ2 . TRP A 1 116 ? -1.735  4.573   -8.510  1.00 20.37 ? 178 TRP A CZ2 1 
ATOM   916  C CZ3 . TRP A 1 116 ? -0.743  5.776   -10.354 1.00 18.68 ? 178 TRP A CZ3 1 
ATOM   917  C CH2 . TRP A 1 116 ? -1.833  5.132   -9.755  1.00 17.30 ? 178 TRP A CH2 1 
ATOM   918  N N   . GLY A 1 117 ? 6.242   5.947   -7.111  1.00 18.49 ? 179 GLY A N   1 
ATOM   919  C CA  . GLY A 1 117 ? 7.470   6.615   -7.512  1.00 21.52 ? 179 GLY A CA  1 
ATOM   920  C C   . GLY A 1 117 ? 8.747   5.808   -7.392  1.00 19.97 ? 179 GLY A C   1 
ATOM   921  O O   . GLY A 1 117 ? 8.850   4.901   -6.569  1.00 19.77 ? 179 GLY A O   1 
ATOM   922  N N   . ALA A 1 118 ? 9.728   6.151   -8.222  1.00 21.95 ? 180 ALA A N   1 
ATOM   923  C CA  . ALA A 1 118 ? 11.041  5.513   -8.181  1.00 21.64 ? 180 ALA A CA  1 
ATOM   924  C C   . ALA A 1 118 ? 11.895  6.121   -7.075  1.00 19.31 ? 180 ALA A C   1 
ATOM   925  O O   . ALA A 1 118 ? 12.952  5.596   -6.730  1.00 14.60 ? 180 ALA A O   1 
ATOM   926  C CB  . ALA A 1 118 ? 11.736  5.640   -9.523  1.00 19.32 ? 180 ALA A CB  1 
ATOM   927  N N   . ASP A 1 119 ? 11.432  7.246   -6.539  1.00 20.02 ? 181 ASP A N   1 
ATOM   928  C CA  . ASP A 1 119 ? 12.019  7.842   -5.345  1.00 25.63 ? 181 ASP A CA  1 
ATOM   929  C C   . ASP A 1 119 ? 10.942  8.610   -4.586  1.00 27.80 ? 181 ASP A C   1 
ATOM   930  O O   . ASP A 1 119 ? 9.812   8.731   -5.059  1.00 22.72 ? 181 ASP A O   1 
ATOM   931  C CB  . ASP A 1 119 ? 13.207  8.752   -5.701  1.00 23.61 ? 181 ASP A CB  1 
ATOM   932  C CG  . ASP A 1 119 ? 12.823  9.922   -6.603  1.00 21.04 ? 181 ASP A CG  1 
ATOM   933  O OD1 . ASP A 1 119 ? 11.834  10.630  -6.315  1.00 21.04 ? 181 ASP A OD1 1 
ATOM   934  O OD2 . ASP A 1 119 ? 13.528  10.142  -7.610  1.00 21.81 ? 181 ASP A OD2 1 
ATOM   935  N N   . THR A 1 120 ? 11.292  9.129   -3.415  1.00 23.81 ? 182 THR A N   1 
ATOM   936  C CA  . THR A 1 120 ? 10.348  9.907   -2.624  1.00 21.18 ? 182 THR A CA  1 
ATOM   937  C C   . THR A 1 120 ? 10.580  11.401  -2.800  1.00 24.38 ? 182 THR A C   1 
ATOM   938  O O   . THR A 1 120 ? 10.137  12.208  -1.984  1.00 28.88 ? 182 THR A O   1 
ATOM   939  C CB  . THR A 1 120 ? 10.435  9.557   -1.131  1.00 22.34 ? 182 THR A CB  1 
ATOM   940  O OG1 . THR A 1 120 ? 11.790  9.689   -0.686  1.00 24.99 ? 182 THR A OG1 1 
ATOM   941  C CG2 . THR A 1 120 ? 9.966   8.135   -0.898  1.00 23.81 ? 182 THR A CG2 1 
ATOM   942  N N   . GLN A 1 121 ? 11.280  11.764  -3.869  1.00 24.49 ? 183 GLN A N   1 
ATOM   943  C CA  . GLN A 1 121 ? 11.536  13.167  -4.166  1.00 23.68 ? 183 GLN A CA  1 
ATOM   944  C C   . GLN A 1 121 ? 10.847  13.596  -5.454  1.00 23.56 ? 183 GLN A C   1 
ATOM   945  O O   . GLN A 1 121 ? 9.624   13.732  -5.495  1.00 21.47 ? 183 GLN A O   1 
ATOM   946  C CB  . GLN A 1 121 ? 13.042  13.430  -4.258  1.00 21.18 ? 183 GLN A CB  1 
ATOM   947  C CG  . GLN A 1 121 ? 13.714  13.630  -2.910  1.00 20.72 ? 183 GLN A CG  1 
ATOM   948  C CD  . GLN A 1 121 ? 13.095  14.768  -2.121  1.00 25.44 ? 183 GLN A CD  1 
ATOM   949  O OE1 . GLN A 1 121 ? 12.995  15.893  -2.609  1.00 31.56 ? 183 GLN A OE1 1 
ATOM   950  N NE2 . GLN A 1 121 ? 12.672  14.478  -0.895  1.00 24.92 ? 183 GLN A NE2 1 
ATOM   951  N N   . GLY A 1 122 ? 11.637  13.804  -6.501  1.00 22.12 ? 184 GLY A N   1 
ATOM   952  C CA  . GLY A 1 122 ? 11.123  14.297  -7.765  1.00 17.29 ? 184 GLY A CA  1 
ATOM   953  C C   . GLY A 1 122 ? 10.151  13.367  -8.466  1.00 22.26 ? 184 GLY A C   1 
ATOM   954  O O   . GLY A 1 122 ? 9.278   13.822  -9.205  1.00 22.25 ? 184 GLY A O   1 
ATOM   955  N N   . ASP A 1 123 ? 10.292  12.065  -8.239  1.00 18.77 ? 185 ASP A N   1 
ATOM   956  C CA  . ASP A 1 123 ? 9.446   11.091  -8.921  1.00 22.47 ? 185 ASP A CA  1 
ATOM   957  C C   . ASP A 1 123 ? 8.266   10.642  -8.061  1.00 23.13 ? 185 ASP A C   1 
ATOM   958  O O   . ASP A 1 123 ? 7.461   9.813   -8.484  1.00 22.84 ? 185 ASP A O   1 
ATOM   959  C CB  . ASP A 1 123 ? 10.265  9.872   -9.350  1.00 20.08 ? 185 ASP A CB  1 
ATOM   960  C CG  . ASP A 1 123 ? 9.582   9.070   -10.440 1.00 22.17 ? 185 ASP A CG  1 
ATOM   961  O OD1 . ASP A 1 123 ? 9.189   9.674   -11.461 1.00 22.93 ? 185 ASP A OD1 1 
ATOM   962  O OD2 . ASP A 1 123 ? 9.418   7.844   -10.269 1.00 22.74 ? 185 ASP A OD2 1 
ATOM   963  N N   . LEU A 1 124 ? 8.161   11.196  -6.857  1.00 21.91 ? 186 LEU A N   1 
ATOM   964  C CA  . LEU A 1 124 ? 7.048   10.872  -5.973  1.00 17.99 ? 186 LEU A CA  1 
ATOM   965  C C   . LEU A 1 124 ? 5.731   11.406  -6.530  1.00 22.93 ? 186 LEU A C   1 
ATOM   966  O O   . LEU A 1 124 ? 5.666   12.530  -7.025  1.00 19.07 ? 186 LEU A O   1 
ATOM   967  C CB  . LEU A 1 124 ? 7.291   11.435  -4.572  1.00 25.41 ? 186 LEU A CB  1 
ATOM   968  C CG  . LEU A 1 124 ? 6.217   11.106  -3.532  1.00 21.38 ? 186 LEU A CG  1 
ATOM   969  C CD1 . LEU A 1 124 ? 6.107   9.604   -3.342  1.00 19.01 ? 186 LEU A CD1 1 
ATOM   970  C CD2 . LEU A 1 124 ? 6.517   11.795  -2.212  1.00 18.18 ? 186 LEU A CD2 1 
ATOM   971  N N   . ARG A 1 125 ? 4.684   10.589  -6.453  1.00 26.82 ? 187 ARG A N   1 
ATOM   972  C CA  . ARG A 1 125 ? 3.365   10.985  -6.932  1.00 22.78 ? 187 ARG A CA  1 
ATOM   973  C C   . ARG A 1 125 ? 2.246   10.325  -6.137  1.00 21.68 ? 187 ARG A C   1 
ATOM   974  O O   . ARG A 1 125 ? 2.377   9.187   -5.687  1.00 23.38 ? 187 ARG A O   1 
ATOM   975  C CB  . ARG A 1 125 ? 3.208   10.643  -8.414  1.00 22.10 ? 187 ARG A CB  1 
ATOM   976  C CG  . ARG A 1 125 ? 3.591   11.762  -9.363  1.00 29.93 ? 187 ARG A CG  1 
ATOM   977  C CD  . ARG A 1 125 ? 4.369   11.201  -10.535 1.00 30.69 ? 187 ARG A CD  1 
ATOM   978  N NE  . ARG A 1 125 ? 5.057   12.229  -11.312 1.00 26.29 ? 187 ARG A NE  1 
ATOM   979  C CZ  . ARG A 1 125 ? 6.135   12.887  -10.898 1.00 19.13 ? 187 ARG A CZ  1 
ATOM   980  N NH1 . ARG A 1 125 ? 6.646   12.645  -9.701  1.00 25.84 ? 187 ARG A NH1 1 
ATOM   981  N NH2 . ARG A 1 125 ? 6.697   13.795  -11.681 1.00 29.32 ? 187 ARG A NH2 1 
ATOM   982  N N   . VAL A 1 126 ? 1.147   11.052  -5.972  1.00 17.13 ? 188 VAL A N   1 
ATOM   983  C CA  . VAL A 1 126 ? -0.053  10.496  -5.365  1.00 18.05 ? 188 VAL A CA  1 
ATOM   984  C C   . VAL A 1 126 ? -0.968  9.954   -6.456  1.00 20.02 ? 188 VAL A C   1 
ATOM   985  O O   . VAL A 1 126 ? -1.689  10.711  -7.104  1.00 24.23 ? 188 VAL A O   1 
ATOM   986  C CB  . VAL A 1 126 ? -0.815  11.541  -4.531  1.00 23.24 ? 188 VAL A CB  1 
ATOM   987  C CG1 . VAL A 1 126 ? -1.990  10.888  -3.821  1.00 20.57 ? 188 VAL A CG1 1 
ATOM   988  C CG2 . VAL A 1 126 ? 0.117   12.202  -3.528  1.00 29.01 ? 188 VAL A CG2 1 
ATOM   989  N N   . GLY A 1 127 ? -0.930  8.642   -6.659  1.00 23.17 ? 189 GLY A N   1 
ATOM   990  C CA  . GLY A 1 127 ? -1.713  8.019   -7.708  1.00 22.51 ? 189 GLY A CA  1 
ATOM   991  C C   . GLY A 1 127 ? -3.031  7.459   -7.212  1.00 19.91 ? 189 GLY A C   1 
ATOM   992  O O   . GLY A 1 127 ? -3.206  7.221   -6.020  1.00 23.35 ? 189 GLY A O   1 
ATOM   993  N N   . THR A 1 128 ? -3.963  7.251   -8.137  1.00 20.93 ? 190 THR A N   1 
ATOM   994  C CA  . THR A 1 128 ? -5.267  6.687   -7.808  1.00 22.80 ? 190 THR A CA  1 
ATOM   995  C C   . THR A 1 128 ? -5.590  5.523   -8.738  1.00 24.11 ? 190 THR A C   1 
ATOM   996  O O   . THR A 1 128 ? -5.406  5.622   -9.952  1.00 28.06 ? 190 THR A O   1 
ATOM   997  C CB  . THR A 1 128 ? -6.386  7.744   -7.903  1.00 24.14 ? 190 THR A CB  1 
ATOM   998  O OG1 . THR A 1 128 ? -5.984  8.938   -7.219  1.00 27.04 ? 190 THR A OG1 1 
ATOM   999  C CG2 . THR A 1 128 ? -7.674  7.220   -7.290  1.00 19.69 ? 190 THR A CG2 1 
ATOM   1000 N N   . TYR A 1 129 ? -6.069  4.422   -8.170  1.00 23.30 ? 191 TYR A N   1 
ATOM   1001 C CA  . TYR A 1 129 ? -6.406  3.250   -8.970  1.00 22.86 ? 191 TYR A CA  1 
ATOM   1002 C C   . TYR A 1 129 ? -7.833  3.354   -9.502  1.00 22.07 ? 191 TYR A C   1 
ATOM   1003 O O   . TYR A 1 129 ? -8.661  4.074   -8.946  1.00 24.73 ? 191 TYR A O   1 
ATOM   1004 C CB  . TYR A 1 129 ? -6.195  1.970   -8.156  1.00 19.25 ? 191 TYR A CB  1 
ATOM   1005 C CG  . TYR A 1 129 ? -4.726  1.633   -8.008  1.00 16.42 ? 191 TYR A CG  1 
ATOM   1006 C CD1 . TYR A 1 129 ? -4.037  1.013   -9.037  1.00 18.20 ? 191 TYR A CD1 1 
ATOM   1007 C CD2 . TYR A 1 129 ? -4.024  1.960   -6.857  1.00 18.51 ? 191 TYR A CD2 1 
ATOM   1008 C CE1 . TYR A 1 129 ? -2.691  0.720   -8.930  1.00 22.06 ? 191 TYR A CE1 1 
ATOM   1009 C CE2 . TYR A 1 129 ? -2.676  1.662   -6.734  1.00 21.63 ? 191 TYR A CE2 1 
ATOM   1010 C CZ  . TYR A 1 129 ? -2.017  1.038   -7.775  1.00 21.24 ? 191 TYR A CZ  1 
ATOM   1011 O OH  . TYR A 1 129 ? -0.680  0.737   -7.672  1.00 27.45 ? 191 TYR A OH  1 
ATOM   1012 N N   . SER A 1 130 ? -8.110  2.635   -10.585 1.00 26.72 ? 192 SER A N   1 
ATOM   1013 C CA  . SER A 1 130 ? -9.283  2.910   -11.410 1.00 26.84 ? 192 SER A CA  1 
ATOM   1014 C C   . SER A 1 130 ? -10.466 1.974   -11.182 1.00 27.36 ? 192 SER A C   1 
ATOM   1015 O O   . SER A 1 130 ? -11.436 2.003   -11.939 1.00 30.11 ? 192 SER A O   1 
ATOM   1016 C CB  . SER A 1 130 ? -8.887  2.865   -12.887 1.00 21.37 ? 192 SER A CB  1 
ATOM   1017 O OG  . SER A 1 130 ? -7.774  3.707   -13.137 1.00 20.07 ? 192 SER A OG  1 
ATOM   1018 N N   . ASN A 1 131 ? -10.392 1.147   -10.147 1.00 27.66 ? 193 ASN A N   1 
ATOM   1019 C CA  . ASN A 1 131 ? -11.490 0.239   -9.836  1.00 23.16 ? 193 ASN A CA  1 
ATOM   1020 C C   . ASN A 1 131 ? -12.000 0.459   -8.418  1.00 26.65 ? 193 ASN A C   1 
ATOM   1021 O O   . ASN A 1 131 ? -11.442 -0.077  -7.460  1.00 28.93 ? 193 ASN A O   1 
ATOM   1022 C CB  . ASN A 1 131 ? -11.053 -1.212  -10.033 1.00 22.73 ? 193 ASN A CB  1 
ATOM   1023 C CG  . ASN A 1 131 ? -10.312 -1.423  -11.340 1.00 23.40 ? 193 ASN A CG  1 
ATOM   1024 O OD1 . ASN A 1 131 ? -9.082  -1.372  -11.385 1.00 21.26 ? 193 ASN A OD1 1 
ATOM   1025 N ND2 . ASN A 1 131 ? -11.058 -1.652  -12.415 1.00 20.78 ? 193 ASN A ND2 1 
ATOM   1026 N N   . PRO A 1 132 ? -13.072 1.254   -8.284  1.00 29.35 ? 194 PRO A N   1 
ATOM   1027 C CA  . PRO A 1 132 ? -13.601 1.690   -6.987  1.00 26.43 ? 194 PRO A CA  1 
ATOM   1028 C C   . PRO A 1 132 ? -14.173 0.556   -6.140  1.00 27.32 ? 194 PRO A C   1 
ATOM   1029 O O   . PRO A 1 132 ? -14.979 -0.242  -6.622  1.00 22.23 ? 194 PRO A O   1 
ATOM   1030 C CB  . PRO A 1 132 ? -14.700 2.686   -7.378  1.00 23.04 ? 194 PRO A CB  1 
ATOM   1031 C CG  . PRO A 1 132 ? -15.124 2.257   -8.736  1.00 28.41 ? 194 PRO A CG  1 
ATOM   1032 C CD  . PRO A 1 132 ? -13.875 1.768   -9.406  1.00 27.93 ? 194 PRO A CD  1 
ATOM   1033 N N   . VAL A 1 133 ? -13.740 0.499   -4.884  1.00 26.54 ? 195 VAL A N   1 
ATOM   1034 C CA  . VAL A 1 133 ? -14.264 -0.449  -3.909  1.00 20.75 ? 195 VAL A CA  1 
ATOM   1035 C C   . VAL A 1 133 ? -14.726 0.292   -2.651  1.00 21.54 ? 195 VAL A C   1 
ATOM   1036 O O   . VAL A 1 133 ? -14.061 0.256   -1.616  1.00 23.51 ? 195 VAL A O   1 
ATOM   1037 C CB  . VAL A 1 133 ? -13.210 -1.524  -3.555  1.00 22.88 ? 195 VAL A CB  1 
ATOM   1038 C CG1 . VAL A 1 133 ? -13.140 -2.566  -4.653  1.00 24.29 ? 195 VAL A CG1 1 
ATOM   1039 C CG2 . VAL A 1 133 ? -11.839 -0.887  -3.366  1.00 24.11 ? 195 VAL A CG2 1 
ATOM   1040 N N   . PRO A 1 134 ? -15.887 0.963   -2.744  1.00 24.55 ? 196 PRO A N   1 
ATOM   1041 C CA  . PRO A 1 134 ? -16.385 1.875   -1.705  1.00 23.85 ? 196 PRO A CA  1 
ATOM   1042 C C   . PRO A 1 134 ? -16.646 1.226   -0.346  1.00 19.46 ? 196 PRO A C   1 
ATOM   1043 O O   . PRO A 1 134 ? -16.433 1.875   0.680   1.00 16.64 ? 196 PRO A O   1 
ATOM   1044 C CB  . PRO A 1 134 ? -17.700 2.399   -2.302  1.00 16.79 ? 196 PRO A CB  1 
ATOM   1045 C CG  . PRO A 1 134 ? -18.102 1.373   -3.307  1.00 21.48 ? 196 PRO A CG  1 
ATOM   1046 C CD  . PRO A 1 134 ? -16.822 0.861   -3.879  1.00 19.41 ? 196 PRO A CD  1 
ATOM   1047 N N   . ASN A 1 135 ? -17.092 -0.025  -0.335  1.00 18.30 ? 197 ASN A N   1 
ATOM   1048 C CA  . ASN A 1 135 ? -17.509 -0.667  0.909   1.00 19.13 ? 197 ASN A CA  1 
ATOM   1049 C C   . ASN A 1 135 ? -16.641 -1.855  1.311   1.00 23.16 ? 197 ASN A C   1 
ATOM   1050 O O   . ASN A 1 135 ? -16.927 -2.530  2.300   1.00 24.10 ? 197 ASN A O   1 
ATOM   1051 C CB  . ASN A 1 135 ? -18.965 -1.123  0.795   1.00 22.41 ? 197 ASN A CB  1 
ATOM   1052 C CG  . ASN A 1 135 ? -19.901 0.001   0.401   1.00 22.57 ? 197 ASN A CG  1 
ATOM   1053 O OD1 . ASN A 1 135 ? -20.694 -0.137  -0.530  1.00 31.44 ? 197 ASN A OD1 1 
ATOM   1054 N ND2 . ASN A 1 135 ? -19.810 1.124   1.102   1.00 19.09 ? 197 ASN A ND2 1 
ATOM   1055 N N   . ALA A 1 136 ? -15.586 -2.109  0.547   1.00 24.59 ? 198 ALA A N   1 
ATOM   1056 C CA  . ALA A 1 136 ? -14.764 -3.300  0.746   1.00 23.41 ? 198 ALA A CA  1 
ATOM   1057 C C   . ALA A 1 136 ? -13.967 -3.263  2.048   1.00 20.66 ? 198 ALA A C   1 
ATOM   1058 O O   . ALA A 1 136 ? -13.537 -2.203  2.501   1.00 21.90 ? 198 ALA A O   1 
ATOM   1059 C CB  . ALA A 1 136 ? -13.821 -3.487  -0.434  1.00 16.14 ? 198 ALA A CB  1 
ATOM   1060 N N   . VAL A 1 137 ? -13.779 -4.437  2.645   1.00 18.31 ? 199 VAL A N   1 
ATOM   1061 C CA  . VAL A 1 137 ? -12.927 -4.573  3.820   1.00 17.99 ? 199 VAL A CA  1 
ATOM   1062 C C   . VAL A 1 137 ? -11.484 -4.261  3.440   1.00 19.09 ? 199 VAL A C   1 
ATOM   1063 O O   . VAL A 1 137 ? -10.942 -4.848  2.503   1.00 15.69 ? 199 VAL A O   1 
ATOM   1064 C CB  . VAL A 1 137 ? -13.008 -5.991  4.428   1.00 20.51 ? 199 VAL A CB  1 
ATOM   1065 C CG1 . VAL A 1 137 ? -11.817 -6.258  5.337   1.00 17.28 ? 199 VAL A CG1 1 
ATOM   1066 C CG2 . VAL A 1 137 ? -14.321 -6.179  5.177   1.00 12.29 ? 199 VAL A CG2 1 
ATOM   1067 N N   . ILE A 1 138 ? -10.872 -3.328  4.160   1.00 20.25 ? 200 ILE A N   1 
ATOM   1068 C CA  . ILE A 1 138 ? -9.484  -2.967  3.910   1.00 18.39 ? 200 ILE A CA  1 
ATOM   1069 C C   . ILE A 1 138 ? -8.565  -3.583  4.957   1.00 20.30 ? 200 ILE A C   1 
ATOM   1070 O O   . ILE A 1 138 ? -8.784  -3.426  6.157   1.00 25.18 ? 200 ILE A O   1 
ATOM   1071 C CB  . ILE A 1 138 ? -9.286  -1.440  3.901   1.00 17.16 ? 200 ILE A CB  1 
ATOM   1072 C CG1 . ILE A 1 138 ? -10.044 -0.813  2.729   1.00 23.61 ? 200 ILE A CG1 1 
ATOM   1073 C CG2 . ILE A 1 138 ? -7.809  -1.094  3.812   1.00 18.48 ? 200 ILE A CG2 1 
ATOM   1074 C CD1 . ILE A 1 138 ? -9.890  0.689   2.638   1.00 14.08 ? 200 ILE A CD1 1 
ATOM   1075 N N   . ASN A 1 139 ? -7.538  -4.289  4.496   1.00 19.56 ? 201 ASN A N   1 
ATOM   1076 C CA  . ASN A 1 139 ? -6.557  -4.870  5.400   1.00 18.53 ? 201 ASN A CA  1 
ATOM   1077 C C   . ASN A 1 139 ? -5.290  -4.030  5.471   1.00 24.21 ? 201 ASN A C   1 
ATOM   1078 O O   . ASN A 1 139 ? -4.492  -4.006  4.534   1.00 23.98 ? 201 ASN A O   1 
ATOM   1079 C CB  . ASN A 1 139 ? -6.207  -6.297  4.975   1.00 18.27 ? 201 ASN A CB  1 
ATOM   1080 C CG  . ASN A 1 139 ? -5.262  -6.985  5.950   1.00 28.30 ? 201 ASN A CG  1 
ATOM   1081 O OD1 . ASN A 1 139 ? -4.998  -6.482  7.043   1.00 26.73 ? 201 ASN A OD1 1 
ATOM   1082 N ND2 . ASN A 1 139 ? -4.744  -8.142  5.550   1.00 30.10 ? 201 ASN A ND2 1 
ATOM   1083 N N   . LEU A 1 140 ? -5.119  -3.331  6.587   1.00 21.43 ? 202 LEU A N   1 
ATOM   1084 C CA  . LEU A 1 140 ? -3.854  -2.683  6.892   1.00 22.39 ? 202 LEU A CA  1 
ATOM   1085 C C   . LEU A 1 140 ? -3.039  -3.645  7.746   1.00 23.06 ? 202 LEU A C   1 
ATOM   1086 O O   . LEU A 1 140 ? -3.320  -3.818  8.928   1.00 22.27 ? 202 LEU A O   1 
ATOM   1087 C CB  . LEU A 1 140 ? -4.074  -1.355  7.618   1.00 16.08 ? 202 LEU A CB  1 
ATOM   1088 C CG  . LEU A 1 140 ? -4.996  -0.346  6.932   1.00 22.66 ? 202 LEU A CG  1 
ATOM   1089 C CD1 . LEU A 1 140 ? -5.063  0.948   7.730   1.00 22.88 ? 202 LEU A CD1 1 
ATOM   1090 C CD2 . LEU A 1 140 ? -4.541  -0.078  5.508   1.00 14.63 ? 202 LEU A CD2 1 
ATOM   1091 N N   . ASN A 1 141 ? -2.044  -4.286  7.142   1.00 22.62 ? 203 ASN A N   1 
ATOM   1092 C CA  . ASN A 1 141 ? -1.306  -5.346  7.819   1.00 20.15 ? 203 ASN A CA  1 
ATOM   1093 C C   . ASN A 1 141 ? -0.057  -4.826  8.528   1.00 24.77 ? 203 ASN A C   1 
ATOM   1094 O O   . ASN A 1 141 ? 1.015   -5.425  8.443   1.00 24.75 ? 203 ASN A O   1 
ATOM   1095 C CB  . ASN A 1 141 ? -0.933  -6.445  6.821   1.00 23.53 ? 203 ASN A CB  1 
ATOM   1096 C CG  . ASN A 1 141 ? -0.571  -7.753  7.501   1.00 25.46 ? 203 ASN A CG  1 
ATOM   1097 O OD1 . ASN A 1 141 ? -1.226  -8.170  8.457   1.00 25.48 ? 203 ASN A OD1 1 
ATOM   1098 N ND2 . ASN A 1 141 ? 0.473   -8.407  7.009   1.00 23.54 ? 203 ASN A ND2 1 
ATOM   1099 N N   . ALA A 1 142 ? -0.212  -3.707  9.230   1.00 25.56 ? 204 ALA A N   1 
ATOM   1100 C CA  . ALA A 1 142 ? 0.874   -3.099  9.988   1.00 23.17 ? 204 ALA A CA  1 
ATOM   1101 C C   . ALA A 1 142 ? 0.319   -2.018  10.903  1.00 21.71 ? 204 ALA A C   1 
ATOM   1102 O O   . ALA A 1 142 ? -0.840  -1.626  10.770  1.00 24.07 ? 204 ALA A O   1 
ATOM   1103 C CB  . ALA A 1 142 ? 1.927   -2.517  9.053   1.00 23.01 ? 204 ALA A CB  1 
ATOM   1104 N N   . ASP A 1 143 ? 1.142   -1.543  11.834  1.00 22.85 ? 205 ASP A N   1 
ATOM   1105 C CA  . ASP A 1 143 ? 0.768   -0.399  12.655  1.00 20.14 ? 205 ASP A CA  1 
ATOM   1106 C C   . ASP A 1 143 ? 0.523   0.798   11.745  1.00 22.22 ? 205 ASP A C   1 
ATOM   1107 O O   . ASP A 1 143 ? 1.324   1.078   10.854  1.00 20.15 ? 205 ASP A O   1 
ATOM   1108 C CB  . ASP A 1 143 ? 1.855   -0.072  13.681  1.00 17.73 ? 205 ASP A CB  1 
ATOM   1109 C CG  . ASP A 1 143 ? 1.953   -1.110  14.783  1.00 18.82 ? 205 ASP A CG  1 
ATOM   1110 O OD1 . ASP A 1 143 ? 0.951   -1.810  15.041  1.00 21.65 ? 205 ASP A OD1 1 
ATOM   1111 O OD2 . ASP A 1 143 ? 3.035   -1.219  15.395  1.00 21.86 ? 205 ASP A OD2 1 
ATOM   1112 N N   . PHE A 1 144 ? -0.588  1.496   11.955  1.00 21.88 ? 206 PHE A N   1 
ATOM   1113 C CA  . PHE A 1 144 ? -0.916  2.621   11.088  1.00 20.67 ? 206 PHE A CA  1 
ATOM   1114 C C   . PHE A 1 144 ? -1.396  3.850   11.850  1.00 20.55 ? 206 PHE A C   1 
ATOM   1115 O O   . PHE A 1 144 ? -1.929  3.751   12.956  1.00 18.73 ? 206 PHE A O   1 
ATOM   1116 C CB  . PHE A 1 144 ? -1.968  2.207   10.051  1.00 18.94 ? 206 PHE A CB  1 
ATOM   1117 C CG  . PHE A 1 144 ? -3.327  1.919   10.630  1.00 15.55 ? 206 PHE A CG  1 
ATOM   1118 C CD1 . PHE A 1 144 ? -3.644  0.652   11.088  1.00 14.61 ? 206 PHE A CD1 1 
ATOM   1119 C CD2 . PHE A 1 144 ? -4.297  2.908   10.689  1.00 15.55 ? 206 PHE A CD2 1 
ATOM   1120 C CE1 . PHE A 1 144 ? -4.895  0.380   11.610  1.00 14.15 ? 206 PHE A CE1 1 
ATOM   1121 C CE2 . PHE A 1 144 ? -5.550  2.642   11.210  1.00 14.41 ? 206 PHE A CE2 1 
ATOM   1122 C CZ  . PHE A 1 144 ? -5.849  1.376   11.671  1.00 14.14 ? 206 PHE A CZ  1 
ATOM   1123 N N   . TYR A 1 145 ? -1.193  5.010   11.234  1.00 17.71 ? 207 TYR A N   1 
ATOM   1124 C CA  . TYR A 1 145 ? -1.651  6.279   11.782  1.00 20.69 ? 207 TYR A CA  1 
ATOM   1125 C C   . TYR A 1 145 ? -2.756  6.836   10.896  1.00 21.08 ? 207 TYR A C   1 
ATOM   1126 O O   . TYR A 1 145 ? -2.854  6.480   9.722   1.00 21.49 ? 207 TYR A O   1 
ATOM   1127 C CB  . TYR A 1 145 ? -0.499  7.280   11.885  1.00 17.77 ? 207 TYR A CB  1 
ATOM   1128 C CG  . TYR A 1 145 ? 0.684   6.811   12.700  1.00 21.21 ? 207 TYR A CG  1 
ATOM   1129 C CD1 . TYR A 1 145 ? 1.590   5.892   12.183  1.00 22.18 ? 207 TYR A CD1 1 
ATOM   1130 C CD2 . TYR A 1 145 ? 0.906   7.299   13.981  1.00 21.87 ? 207 TYR A CD2 1 
ATOM   1131 C CE1 . TYR A 1 145 ? 2.673   5.464   12.923  1.00 22.42 ? 207 TYR A CE1 1 
ATOM   1132 C CE2 . TYR A 1 145 ? 1.990   6.878   14.729  1.00 21.20 ? 207 TYR A CE2 1 
ATOM   1133 C CZ  . TYR A 1 145 ? 2.869   5.960   14.192  1.00 22.25 ? 207 TYR A CZ  1 
ATOM   1134 O OH  . TYR A 1 145 ? 3.950   5.535   14.925  1.00 26.70 ? 207 TYR A OH  1 
ATOM   1135 N N   . VAL A 1 146 ? -3.579  7.718   11.453  1.00 19.07 ? 208 VAL A N   1 
ATOM   1136 C CA  . VAL A 1 146 ? -4.699  8.272   10.706  1.00 21.13 ? 208 VAL A CA  1 
ATOM   1137 C C   . VAL A 1 146 ? -4.549  9.772   10.482  1.00 23.68 ? 208 VAL A C   1 
ATOM   1138 O O   . VAL A 1 146 ? -4.376  10.542  11.427  1.00 25.85 ? 208 VAL A O   1 
ATOM   1139 C CB  . VAL A 1 146 ? -6.037  7.999   11.418  1.00 24.49 ? 208 VAL A CB  1 
ATOM   1140 C CG1 . VAL A 1 146 ? -7.184  8.655   10.664  1.00 22.68 ? 208 VAL A CG1 1 
ATOM   1141 C CG2 . VAL A 1 146 ? -6.267  6.500   11.547  1.00 21.84 ? 208 VAL A CG2 1 
ATOM   1142 N N   . ILE A 1 147 ? -4.609  10.173  9.216   1.00 26.09 ? 209 ILE A N   1 
ATOM   1143 C CA  . ILE A 1 147 ? -4.524  11.575  8.833   1.00 23.39 ? 209 ILE A CA  1 
ATOM   1144 C C   . ILE A 1 147 ? -5.681  11.912  7.900   1.00 26.95 ? 209 ILE A C   1 
ATOM   1145 O O   . ILE A 1 147 ? -5.925  11.195  6.930   1.00 22.68 ? 209 ILE A O   1 
ATOM   1146 C CB  . ILE A 1 147 ? -3.182  11.894  8.132   1.00 24.62 ? 209 ILE A CB  1 
ATOM   1147 C CG1 . ILE A 1 147 ? -2.000  11.460  9.001   1.00 18.03 ? 209 ILE A CG1 1 
ATOM   1148 C CG2 . ILE A 1 147 ? -3.084  13.376  7.800   1.00 25.98 ? 209 ILE A CG2 1 
ATOM   1149 C CD1 . ILE A 1 147 ? -0.732  11.195  8.217   1.00 19.74 ? 209 ILE A CD1 1 
ATOM   1150 N N   . PRO A 1 148 ? -6.411  12.997  8.198   1.00 27.67 ? 210 PRO A N   1 
ATOM   1151 C CA  . PRO A 1 148 ? -7.492  13.413  7.297   1.00 29.33 ? 210 PRO A CA  1 
ATOM   1152 C C   . PRO A 1 148 ? -6.952  13.743  5.909   1.00 32.31 ? 210 PRO A C   1 
ATOM   1153 O O   . PRO A 1 148 ? -5.830  14.234  5.806   1.00 29.02 ? 210 PRO A O   1 
ATOM   1154 C CB  . PRO A 1 148 ? -8.064  14.663  7.979   1.00 28.52 ? 210 PRO A CB  1 
ATOM   1155 C CG  . PRO A 1 148 ? -7.614  14.577  9.402   1.00 29.04 ? 210 PRO A CG  1 
ATOM   1156 C CD  . PRO A 1 148 ? -6.292  13.879  9.370   1.00 23.36 ? 210 PRO A CD  1 
ATOM   1157 N N   . ASP A 1 149 ? -7.731  13.491  4.859   1.00 35.89 ? 211 ASP A N   1 
ATOM   1158 C CA  . ASP A 1 149 ? -7.297  13.855  3.511   1.00 39.41 ? 211 ASP A CA  1 
ATOM   1159 C C   . ASP A 1 149 ? -7.302  15.376  3.372   1.00 39.04 ? 211 ASP A C   1 
ATOM   1160 O O   . ASP A 1 149 ? -6.925  15.923  2.342   1.00 40.05 ? 211 ASP A O   1 
ATOM   1161 C CB  . ASP A 1 149 ? -8.172  13.190  2.443   1.00 31.87 ? 211 ASP A CB  1 
ATOM   1162 C CG  . ASP A 1 149 ? -9.628  13.607  2.524   1.00 37.11 ? 211 ASP A CG  1 
ATOM   1163 O OD1 . ASP A 1 149 ? -10.033 14.240  3.522   1.00 41.56 ? 211 ASP A OD1 1 
ATOM   1164 O OD2 . ASP A 1 149 ? -10.375 13.295  1.574   1.00 37.28 ? 211 ASP A OD2 1 
ATOM   1165 N N   . SER A 1 150 ? -7.748  16.036  4.437   1.00 41.65 ? 212 SER A N   1 
ATOM   1166 C CA  . SER A 1 150 ? -7.581  17.462  4.641   1.00 39.43 ? 212 SER A CA  1 
ATOM   1167 C C   . SER A 1 150 ? -6.099  17.786  4.649   1.00 37.44 ? 212 SER A C   1 
ATOM   1168 O O   . SER A 1 150 ? -5.663  18.806  4.103   1.00 36.39 ? 212 SER A O   1 
ATOM   1169 C CB  . SER A 1 150 ? -8.204  17.892  5.967   1.00 38.18 ? 212 SER A CB  1 
ATOM   1170 O OG  . SER A 1 150 ? -9.603  17.991  5.862   1.00 46.18 ? 212 SER A OG  1 
ATOM   1171 N N   . GLN A 1 151 ? -5.324  16.905  5.274   1.00 35.37 ? 213 GLN A N   1 
ATOM   1172 C CA  . GLN A 1 151 ? -3.900  17.141  5.439   1.00 33.55 ? 213 GLN A CA  1 
ATOM   1173 C C   . GLN A 1 151 ? -3.048  16.122  4.686   1.00 32.26 ? 213 GLN A C   1 
ATOM   1174 O O   . GLN A 1 151 ? -2.183  15.471  5.264   1.00 29.72 ? 213 GLN A O   1 
ATOM   1175 C CB  . GLN A 1 151 ? -3.553  17.157  6.931   1.00 31.19 ? 213 GLN A CB  1 
ATOM   1176 C CG  . GLN A 1 151 ? -4.382  18.173  7.703   1.00 33.69 ? 213 GLN A CG  1 
ATOM   1177 C CD  . GLN A 1 151 ? -4.195  19.584  7.162   1.00 40.37 ? 213 GLN A CD  1 
ATOM   1178 O OE1 . GLN A 1 151 ? -3.077  19.999  6.857   1.00 48.24 ? 213 GLN A OE1 1 
ATOM   1179 N NE2 . GLN A 1 151 ? -5.294  20.321  7.025   1.00 44.54 ? 213 GLN A NE2 1 
ATOM   1180 N N   . GLN A 1 152 ? -3.294  15.996  3.385   1.00 30.42 ? 214 GLN A N   1 
ATOM   1181 C CA  . GLN A 1 152 ? -2.487  15.142  2.513   1.00 31.42 ? 214 GLN A CA  1 
ATOM   1182 C C   . GLN A 1 152 ? -1.032  15.577  2.523   1.00 27.92 ? 214 GLN A C   1 
ATOM   1183 O O   . GLN A 1 152 ? -0.129  14.794  2.261   1.00 26.83 ? 214 GLN A O   1 
ATOM   1184 C CB  . GLN A 1 152 ? -3.079  15.162  1.095   1.00 29.16 ? 214 GLN A CB  1 
ATOM   1185 C CG  . GLN A 1 152 ? -2.339  14.343  0.060   1.00 30.84 ? 214 GLN A CG  1 
ATOM   1186 C CD  . GLN A 1 152 ? -3.140  14.136  -1.223  1.00 34.01 ? 214 GLN A CD  1 
ATOM   1187 O OE1 . GLN A 1 152 ? -4.363  14.305  -1.252  1.00 40.01 ? 214 GLN A OE1 1 
ATOM   1188 N NE2 . GLN A 1 152 ? -2.444  13.782  -2.297  1.00 35.21 ? 214 GLN A NE2 1 
ATOM   1189 N N   . GLU A 1 153 ? -0.840  16.844  2.864   1.00 22.47 ? 215 GLU A N   1 
ATOM   1190 C CA  . GLU A 1 153 ? 0.467   17.471  2.927   1.00 26.85 ? 215 GLU A CA  1 
ATOM   1191 C C   . GLU A 1 153 ? 1.255   17.016  4.154   1.00 24.19 ? 215 GLU A C   1 
ATOM   1192 O O   . GLU A 1 153 ? 2.484   16.950  4.129   1.00 15.03 ? 215 GLU A O   1 
ATOM   1193 C CB  . GLU A 1 153 ? 0.318   18.995  2.937   1.00 26.55 ? 215 GLU A CB  1 
ATOM   1194 C CG  . GLU A 1 153 ? -0.352  19.548  4.190   1.00 31.70 ? 215 GLU A CG  1 
ATOM   1195 C CD  . GLU A 1 153 ? -0.895  20.948  4.006   1.00 38.29 ? 215 GLU A CD  1 
ATOM   1196 O OE1 . GLU A 1 153 ? -1.521  21.210  2.958   1.00 34.25 ? 215 GLU A OE1 1 
ATOM   1197 O OE2 . GLU A 1 153 ? -0.689  21.791  4.908   1.00 39.72 ? 215 GLU A OE2 1 
ATOM   1198 N N   . THR A 1 154 ? 0.538   16.698  5.226   1.00 25.12 ? 216 THR A N   1 
ATOM   1199 C CA  . THR A 1 154 ? 1.157   16.201  6.449   1.00 23.66 ? 216 THR A CA  1 
ATOM   1200 C C   . THR A 1 154 ? 1.590   14.762  6.232   1.00 20.21 ? 216 THR A C   1 
ATOM   1201 O O   . THR A 1 154 ? 2.645   14.334  6.698   1.00 25.48 ? 216 THR A O   1 
ATOM   1202 C CB  . THR A 1 154 ? 0.193   16.288  7.651   1.00 19.90 ? 216 THR A CB  1 
ATOM   1203 O OG1 . THR A 1 154 ? -0.241  17.643  7.819   1.00 25.17 ? 216 THR A OG1 1 
ATOM   1204 C CG2 . THR A 1 154 ? 0.879   15.822  8.926   1.00 27.31 ? 216 THR A CG2 1 
ATOM   1205 N N   . CYS A 1 155 ? 0.765   14.023  5.501   1.00 19.77 ? 217 CYS A N   1 
ATOM   1206 C CA  . CYS A 1 155 ? 1.074   12.649  5.147   1.00 20.99 ? 217 CYS A CA  1 
ATOM   1207 C C   . CYS A 1 155 ? 2.275   12.592  4.210   1.00 20.81 ? 217 CYS A C   1 
ATOM   1208 O O   . CYS A 1 155 ? 3.135   11.721  4.338   1.00 16.86 ? 217 CYS A O   1 
ATOM   1209 C CB  . CYS A 1 155 ? -0.138  11.984  4.498   1.00 21.41 ? 217 CYS A CB  1 
ATOM   1210 S SG  . CYS A 1 155 ? 0.127   10.262  4.076   1.00 20.80 ? 217 CYS A SG  1 
ATOM   1211 N N   . THR A 1 156 ? 2.325   13.533  3.271   1.00 19.79 ? 218 THR A N   1 
ATOM   1212 C CA  . THR A 1 156 ? 3.423   13.624  2.315   1.00 19.50 ? 218 THR A CA  1 
ATOM   1213 C C   . THR A 1 156 ? 4.749   13.919  3.016   1.00 20.70 ? 218 THR A C   1 
ATOM   1214 O O   . THR A 1 156 ? 5.793   13.390  2.634   1.00 20.71 ? 218 THR A O   1 
ATOM   1215 C CB  . THR A 1 156 ? 3.149   14.709  1.253   1.00 22.36 ? 218 THR A CB  1 
ATOM   1216 O OG1 . THR A 1 156 ? 1.974   14.363  0.509   1.00 22.40 ? 218 THR A OG1 1 
ATOM   1217 C CG2 . THR A 1 156 ? 4.322   14.837  0.293   1.00 22.38 ? 218 THR A CG2 1 
ATOM   1218 N N   . GLU A 1 157 ? 4.696   14.759  4.048   1.00 19.21 ? 219 GLU A N   1 
ATOM   1219 C CA  . GLU A 1 157 ? 5.881   15.109  4.830   1.00 22.71 ? 219 GLU A CA  1 
ATOM   1220 C C   . GLU A 1 157 ? 6.571   13.874  5.396   1.00 21.92 ? 219 GLU A C   1 
ATOM   1221 O O   . GLU A 1 157 ? 7.788   13.724  5.288   1.00 23.52 ? 219 GLU A O   1 
ATOM   1222 C CB  . GLU A 1 157 ? 5.509   16.056  5.972   1.00 27.46 ? 219 GLU A CB  1 
ATOM   1223 C CG  . GLU A 1 157 ? 6.668   16.390  6.899   1.00 21.16 ? 219 GLU A CG  1 
ATOM   1224 C CD  . GLU A 1 157 ? 6.212   16.992  8.214   1.00 31.71 ? 219 GLU A CD  1 
ATOM   1225 O OE1 . GLU A 1 157 ? 5.076   17.510  8.272   1.00 29.43 ? 219 GLU A OE1 1 
ATOM   1226 O OE2 . GLU A 1 157 ? 6.988   16.940  9.191   1.00 32.12 ? 219 GLU A OE2 1 
ATOM   1227 N N   . TYR A 1 158 ? 5.780   12.990  5.994   1.00 17.26 ? 220 TYR A N   1 
ATOM   1228 C CA  . TYR A 1 158 ? 6.310   11.786  6.620   1.00 23.14 ? 220 TYR A CA  1 
ATOM   1229 C C   . TYR A 1 158 ? 6.763   10.758  5.586   1.00 19.34 ? 220 TYR A C   1 
ATOM   1230 O O   . TYR A 1 158 ? 7.707   10.009  5.824   1.00 20.62 ? 220 TYR A O   1 
ATOM   1231 C CB  . TYR A 1 158 ? 5.261   11.182  7.556   1.00 23.70 ? 220 TYR A CB  1 
ATOM   1232 C CG  . TYR A 1 158 ? 4.846   12.125  8.662   1.00 20.58 ? 220 TYR A CG  1 
ATOM   1233 C CD1 . TYR A 1 158 ? 5.795   12.843  9.375   1.00 27.59 ? 220 TYR A CD1 1 
ATOM   1234 C CD2 . TYR A 1 158 ? 3.508   12.311  8.979   1.00 27.68 ? 220 TYR A CD2 1 
ATOM   1235 C CE1 . TYR A 1 158 ? 5.426   13.711  10.384  1.00 30.79 ? 220 TYR A CE1 1 
ATOM   1236 C CE2 . TYR A 1 158 ? 3.128   13.179  9.985   1.00 24.03 ? 220 TYR A CE2 1 
ATOM   1237 C CZ  . TYR A 1 158 ? 4.091   13.876  10.685  1.00 27.33 ? 220 TYR A CZ  1 
ATOM   1238 O OH  . TYR A 1 158 ? 3.722   14.742  11.688  1.00 27.74 ? 220 TYR A OH  1 
ATOM   1239 N N   . ILE A 1 159 ? 6.089   10.725  4.441   1.00 24.12 ? 221 ILE A N   1 
ATOM   1240 C CA  . ILE A 1 159 ? 6.483   9.832   3.356   1.00 23.97 ? 221 ILE A CA  1 
ATOM   1241 C C   . ILE A 1 159 ? 7.879   10.192  2.853   1.00 23.34 ? 221 ILE A C   1 
ATOM   1242 O O   . ILE A 1 159 ? 8.704   9.312   2.597   1.00 21.88 ? 221 ILE A O   1 
ATOM   1243 C CB  . ILE A 1 159 ? 5.477   9.883   2.186   1.00 22.13 ? 221 ILE A CB  1 
ATOM   1244 C CG1 . ILE A 1 159 ? 4.149   9.249   2.602   1.00 21.61 ? 221 ILE A CG1 1 
ATOM   1245 C CG2 . ILE A 1 159 ? 6.035   9.176   0.956   1.00 19.31 ? 221 ILE A CG2 1 
ATOM   1246 C CD1 . ILE A 1 159 ? 4.190   7.738   2.682   1.00 21.63 ? 221 ILE A CD1 1 
ATOM   1247 N N   . ARG A 1 160 ? 8.145   11.489  2.734   1.00 20.79 ? 222 ARG A N   1 
ATOM   1248 C CA  . ARG A 1 160 ? 9.440   11.963  2.256   1.00 24.56 ? 222 ARG A CA  1 
ATOM   1249 C C   . ARG A 1 160 ? 10.529  11.888  3.323   1.00 22.78 ? 222 ARG A C   1 
ATOM   1250 O O   . ARG A 1 160 ? 11.648  11.465  3.040   1.00 25.87 ? 222 ARG A O   1 
ATOM   1251 C CB  . ARG A 1 160 ? 9.334   13.406  1.751   1.00 22.06 ? 222 ARG A CB  1 
ATOM   1252 C CG  . ARG A 1 160 ? 8.496   13.598  0.499   1.00 25.60 ? 222 ARG A CG  1 
ATOM   1253 C CD  . ARG A 1 160 ? 8.690   15.005  -0.053  1.00 29.60 ? 222 ARG A CD  1 
ATOM   1254 N NE  . ARG A 1 160 ? 7.636   15.400  -0.984  1.00 29.03 ? 222 ARG A NE  1 
ATOM   1255 C CZ  . ARG A 1 160 ? 7.685   15.202  -2.297  1.00 24.34 ? 222 ARG A CZ  1 
ATOM   1256 N NH1 . ARG A 1 160 ? 8.737   14.609  -2.843  1.00 28.58 ? 222 ARG A NH1 1 
ATOM   1257 N NH2 . ARG A 1 160 ? 6.680   15.598  -3.066  1.00 19.94 ? 222 ARG A NH2 1 
ATOM   1258 N N   . GLY A 1 161 ? 10.201  12.303  4.543   1.00 25.01 ? 223 GLY A N   1 
ATOM   1259 C CA  . GLY A 1 161 ? 11.212  12.480  5.570   1.00 21.27 ? 223 GLY A CA  1 
ATOM   1260 C C   . GLY A 1 161 ? 11.144  11.568  6.780   1.00 24.01 ? 223 GLY A C   1 
ATOM   1261 O O   . GLY A 1 161 ? 11.944  11.706  7.706   1.00 25.91 ? 223 GLY A O   1 
ATOM   1262 N N   . GLY A 1 162 ? 10.200  10.634  6.784   1.00 26.55 ? 224 GLY A N   1 
ATOM   1263 C CA  . GLY A 1 162 ? 10.060  9.716   7.901   1.00 21.23 ? 224 GLY A CA  1 
ATOM   1264 C C   . GLY A 1 162 ? 9.275   10.326  9.047   1.00 22.07 ? 224 GLY A C   1 
ATOM   1265 O O   . GLY A 1 162 ? 8.805   11.459  8.952   1.00 26.70 ? 224 GLY A O   1 
ATOM   1266 N N   . LEU A 1 163 ? 9.134   9.574   10.133  1.00 27.89 ? 225 LEU A N   1 
ATOM   1267 C CA  . LEU A 1 163 ? 8.355   10.023  11.282  1.00 34.49 ? 225 LEU A CA  1 
ATOM   1268 C C   . LEU A 1 163 ? 9.198   10.065  12.553  1.00 28.53 ? 225 LEU A C   1 
ATOM   1269 O O   . LEU A 1 163 ? 10.222  9.390   12.655  1.00 28.46 ? 225 LEU A O   1 
ATOM   1270 C CB  . LEU A 1 163 ? 7.139   9.115   11.486  1.00 34.23 ? 225 LEU A CB  1 
ATOM   1271 C CG  . LEU A 1 163 ? 6.250   9.382   12.703  1.00 32.47 ? 225 LEU A CG  1 
ATOM   1272 C CD1 . LEU A 1 163 ? 5.778   10.828  12.732  1.00 26.35 ? 225 LEU A CD1 1 
ATOM   1273 C CD2 . LEU A 1 163 ? 5.065   8.428   12.711  1.00 30.23 ? 225 LEU A CD2 1 
HETATM 1274 S S   . SO4 B 2 .   ? 11.521  3.516   9.470   1.00 34.20 ? 301 SO4 A S   1 
HETATM 1275 O O1  . SO4 B 2 .   ? 12.001  3.611   10.844  1.00 43.53 ? 301 SO4 A O1  1 
HETATM 1276 O O2  . SO4 B 2 .   ? 12.523  2.818   8.667   1.00 28.49 ? 301 SO4 A O2  1 
HETATM 1277 O O3  . SO4 B 2 .   ? 10.267  2.769   9.442   1.00 32.57 ? 301 SO4 A O3  1 
HETATM 1278 O O4  . SO4 B 2 .   ? 11.294  4.857   8.944   1.00 35.34 ? 301 SO4 A O4  1 
HETATM 1279 S S   . SO4 C 2 .   ? 3.841   -0.007  -17.353 1.00 39.42 ? 302 SO4 A S   1 
HETATM 1280 O O1  . SO4 C 2 .   ? 4.485   0.476   -18.571 1.00 31.61 ? 302 SO4 A O1  1 
HETATM 1281 O O2  . SO4 C 2 .   ? 4.667   0.327   -16.196 1.00 42.23 ? 302 SO4 A O2  1 
HETATM 1282 O O3  . SO4 C 2 .   ? 3.676   -1.456  -17.433 1.00 43.19 ? 302 SO4 A O3  1 
HETATM 1283 O O4  . SO4 C 2 .   ? 2.534   0.628   -17.212 1.00 40.60 ? 302 SO4 A O4  1 
HETATM 1284 S S   . SO4 D 2 .   ? 13.628  -2.671  13.343  1.00 51.41 ? 303 SO4 A S   1 
HETATM 1285 O O1  . SO4 D 2 .   ? 14.998  -2.629  13.733  1.00 43.34 ? 303 SO4 A O1  1 
HETATM 1286 O O2  . SO4 D 2 .   ? 13.610  -3.364  12.108  1.00 52.23 ? 303 SO4 A O2  1 
HETATM 1287 O O3  . SO4 D 2 .   ? 12.879  -3.413  14.284  1.00 45.15 ? 303 SO4 A O3  1 
HETATM 1288 O O4  . SO4 D 2 .   ? 13.106  -1.356  13.243  1.00 41.41 ? 303 SO4 A O4  1 
HETATM 1289 O O   . HOH E 3 .   ? -18.801 1.705   2.856   1.00 23.32 ? 401 HOH A O   1 
HETATM 1290 O O   . HOH E 3 .   ? 1.366   -18.909 -7.938  1.00 26.38 ? 402 HOH A O   1 
HETATM 1291 O O   . HOH E 3 .   ? -19.420 -8.867  -4.355  1.00 28.99 ? 403 HOH A O   1 
HETATM 1292 O O   . HOH E 3 .   ? 16.335  -4.392  14.375  1.00 32.13 ? 404 HOH A O   1 
HETATM 1293 O O   . HOH E 3 .   ? 11.571  -10.251 -10.422 1.00 28.75 ? 405 HOH A O   1 
HETATM 1294 O O   . HOH E 3 .   ? -7.657  -19.953 -0.237  1.00 31.28 ? 406 HOH A O   1 
HETATM 1295 O O   . HOH E 3 .   ? -6.096  -10.265 -17.380 1.00 35.28 ? 407 HOH A O   1 
HETATM 1296 O O   . HOH E 3 .   ? -7.260  0.107   -10.900 1.00 21.53 ? 408 HOH A O   1 
HETATM 1297 O O   . HOH E 3 .   ? 4.173   1.578   -13.648 1.00 28.78 ? 409 HOH A O   1 
HETATM 1298 O O   . HOH E 3 .   ? 14.550  3.233   7.317   1.00 19.75 ? 410 HOH A O   1 
HETATM 1299 O O   . HOH E 3 .   ? 19.475  0.037   2.861   1.00 23.07 ? 411 HOH A O   1 
HETATM 1300 O O   . HOH E 3 .   ? 7.371   14.876  -5.877  1.00 24.51 ? 412 HOH A O   1 
HETATM 1301 O O   . HOH E 3 .   ? 8.992   14.561  -12.556 1.00 24.07 ? 413 HOH A O   1 
HETATM 1302 O O   . HOH E 3 .   ? -10.300 -7.173  1.603   1.00 23.51 ? 414 HOH A O   1 
HETATM 1303 O O   . HOH E 3 .   ? 1.323   15.641  -1.630  1.00 20.54 ? 415 HOH A O   1 
HETATM 1304 O O   . HOH E 3 .   ? -10.334 -9.763  -14.795 1.00 25.65 ? 416 HOH A O   1 
HETATM 1305 O O   . HOH E 3 .   ? -17.001 -1.868  -2.155  1.00 22.64 ? 417 HOH A O   1 
HETATM 1306 O O   . HOH E 3 .   ? -13.025 -3.731  -12.030 1.00 27.11 ? 418 HOH A O   1 
HETATM 1307 O O   . HOH E 3 .   ? 10.594  17.019  -2.562  1.00 25.41 ? 419 HOH A O   1 
HETATM 1308 O O   . HOH E 3 .   ? -14.519 -1.500  -9.231  1.00 23.54 ? 420 HOH A O   1 
HETATM 1309 O O   . HOH E 3 .   ? 18.728  -7.370  2.177   1.00 16.18 ? 421 HOH A O   1 
HETATM 1310 O O   . HOH E 3 .   ? 18.565  -11.602 -1.312  1.00 26.70 ? 422 HOH A O   1 
HETATM 1311 O O   . HOH E 3 .   ? 12.825  11.982  0.409   1.00 18.48 ? 423 HOH A O   1 
HETATM 1312 O O   . HOH E 3 .   ? -7.835  -5.554  -15.130 1.00 32.41 ? 424 HOH A O   1 
HETATM 1313 O O   . HOH E 3 .   ? -11.388 -13.478 -15.888 1.00 21.44 ? 425 HOH A O   1 
HETATM 1314 O O   . HOH E 3 .   ? -7.476  7.276   19.356  1.00 31.83 ? 426 HOH A O   1 
HETATM 1315 O O   . HOH E 3 .   ? -3.536  -6.007  15.145  1.00 20.63 ? 427 HOH A O   1 
HETATM 1316 O O   . HOH E 3 .   ? -4.995  17.727  1.468   1.00 28.69 ? 428 HOH A O   1 
HETATM 1317 O O   . HOH E 3 .   ? 4.415   2.791   14.804  1.00 25.41 ? 429 HOH A O   1 
HETATM 1318 O O   . HOH E 3 .   ? 3.693   -2.528  12.395  1.00 18.94 ? 430 HOH A O   1 
HETATM 1319 O O   . HOH E 3 .   ? -7.038  14.282  16.616  1.00 25.13 ? 431 HOH A O   1 
HETATM 1320 O O   . HOH E 3 .   ? 3.505   -6.449  7.623   1.00 29.50 ? 432 HOH A O   1 
HETATM 1321 O O   . HOH E 3 .   ? -6.768  -16.611 -16.275 1.00 24.67 ? 433 HOH A O   1 
HETATM 1322 O O   . HOH E 3 .   ? -4.454  -14.788 -9.302  1.00 18.71 ? 434 HOH A O   1 
HETATM 1323 O O   . HOH E 3 .   ? -13.220 12.270  -2.101  1.00 30.22 ? 435 HOH A O   1 
HETATM 1324 O O   . HOH E 3 .   ? 8.086   6.055   -12.109 1.00 21.35 ? 436 HOH A O   1 
HETATM 1325 O O   . HOH E 3 .   ? -14.045 0.035   10.788  1.00 24.12 ? 437 HOH A O   1 
HETATM 1326 O O   . HOH E 3 .   ? 15.008  -12.790 -0.277  1.00 21.88 ? 438 HOH A O   1 
HETATM 1327 O O   . HOH E 3 .   ? 13.567  12.538  -9.364  1.00 23.42 ? 439 HOH A O   1 
HETATM 1328 O O   . HOH E 3 .   ? 16.802  3.047   3.187   1.00 24.39 ? 440 HOH A O   1 
HETATM 1329 O O   . HOH E 3 .   ? -17.543 -5.434  2.543   1.00 30.22 ? 441 HOH A O   1 
HETATM 1330 O O   . HOH E 3 .   ? 13.763  7.763   -2.441  1.00 32.77 ? 442 HOH A O   1 
HETATM 1331 O O   . HOH E 3 .   ? -17.306 -2.860  -4.873  1.00 43.01 ? 443 HOH A O   1 
HETATM 1332 O O   . HOH E 3 .   ? 16.336  -2.600  -9.303  1.00 21.19 ? 444 HOH A O   1 
HETATM 1333 O O   . HOH E 3 .   ? 19.460  -11.151 -8.387  1.00 35.82 ? 445 HOH A O   1 
HETATM 1334 O O   . HOH E 3 .   ? 5.405   17.920  -1.608  1.00 8.61  ? 446 HOH A O   1 
HETATM 1335 O O   . HOH E 3 .   ? 1.182   -12.527 -10.707 1.00 33.22 ? 447 HOH A O   1 
HETATM 1336 O O   . HOH E 3 .   ? 1.150   -16.400 -9.353  1.00 18.88 ? 448 HOH A O   1 
HETATM 1337 O O   . HOH E 3 .   ? 3.317   -11.575 3.334   1.00 24.38 ? 449 HOH A O   1 
HETATM 1338 O O   . HOH E 3 .   ? 7.309   -16.851 -7.536  1.00 26.66 ? 450 HOH A O   1 
HETATM 1339 O O   . HOH E 3 .   ? 5.836   19.618  6.111   1.00 28.06 ? 451 HOH A O   1 
HETATM 1340 O O   . HOH E 3 .   ? 13.964  -3.883  8.086   1.00 27.20 ? 452 HOH A O   1 
HETATM 1341 O O   . HOH E 3 .   ? 11.078  -1.563  16.168  1.00 31.24 ? 453 HOH A O   1 
HETATM 1342 O O   . HOH E 3 .   ? -14.453 10.662  7.256   1.00 34.79 ? 454 HOH A O   1 
HETATM 1343 O O   . HOH E 3 .   ? 18.184  -10.151 1.195   1.00 25.36 ? 455 HOH A O   1 
HETATM 1344 O O   . HOH E 3 .   ? -14.780 5.435   -10.588 1.00 30.25 ? 456 HOH A O   1 
HETATM 1345 O O   . HOH E 3 .   ? 16.782  -17.969 -5.495  1.00 29.01 ? 457 HOH A O   1 
HETATM 1346 O O   . HOH E 3 .   ? 9.648   17.638  -5.041  1.00 38.53 ? 458 HOH A O   1 
HETATM 1347 O O   . HOH E 3 .   ? 18.454  4.954   1.941   1.00 36.07 ? 459 HOH A O   1 
HETATM 1348 O O   . HOH E 3 .   ? -7.266  -11.759 -18.113 1.00 28.97 ? 460 HOH A O   1 
HETATM 1349 O O   . HOH E 3 .   ? -10.946 12.596  9.333   1.00 32.54 ? 461 HOH A O   1 
HETATM 1350 O O   . HOH E 3 .   ? -9.736  6.468   3.458   1.00 15.67 ? 462 HOH A O   1 
HETATM 1351 O O   . HOH E 3 .   ? 3.066   0.684   -3.022  1.00 14.93 ? 463 HOH A O   1 
HETATM 1352 O O   . HOH E 3 .   ? -9.514  1.715   -6.698  1.00 22.35 ? 464 HOH A O   1 
HETATM 1353 O O   . HOH E 3 .   ? -3.797  -9.238  9.902   1.00 29.93 ? 465 HOH A O   1 
HETATM 1354 O O   . HOH E 3 .   ? 14.617  -10.201 1.367   1.00 35.07 ? 466 HOH A O   1 
HETATM 1355 O O   . HOH E 3 .   ? 14.015  0.074   -3.756  1.00 23.81 ? 467 HOH A O   1 
HETATM 1356 O O   . HOH E 3 .   ? -8.398  7.727   15.086  1.00 32.37 ? 468 HOH A O   1 
HETATM 1357 O O   . HOH E 3 .   ? -10.893 13.118  7.002   1.00 26.48 ? 469 HOH A O   1 
HETATM 1358 O O   . HOH E 3 .   ? 11.970  -8.115  0.843   1.00 28.99 ? 470 HOH A O   1 
HETATM 1359 O O   . HOH E 3 .   ? 13.644  7.268   0.314   1.00 23.64 ? 471 HOH A O   1 
HETATM 1360 O O   . HOH E 3 .   ? -9.836  6.311   -10.754 1.00 27.17 ? 472 HOH A O   1 
HETATM 1361 O O   . HOH E 3 .   ? 8.439   6.430   2.884   1.00 18.58 ? 473 HOH A O   1 
HETATM 1362 O O   . HOH E 3 .   ? -4.925  -15.224 2.944   1.00 25.60 ? 474 HOH A O   1 
HETATM 1363 O O   . HOH E 3 .   ? 7.825   -8.213  -6.885  1.00 26.15 ? 475 HOH A O   1 
HETATM 1364 O O   . HOH E 3 .   ? -11.943 10.029  8.396   1.00 33.67 ? 476 HOH A O   1 
HETATM 1365 O O   . HOH E 3 .   ? -4.592  -7.299  -13.468 1.00 24.81 ? 477 HOH A O   1 
HETATM 1366 O O   . HOH E 3 .   ? 10.586  -6.228  -6.689  1.00 14.21 ? 478 HOH A O   1 
HETATM 1367 O O   . HOH E 3 .   ? 10.074  6.446   9.751   1.00 34.43 ? 479 HOH A O   1 
HETATM 1368 O O   . HOH E 3 .   ? -14.374 -13.052 -10.310 1.00 22.44 ? 480 HOH A O   1 
HETATM 1369 O O   . HOH E 3 .   ? -13.630 -14.565 -12.542 1.00 33.23 ? 481 HOH A O   1 
# 
loop_
_pdbx_poly_seq_scheme.asym_id 
_pdbx_poly_seq_scheme.entity_id 
_pdbx_poly_seq_scheme.seq_id 
_pdbx_poly_seq_scheme.mon_id 
_pdbx_poly_seq_scheme.ndb_seq_num 
_pdbx_poly_seq_scheme.pdb_seq_num 
_pdbx_poly_seq_scheme.auth_seq_num 
_pdbx_poly_seq_scheme.pdb_mon_id 
_pdbx_poly_seq_scheme.auth_mon_id 
_pdbx_poly_seq_scheme.pdb_strand_id 
_pdbx_poly_seq_scheme.pdb_ins_code 
_pdbx_poly_seq_scheme.hetero 
A 1 1   GLY 1   63  63  GLY GLY A . n 
A 1 2   SER 2   64  64  SER SER A . n 
A 1 3   LEU 3   65  65  LEU LEU A . n 
A 1 4   ASP 4   66  66  ASP ASP A . n 
A 1 5   GLY 5   67  67  GLY GLY A . n 
A 1 6   PRO 6   68  68  PRO PRO A . n 
A 1 7   TYR 7   69  69  TYR TYR A . n 
A 1 8   ALA 8   70  70  ALA ALA A . n 
A 1 9   PRO 9   71  71  PRO PRO A . n 
A 1 10  ASP 10  72  72  ASP ASP A . n 
A 1 11  SER 11  73  73  SER SER A . n 
A 1 12  SER 12  74  74  SER SER A . n 
A 1 13  ASN 13  75  75  ASN ASN A . n 
A 1 14  LEU 14  76  76  LEU LEU A . n 
A 1 15  PRO 15  77  77  PRO PRO A . n 
A 1 16  SER 16  78  78  SER SER A . n 
A 1 17  ASN 17  79  79  ASN ASN A . n 
A 1 18  CYS 18  80  80  CYS CYS A . n 
A 1 19  TRP 19  81  81  TRP TRP A . n 
A 1 20  TYR 20  82  82  TYR TYR A . n 
A 1 21  LEU 21  83  83  LEU LEU A . n 
A 1 22  VAL 22  84  84  VAL VAL A . n 
A 1 23  ASN 23  85  85  ASN ASN A . n 
A 1 24  PRO 24  86  86  PRO PRO A . n 
A 1 25  SER 25  87  87  SER SER A . n 
A 1 26  ASN 26  88  88  ASN ASN A . n 
A 1 27  ASP 27  89  89  ASP ASP A . n 
A 1 28  GLY 28  90  90  GLY GLY A . n 
A 1 29  VAL 29  91  91  VAL VAL A . n 
A 1 30  VAL 30  92  92  VAL VAL A . n 
A 1 31  PHE 31  93  93  PHE PHE A . n 
A 1 32  SER 32  94  94  SER SER A . n 
A 1 33  VAL 33  95  95  VAL VAL A . n 
A 1 34  THR 34  96  96  THR THR A . n 
A 1 35  ASP 35  97  97  ASP ASP A . n 
A 1 36  ASN 36  98  98  ASN ASN A . n 
A 1 37  SER 37  99  99  SER SER A . n 
A 1 38  THR 38  100 100 THR THR A . n 
A 1 39  PHE 39  101 101 PHE PHE A . n 
A 1 40  TRP 40  102 102 TRP TRP A . n 
A 1 41  MET 41  103 103 MET MET A . n 
A 1 42  PHE 42  104 104 PHE PHE A . n 
A 1 43  THR 43  105 105 THR THR A . n 
A 1 44  TYR 44  106 106 TYR TYR A . n 
A 1 45  LEU 45  107 107 LEU LEU A . n 
A 1 46  VAL 46  108 108 VAL VAL A . n 
A 1 47  LEU 47  109 109 LEU LEU A . n 
A 1 48  PRO 48  110 110 PRO PRO A . n 
A 1 49  ASN 49  111 111 ASN ASN A . n 
A 1 50  THR 50  112 112 THR THR A . n 
A 1 51  ALA 51  113 113 ALA ALA A . n 
A 1 52  GLN 52  114 114 GLN GLN A . n 
A 1 53  THR 53  115 115 THR THR A . n 
A 1 54  ASN 54  116 116 ASN ASN A . n 
A 1 55  VAL 55  117 117 VAL VAL A . n 
A 1 56  THR 56  118 118 THR THR A . n 
A 1 57  VAL 57  119 119 VAL VAL A . n 
A 1 58  ASN 58  120 120 ASN ASN A . n 
A 1 59  VAL 59  121 121 VAL VAL A . n 
A 1 60  MET 60  122 122 MET MET A . n 
A 1 61  ASN 61  123 123 ASN ASN A . n 
A 1 62  GLU 62  124 124 GLU GLU A . n 
A 1 63  THR 63  125 125 THR THR A . n 
A 1 64  VAL 64  126 126 VAL VAL A . n 
A 1 65  ASN 65  127 127 ASN ASN A . n 
A 1 66  ILE 66  128 128 ILE ILE A . n 
A 1 67  SER 67  129 129 SER SER A . n 
A 1 68  ILE 68  130 130 ILE ILE A . n 
A 1 69  ASP 69  131 131 ASP ASP A . n 
A 1 70  ASN 70  132 132 ASN ASN A . n 
A 1 71  SER 71  133 133 SER SER A . n 
A 1 72  GLY 72  134 134 GLY GLY A . n 
A 1 73  SER 73  135 135 SER SER A . n 
A 1 74  THR 74  136 136 THR THR A . n 
A 1 75  TYR 75  137 137 TYR TYR A . n 
A 1 76  ARG 76  138 138 ARG ARG A . n 
A 1 77  PHE 77  139 139 PHE PHE A . n 
A 1 78  VAL 78  140 140 VAL VAL A . n 
A 1 79  ASP 79  141 141 ASP ASP A . n 
A 1 80  TYR 80  142 142 TYR TYR A . n 
A 1 81  ILE 81  143 143 ILE ILE A . n 
A 1 82  LYS 82  144 144 LYS LYS A . n 
A 1 83  THR 83  145 145 THR THR A . n 
A 1 84  SER 84  146 146 SER SER A . n 
A 1 85  SER 85  147 147 SER SER A . n 
A 1 86  THR 86  148 148 THR THR A . n 
A 1 87  GLN 87  149 149 GLN GLN A . n 
A 1 88  ALA 88  150 150 ALA ALA A . n 
A 1 89  TYR 89  151 151 TYR TYR A . n 
A 1 90  GLY 90  152 152 GLY GLY A . n 
A 1 91  SER 91  153 153 SER SER A . n 
A 1 92  ARG 92  154 154 ARG ARG A . n 
A 1 93  ASN 93  155 155 ASN ASN A . n 
A 1 94  TYR 94  156 156 TYR TYR A . n 
A 1 95  LEU 95  157 157 LEU LEU A . n 
A 1 96  ASN 96  158 158 ASN ASN A . n 
A 1 97  THR 97  159 159 THR THR A . n 
A 1 98  ALA 98  160 160 ALA ALA A . n 
A 1 99  HIS 99  161 161 HIS HIS A . n 
A 1 100 ARG 100 162 162 ARG ARG A . n 
A 1 101 LEU 101 163 163 LEU LEU A . n 
A 1 102 GLN 102 164 164 GLN GLN A . n 
A 1 103 ALA 103 165 165 ALA ALA A . n 
A 1 104 TYR 104 166 166 TYR TYR A . n 
A 1 105 ARG 105 167 167 ARG ARG A . n 
A 1 106 ARG 106 168 168 ARG ARG A . n 
A 1 107 ASP 107 169 169 ASP ASP A . n 
A 1 108 GLY 108 170 170 GLY GLY A . n 
A 1 109 ASP 109 171 171 ASP ASP A . n 
A 1 110 GLY 110 172 172 GLY GLY A . n 
A 1 111 ASN 111 173 173 ASN ASN A . n 
A 1 112 ILE 112 174 174 ILE ILE A . n 
A 1 113 SER 113 175 175 SER SER A . n 
A 1 114 ASN 114 176 176 ASN ASN A . n 
A 1 115 TYR 115 177 177 TYR TYR A . n 
A 1 116 TRP 116 178 178 TRP TRP A . n 
A 1 117 GLY 117 179 179 GLY GLY A . n 
A 1 118 ALA 118 180 180 ALA ALA A . n 
A 1 119 ASP 119 181 181 ASP ASP A . n 
A 1 120 THR 120 182 182 THR THR A . n 
A 1 121 GLN 121 183 183 GLN GLN A . n 
A 1 122 GLY 122 184 184 GLY GLY A . n 
A 1 123 ASP 123 185 185 ASP ASP A . n 
A 1 124 LEU 124 186 186 LEU LEU A . n 
A 1 125 ARG 125 187 187 ARG ARG A . n 
A 1 126 VAL 126 188 188 VAL VAL A . n 
A 1 127 GLY 127 189 189 GLY GLY A . n 
A 1 128 THR 128 190 190 THR THR A . n 
A 1 129 TYR 129 191 191 TYR TYR A . n 
A 1 130 SER 130 192 192 SER SER A . n 
A 1 131 ASN 131 193 193 ASN ASN A . n 
A 1 132 PRO 132 194 194 PRO PRO A . n 
A 1 133 VAL 133 195 195 VAL VAL A . n 
A 1 134 PRO 134 196 196 PRO PRO A . n 
A 1 135 ASN 135 197 197 ASN ASN A . n 
A 1 136 ALA 136 198 198 ALA ALA A . n 
A 1 137 VAL 137 199 199 VAL VAL A . n 
A 1 138 ILE 138 200 200 ILE ILE A . n 
A 1 139 ASN 139 201 201 ASN ASN A . n 
A 1 140 LEU 140 202 202 LEU LEU A . n 
A 1 141 ASN 141 203 203 ASN ASN A . n 
A 1 142 ALA 142 204 204 ALA ALA A . n 
A 1 143 ASP 143 205 205 ASP ASP A . n 
A 1 144 PHE 144 206 206 PHE PHE A . n 
A 1 145 TYR 145 207 207 TYR TYR A . n 
A 1 146 VAL 146 208 208 VAL VAL A . n 
A 1 147 ILE 147 209 209 ILE ILE A . n 
A 1 148 PRO 148 210 210 PRO PRO A . n 
A 1 149 ASP 149 211 211 ASP ASP A . n 
A 1 150 SER 150 212 212 SER SER A . n 
A 1 151 GLN 151 213 213 GLN GLN A . n 
A 1 152 GLN 152 214 214 GLN GLN A . n 
A 1 153 GLU 153 215 215 GLU GLU A . n 
A 1 154 THR 154 216 216 THR THR A . n 
A 1 155 CYS 155 217 217 CYS CYS A . n 
A 1 156 THR 156 218 218 THR THR A . n 
A 1 157 GLU 157 219 219 GLU GLU A . n 
A 1 158 TYR 158 220 220 TYR TYR A . n 
A 1 159 ILE 159 221 221 ILE ILE A . n 
A 1 160 ARG 160 222 222 ARG ARG A . n 
A 1 161 GLY 161 223 223 GLY GLY A . n 
A 1 162 GLY 162 224 224 GLY GLY A . n 
A 1 163 LEU 163 225 225 LEU LEU A . n 
# 
loop_
_pdbx_nonpoly_scheme.asym_id 
_pdbx_nonpoly_scheme.entity_id 
_pdbx_nonpoly_scheme.mon_id 
_pdbx_nonpoly_scheme.ndb_seq_num 
_pdbx_nonpoly_scheme.pdb_seq_num 
_pdbx_nonpoly_scheme.auth_seq_num 
_pdbx_nonpoly_scheme.pdb_mon_id 
_pdbx_nonpoly_scheme.auth_mon_id 
_pdbx_nonpoly_scheme.pdb_strand_id 
_pdbx_nonpoly_scheme.pdb_ins_code 
B 2 SO4 1  301 101 SO4 SO4 A . 
C 2 SO4 1  302 102 SO4 SO4 A . 
D 2 SO4 1  303 103 SO4 SO4 A . 
E 3 HOH 1  401 59  HOH HOH A . 
E 3 HOH 2  402 6   HOH HOH A . 
E 3 HOH 3  403 55  HOH HOH A . 
E 3 HOH 4  404 80  HOH HOH A . 
E 3 HOH 5  405 19  HOH HOH A . 
E 3 HOH 6  406 67  HOH HOH A . 
E 3 HOH 7  407 36  HOH HOH A . 
E 3 HOH 8  408 37  HOH HOH A . 
E 3 HOH 9  409 61  HOH HOH A . 
E 3 HOH 10 410 11  HOH HOH A . 
E 3 HOH 11 411 51  HOH HOH A . 
E 3 HOH 12 412 16  HOH HOH A . 
E 3 HOH 13 413 17  HOH HOH A . 
E 3 HOH 14 414 13  HOH HOH A . 
E 3 HOH 15 415 24  HOH HOH A . 
E 3 HOH 16 416 44  HOH HOH A . 
E 3 HOH 17 417 5   HOH HOH A . 
E 3 HOH 18 418 72  HOH HOH A . 
E 3 HOH 19 419 45  HOH HOH A . 
E 3 HOH 20 420 42  HOH HOH A . 
E 3 HOH 21 421 8   HOH HOH A . 
E 3 HOH 22 422 27  HOH HOH A . 
E 3 HOH 23 423 2   HOH HOH A . 
E 3 HOH 24 424 74  HOH HOH A . 
E 3 HOH 25 425 38  HOH HOH A . 
E 3 HOH 26 426 10  HOH HOH A . 
E 3 HOH 27 427 31  HOH HOH A . 
E 3 HOH 28 428 18  HOH HOH A . 
E 3 HOH 29 429 73  HOH HOH A . 
E 3 HOH 30 430 12  HOH HOH A . 
E 3 HOH 31 431 30  HOH HOH A . 
E 3 HOH 32 432 40  HOH HOH A . 
E 3 HOH 33 433 52  HOH HOH A . 
E 3 HOH 34 434 4   HOH HOH A . 
E 3 HOH 35 435 43  HOH HOH A . 
E 3 HOH 36 436 15  HOH HOH A . 
E 3 HOH 37 437 34  HOH HOH A . 
E 3 HOH 38 438 29  HOH HOH A . 
E 3 HOH 39 439 22  HOH HOH A . 
E 3 HOH 40 440 50  HOH HOH A . 
E 3 HOH 41 441 79  HOH HOH A . 
E 3 HOH 42 442 68  HOH HOH A . 
E 3 HOH 43 443 78  HOH HOH A . 
E 3 HOH 44 444 49  HOH HOH A . 
E 3 HOH 45 445 41  HOH HOH A . 
E 3 HOH 46 446 1   HOH HOH A . 
E 3 HOH 47 447 65  HOH HOH A . 
E 3 HOH 48 448 14  HOH HOH A . 
E 3 HOH 49 449 64  HOH HOH A . 
E 3 HOH 50 450 26  HOH HOH A . 
E 3 HOH 51 451 75  HOH HOH A . 
E 3 HOH 52 452 53  HOH HOH A . 
E 3 HOH 53 453 46  HOH HOH A . 
E 3 HOH 54 454 58  HOH HOH A . 
E 3 HOH 55 455 23  HOH HOH A . 
E 3 HOH 56 456 77  HOH HOH A . 
E 3 HOH 57 457 48  HOH HOH A . 
E 3 HOH 58 458 81  HOH HOH A . 
E 3 HOH 59 459 70  HOH HOH A . 
E 3 HOH 60 460 66  HOH HOH A . 
E 3 HOH 61 461 39  HOH HOH A . 
E 3 HOH 62 462 3   HOH HOH A . 
E 3 HOH 63 463 7   HOH HOH A . 
E 3 HOH 64 464 9   HOH HOH A . 
E 3 HOH 65 465 20  HOH HOH A . 
E 3 HOH 66 466 21  HOH HOH A . 
E 3 HOH 67 467 25  HOH HOH A . 
E 3 HOH 68 468 28  HOH HOH A . 
E 3 HOH 69 469 32  HOH HOH A . 
E 3 HOH 70 470 33  HOH HOH A . 
E 3 HOH 71 471 35  HOH HOH A . 
E 3 HOH 72 472 47  HOH HOH A . 
E 3 HOH 73 473 54  HOH HOH A . 
E 3 HOH 74 474 56  HOH HOH A . 
E 3 HOH 75 475 57  HOH HOH A . 
E 3 HOH 76 476 60  HOH HOH A . 
E 3 HOH 77 477 62  HOH HOH A . 
E 3 HOH 78 478 63  HOH HOH A . 
E 3 HOH 79 479 69  HOH HOH A . 
E 3 HOH 80 480 71  HOH HOH A . 
E 3 HOH 81 481 76  HOH HOH A . 
# 
_pdbx_struct_assembly.id                   1 
_pdbx_struct_assembly.details              author_and_software_defined_assembly 
_pdbx_struct_assembly.method_details       PISA 
_pdbx_struct_assembly.oligomeric_details   monomeric 
_pdbx_struct_assembly.oligomeric_count     1 
# 
_pdbx_struct_assembly_gen.assembly_id       1 
_pdbx_struct_assembly_gen.oper_expression   1 
_pdbx_struct_assembly_gen.asym_id_list      A,B,C,D,E 
# 
loop_
_pdbx_struct_assembly_prop.biol_id 
_pdbx_struct_assembly_prop.type 
_pdbx_struct_assembly_prop.value 
_pdbx_struct_assembly_prop.details 
1 'ABSA (A^2)' 380  ? 
1 MORE         -23  ? 
1 'SSA (A^2)'  7770 ? 
# 
_pdbx_struct_oper_list.id                   1 
_pdbx_struct_oper_list.type                 'identity operation' 
_pdbx_struct_oper_list.name                 1_555 
_pdbx_struct_oper_list.symmetry_operation   x,y,z 
_pdbx_struct_oper_list.matrix[1][1]         1.0000000000 
_pdbx_struct_oper_list.matrix[1][2]         0.0000000000 
_pdbx_struct_oper_list.matrix[1][3]         0.0000000000 
_pdbx_struct_oper_list.vector[1]            0.0000000000 
_pdbx_struct_oper_list.matrix[2][1]         0.0000000000 
_pdbx_struct_oper_list.matrix[2][2]         1.0000000000 
_pdbx_struct_oper_list.matrix[2][3]         0.0000000000 
_pdbx_struct_oper_list.vector[2]            0.0000000000 
_pdbx_struct_oper_list.matrix[3][1]         0.0000000000 
_pdbx_struct_oper_list.matrix[3][2]         0.0000000000 
_pdbx_struct_oper_list.matrix[3][3]         1.0000000000 
_pdbx_struct_oper_list.vector[3]            0.0000000000 
# 
loop_
_pdbx_audit_revision_history.ordinal 
_pdbx_audit_revision_history.data_content_type 
_pdbx_audit_revision_history.major_revision 
_pdbx_audit_revision_history.minor_revision 
_pdbx_audit_revision_history.revision_date 
1 'Structure model' 1 0 2015-09-30 
2 'Structure model' 1 1 2015-10-14 
3 'Structure model' 1 2 2017-09-13 
4 'Structure model' 1 3 2017-11-22 
5 'Structure model' 1 4 2019-12-11 
6 'Structure model' 1 5 2023-09-27 
# 
_pdbx_audit_revision_details.ordinal             1 
_pdbx_audit_revision_details.revision_ordinal    1 
_pdbx_audit_revision_details.data_content_type   'Structure model' 
_pdbx_audit_revision_details.provider            repository 
_pdbx_audit_revision_details.type                'Initial release' 
_pdbx_audit_revision_details.description         ? 
_pdbx_audit_revision_details.details             ? 
# 
loop_
_pdbx_audit_revision_group.ordinal 
_pdbx_audit_revision_group.revision_ordinal 
_pdbx_audit_revision_group.data_content_type 
_pdbx_audit_revision_group.group 
1 2 'Structure model' 'Database references'        
2 3 'Structure model' 'Author supporting evidence' 
3 3 'Structure model' 'Derived calculations'       
4 4 'Structure model' 'Refinement description'     
5 5 'Structure model' 'Author supporting evidence' 
6 6 'Structure model' 'Data collection'            
7 6 'Structure model' 'Database references'        
8 6 'Structure model' 'Refinement description'     
# 
loop_
_pdbx_audit_revision_category.ordinal 
_pdbx_audit_revision_category.revision_ordinal 
_pdbx_audit_revision_category.data_content_type 
_pdbx_audit_revision_category.category 
1 3 'Structure model' pdbx_audit_support            
2 3 'Structure model' pdbx_struct_oper_list         
3 4 'Structure model' software                      
4 5 'Structure model' pdbx_audit_support            
5 6 'Structure model' chem_comp_atom                
6 6 'Structure model' chem_comp_bond                
7 6 'Structure model' database_2                    
8 6 'Structure model' pdbx_initial_refinement_model 
# 
loop_
_pdbx_audit_revision_item.ordinal 
_pdbx_audit_revision_item.revision_ordinal 
_pdbx_audit_revision_item.data_content_type 
_pdbx_audit_revision_item.item 
1 3 'Structure model' '_pdbx_audit_support.funding_organization'  
2 3 'Structure model' '_pdbx_struct_oper_list.symmetry_operation' 
3 4 'Structure model' '_software.classification'                  
4 5 'Structure model' '_pdbx_audit_support.funding_organization'  
5 6 'Structure model' '_database_2.pdbx_DOI'                      
6 6 'Structure model' '_database_2.pdbx_database_accession'       
# 
loop_
_software.citation_id 
_software.classification 
_software.compiler_name 
_software.compiler_version 
_software.contact_author 
_software.contact_author_email 
_software.date 
_software.description 
_software.dependencies 
_software.hardware 
_software.language 
_software.location 
_software.mods 
_software.name 
_software.os 
_software.os_version 
_software.type 
_software.version 
_software.pdbx_ordinal 
? refinement       ? ? ? ? ? ? ? ? ? ? ? PHENIX   ? ? ? '(phenix.refine: 1.8.4_1496)' 1 
? 'data reduction' ? ? ? ? ? ? ? ? ? ? ? HKL-2000 ? ? ? .                             2 
? 'data reduction' ? ? ? ? ? ? ? ? ? ? ? MOSFLM   ? ? ? .                             3 
? phasing          ? ? ? ? ? ? ? ? ? ? ? PHASER   ? ? ? .                             4 
# 
loop_
_pdbx_validate_close_contact.id 
_pdbx_validate_close_contact.PDB_model_num 
_pdbx_validate_close_contact.auth_atom_id_1 
_pdbx_validate_close_contact.auth_asym_id_1 
_pdbx_validate_close_contact.auth_comp_id_1 
_pdbx_validate_close_contact.auth_seq_id_1 
_pdbx_validate_close_contact.PDB_ins_code_1 
_pdbx_validate_close_contact.label_alt_id_1 
_pdbx_validate_close_contact.auth_atom_id_2 
_pdbx_validate_close_contact.auth_asym_id_2 
_pdbx_validate_close_contact.auth_comp_id_2 
_pdbx_validate_close_contact.auth_seq_id_2 
_pdbx_validate_close_contact.PDB_ins_code_2 
_pdbx_validate_close_contact.label_alt_id_2 
_pdbx_validate_close_contact.dist 
1 1 O   A HOH 407 ? ? O A HOH 460 ? ? 2.03 
2 1 ND2 A ASN 197 ? ? O A HOH 401 ? ? 2.11 
3 1 O4  A SO4 301 ? ? O A HOH 479 ? ? 2.16 
4 1 ND2 A ASN 127 ? ? O A HOH 402 ? ? 2.18 
# 
loop_
_pdbx_validate_torsion.id 
_pdbx_validate_torsion.PDB_model_num 
_pdbx_validate_torsion.auth_comp_id 
_pdbx_validate_torsion.auth_asym_id 
_pdbx_validate_torsion.auth_seq_id 
_pdbx_validate_torsion.PDB_ins_code 
_pdbx_validate_torsion.label_alt_id 
_pdbx_validate_torsion.phi 
_pdbx_validate_torsion.psi 
1 1 SER A 99  ? ? -136.14 -52.13  
2 1 GLN A 183 ? ? -114.47 -107.76 
3 1 ASN A 203 ? ? -92.84  44.63   
4 1 GLN A 213 ? ? -115.28 54.90   
# 
loop_
_chem_comp_atom.comp_id 
_chem_comp_atom.atom_id 
_chem_comp_atom.type_symbol 
_chem_comp_atom.pdbx_aromatic_flag 
_chem_comp_atom.pdbx_stereo_config 
_chem_comp_atom.pdbx_ordinal 
ALA N    N N N 1   
ALA CA   C N S 2   
ALA C    C N N 3   
ALA O    O N N 4   
ALA CB   C N N 5   
ALA OXT  O N N 6   
ALA H    H N N 7   
ALA H2   H N N 8   
ALA HA   H N N 9   
ALA HB1  H N N 10  
ALA HB2  H N N 11  
ALA HB3  H N N 12  
ALA HXT  H N N 13  
ARG N    N N N 14  
ARG CA   C N S 15  
ARG C    C N N 16  
ARG O    O N N 17  
ARG CB   C N N 18  
ARG CG   C N N 19  
ARG CD   C N N 20  
ARG NE   N N N 21  
ARG CZ   C N N 22  
ARG NH1  N N N 23  
ARG NH2  N N N 24  
ARG OXT  O N N 25  
ARG H    H N N 26  
ARG H2   H N N 27  
ARG HA   H N N 28  
ARG HB2  H N N 29  
ARG HB3  H N N 30  
ARG HG2  H N N 31  
ARG HG3  H N N 32  
ARG HD2  H N N 33  
ARG HD3  H N N 34  
ARG HE   H N N 35  
ARG HH11 H N N 36  
ARG HH12 H N N 37  
ARG HH21 H N N 38  
ARG HH22 H N N 39  
ARG HXT  H N N 40  
ASN N    N N N 41  
ASN CA   C N S 42  
ASN C    C N N 43  
ASN O    O N N 44  
ASN CB   C N N 45  
ASN CG   C N N 46  
ASN OD1  O N N 47  
ASN ND2  N N N 48  
ASN OXT  O N N 49  
ASN H    H N N 50  
ASN H2   H N N 51  
ASN HA   H N N 52  
ASN HB2  H N N 53  
ASN HB3  H N N 54  
ASN HD21 H N N 55  
ASN HD22 H N N 56  
ASN HXT  H N N 57  
ASP N    N N N 58  
ASP CA   C N S 59  
ASP C    C N N 60  
ASP O    O N N 61  
ASP CB   C N N 62  
ASP CG   C N N 63  
ASP OD1  O N N 64  
ASP OD2  O N N 65  
ASP OXT  O N N 66  
ASP H    H N N 67  
ASP H2   H N N 68  
ASP HA   H N N 69  
ASP HB2  H N N 70  
ASP HB3  H N N 71  
ASP HD2  H N N 72  
ASP HXT  H N N 73  
CYS N    N N N 74  
CYS CA   C N R 75  
CYS C    C N N 76  
CYS O    O N N 77  
CYS CB   C N N 78  
CYS SG   S N N 79  
CYS OXT  O N N 80  
CYS H    H N N 81  
CYS H2   H N N 82  
CYS HA   H N N 83  
CYS HB2  H N N 84  
CYS HB3  H N N 85  
CYS HG   H N N 86  
CYS HXT  H N N 87  
GLN N    N N N 88  
GLN CA   C N S 89  
GLN C    C N N 90  
GLN O    O N N 91  
GLN CB   C N N 92  
GLN CG   C N N 93  
GLN CD   C N N 94  
GLN OE1  O N N 95  
GLN NE2  N N N 96  
GLN OXT  O N N 97  
GLN H    H N N 98  
GLN H2   H N N 99  
GLN HA   H N N 100 
GLN HB2  H N N 101 
GLN HB3  H N N 102 
GLN HG2  H N N 103 
GLN HG3  H N N 104 
GLN HE21 H N N 105 
GLN HE22 H N N 106 
GLN HXT  H N N 107 
GLU N    N N N 108 
GLU CA   C N S 109 
GLU C    C N N 110 
GLU O    O N N 111 
GLU CB   C N N 112 
GLU CG   C N N 113 
GLU CD   C N N 114 
GLU OE1  O N N 115 
GLU OE2  O N N 116 
GLU OXT  O N N 117 
GLU H    H N N 118 
GLU H2   H N N 119 
GLU HA   H N N 120 
GLU HB2  H N N 121 
GLU HB3  H N N 122 
GLU HG2  H N N 123 
GLU HG3  H N N 124 
GLU HE2  H N N 125 
GLU HXT  H N N 126 
GLY N    N N N 127 
GLY CA   C N N 128 
GLY C    C N N 129 
GLY O    O N N 130 
GLY OXT  O N N 131 
GLY H    H N N 132 
GLY H2   H N N 133 
GLY HA2  H N N 134 
GLY HA3  H N N 135 
GLY HXT  H N N 136 
HIS N    N N N 137 
HIS CA   C N S 138 
HIS C    C N N 139 
HIS O    O N N 140 
HIS CB   C N N 141 
HIS CG   C Y N 142 
HIS ND1  N Y N 143 
HIS CD2  C Y N 144 
HIS CE1  C Y N 145 
HIS NE2  N Y N 146 
HIS OXT  O N N 147 
HIS H    H N N 148 
HIS H2   H N N 149 
HIS HA   H N N 150 
HIS HB2  H N N 151 
HIS HB3  H N N 152 
HIS HD1  H N N 153 
HIS HD2  H N N 154 
HIS HE1  H N N 155 
HIS HE2  H N N 156 
HIS HXT  H N N 157 
HOH O    O N N 158 
HOH H1   H N N 159 
HOH H2   H N N 160 
ILE N    N N N 161 
ILE CA   C N S 162 
ILE C    C N N 163 
ILE O    O N N 164 
ILE CB   C N S 165 
ILE CG1  C N N 166 
ILE CG2  C N N 167 
ILE CD1  C N N 168 
ILE OXT  O N N 169 
ILE H    H N N 170 
ILE H2   H N N 171 
ILE HA   H N N 172 
ILE HB   H N N 173 
ILE HG12 H N N 174 
ILE HG13 H N N 175 
ILE HG21 H N N 176 
ILE HG22 H N N 177 
ILE HG23 H N N 178 
ILE HD11 H N N 179 
ILE HD12 H N N 180 
ILE HD13 H N N 181 
ILE HXT  H N N 182 
LEU N    N N N 183 
LEU CA   C N S 184 
LEU C    C N N 185 
LEU O    O N N 186 
LEU CB   C N N 187 
LEU CG   C N N 188 
LEU CD1  C N N 189 
LEU CD2  C N N 190 
LEU OXT  O N N 191 
LEU H    H N N 192 
LEU H2   H N N 193 
LEU HA   H N N 194 
LEU HB2  H N N 195 
LEU HB3  H N N 196 
LEU HG   H N N 197 
LEU HD11 H N N 198 
LEU HD12 H N N 199 
LEU HD13 H N N 200 
LEU HD21 H N N 201 
LEU HD22 H N N 202 
LEU HD23 H N N 203 
LEU HXT  H N N 204 
LYS N    N N N 205 
LYS CA   C N S 206 
LYS C    C N N 207 
LYS O    O N N 208 
LYS CB   C N N 209 
LYS CG   C N N 210 
LYS CD   C N N 211 
LYS CE   C N N 212 
LYS NZ   N N N 213 
LYS OXT  O N N 214 
LYS H    H N N 215 
LYS H2   H N N 216 
LYS HA   H N N 217 
LYS HB2  H N N 218 
LYS HB3  H N N 219 
LYS HG2  H N N 220 
LYS HG3  H N N 221 
LYS HD2  H N N 222 
LYS HD3  H N N 223 
LYS HE2  H N N 224 
LYS HE3  H N N 225 
LYS HZ1  H N N 226 
LYS HZ2  H N N 227 
LYS HZ3  H N N 228 
LYS HXT  H N N 229 
MET N    N N N 230 
MET CA   C N S 231 
MET C    C N N 232 
MET O    O N N 233 
MET CB   C N N 234 
MET CG   C N N 235 
MET SD   S N N 236 
MET CE   C N N 237 
MET OXT  O N N 238 
MET H    H N N 239 
MET H2   H N N 240 
MET HA   H N N 241 
MET HB2  H N N 242 
MET HB3  H N N 243 
MET HG2  H N N 244 
MET HG3  H N N 245 
MET HE1  H N N 246 
MET HE2  H N N 247 
MET HE3  H N N 248 
MET HXT  H N N 249 
PHE N    N N N 250 
PHE CA   C N S 251 
PHE C    C N N 252 
PHE O    O N N 253 
PHE CB   C N N 254 
PHE CG   C Y N 255 
PHE CD1  C Y N 256 
PHE CD2  C Y N 257 
PHE CE1  C Y N 258 
PHE CE2  C Y N 259 
PHE CZ   C Y N 260 
PHE OXT  O N N 261 
PHE H    H N N 262 
PHE H2   H N N 263 
PHE HA   H N N 264 
PHE HB2  H N N 265 
PHE HB3  H N N 266 
PHE HD1  H N N 267 
PHE HD2  H N N 268 
PHE HE1  H N N 269 
PHE HE2  H N N 270 
PHE HZ   H N N 271 
PHE HXT  H N N 272 
PRO N    N N N 273 
PRO CA   C N S 274 
PRO C    C N N 275 
PRO O    O N N 276 
PRO CB   C N N 277 
PRO CG   C N N 278 
PRO CD   C N N 279 
PRO OXT  O N N 280 
PRO H    H N N 281 
PRO HA   H N N 282 
PRO HB2  H N N 283 
PRO HB3  H N N 284 
PRO HG2  H N N 285 
PRO HG3  H N N 286 
PRO HD2  H N N 287 
PRO HD3  H N N 288 
PRO HXT  H N N 289 
SER N    N N N 290 
SER CA   C N S 291 
SER C    C N N 292 
SER O    O N N 293 
SER CB   C N N 294 
SER OG   O N N 295 
SER OXT  O N N 296 
SER H    H N N 297 
SER H2   H N N 298 
SER HA   H N N 299 
SER HB2  H N N 300 
SER HB3  H N N 301 
SER HG   H N N 302 
SER HXT  H N N 303 
SO4 S    S N N 304 
SO4 O1   O N N 305 
SO4 O2   O N N 306 
SO4 O3   O N N 307 
SO4 O4   O N N 308 
THR N    N N N 309 
THR CA   C N S 310 
THR C    C N N 311 
THR O    O N N 312 
THR CB   C N R 313 
THR OG1  O N N 314 
THR CG2  C N N 315 
THR OXT  O N N 316 
THR H    H N N 317 
THR H2   H N N 318 
THR HA   H N N 319 
THR HB   H N N 320 
THR HG1  H N N 321 
THR HG21 H N N 322 
THR HG22 H N N 323 
THR HG23 H N N 324 
THR HXT  H N N 325 
TRP N    N N N 326 
TRP CA   C N S 327 
TRP C    C N N 328 
TRP O    O N N 329 
TRP CB   C N N 330 
TRP CG   C Y N 331 
TRP CD1  C Y N 332 
TRP CD2  C Y N 333 
TRP NE1  N Y N 334 
TRP CE2  C Y N 335 
TRP CE3  C Y N 336 
TRP CZ2  C Y N 337 
TRP CZ3  C Y N 338 
TRP CH2  C Y N 339 
TRP OXT  O N N 340 
TRP H    H N N 341 
TRP H2   H N N 342 
TRP HA   H N N 343 
TRP HB2  H N N 344 
TRP HB3  H N N 345 
TRP HD1  H N N 346 
TRP HE1  H N N 347 
TRP HE3  H N N 348 
TRP HZ2  H N N 349 
TRP HZ3  H N N 350 
TRP HH2  H N N 351 
TRP HXT  H N N 352 
TYR N    N N N 353 
TYR CA   C N S 354 
TYR C    C N N 355 
TYR O    O N N 356 
TYR CB   C N N 357 
TYR CG   C Y N 358 
TYR CD1  C Y N 359 
TYR CD2  C Y N 360 
TYR CE1  C Y N 361 
TYR CE2  C Y N 362 
TYR CZ   C Y N 363 
TYR OH   O N N 364 
TYR OXT  O N N 365 
TYR H    H N N 366 
TYR H2   H N N 367 
TYR HA   H N N 368 
TYR HB2  H N N 369 
TYR HB3  H N N 370 
TYR HD1  H N N 371 
TYR HD2  H N N 372 
TYR HE1  H N N 373 
TYR HE2  H N N 374 
TYR HH   H N N 375 
TYR HXT  H N N 376 
VAL N    N N N 377 
VAL CA   C N S 378 
VAL C    C N N 379 
VAL O    O N N 380 
VAL CB   C N N 381 
VAL CG1  C N N 382 
VAL CG2  C N N 383 
VAL OXT  O N N 384 
VAL H    H N N 385 
VAL H2   H N N 386 
VAL HA   H N N 387 
VAL HB   H N N 388 
VAL HG11 H N N 389 
VAL HG12 H N N 390 
VAL HG13 H N N 391 
VAL HG21 H N N 392 
VAL HG22 H N N 393 
VAL HG23 H N N 394 
VAL HXT  H N N 395 
# 
loop_
_chem_comp_bond.comp_id 
_chem_comp_bond.atom_id_1 
_chem_comp_bond.atom_id_2 
_chem_comp_bond.value_order 
_chem_comp_bond.pdbx_aromatic_flag 
_chem_comp_bond.pdbx_stereo_config 
_chem_comp_bond.pdbx_ordinal 
ALA N   CA   sing N N 1   
ALA N   H    sing N N 2   
ALA N   H2   sing N N 3   
ALA CA  C    sing N N 4   
ALA CA  CB   sing N N 5   
ALA CA  HA   sing N N 6   
ALA C   O    doub N N 7   
ALA C   OXT  sing N N 8   
ALA CB  HB1  sing N N 9   
ALA CB  HB2  sing N N 10  
ALA CB  HB3  sing N N 11  
ALA OXT HXT  sing N N 12  
ARG N   CA   sing N N 13  
ARG N   H    sing N N 14  
ARG N   H2   sing N N 15  
ARG CA  C    sing N N 16  
ARG CA  CB   sing N N 17  
ARG CA  HA   sing N N 18  
ARG C   O    doub N N 19  
ARG C   OXT  sing N N 20  
ARG CB  CG   sing N N 21  
ARG CB  HB2  sing N N 22  
ARG CB  HB3  sing N N 23  
ARG CG  CD   sing N N 24  
ARG CG  HG2  sing N N 25  
ARG CG  HG3  sing N N 26  
ARG CD  NE   sing N N 27  
ARG CD  HD2  sing N N 28  
ARG CD  HD3  sing N N 29  
ARG NE  CZ   sing N N 30  
ARG NE  HE   sing N N 31  
ARG CZ  NH1  sing N N 32  
ARG CZ  NH2  doub N N 33  
ARG NH1 HH11 sing N N 34  
ARG NH1 HH12 sing N N 35  
ARG NH2 HH21 sing N N 36  
ARG NH2 HH22 sing N N 37  
ARG OXT HXT  sing N N 38  
ASN N   CA   sing N N 39  
ASN N   H    sing N N 40  
ASN N   H2   sing N N 41  
ASN CA  C    sing N N 42  
ASN CA  CB   sing N N 43  
ASN CA  HA   sing N N 44  
ASN C   O    doub N N 45  
ASN C   OXT  sing N N 46  
ASN CB  CG   sing N N 47  
ASN CB  HB2  sing N N 48  
ASN CB  HB3  sing N N 49  
ASN CG  OD1  doub N N 50  
ASN CG  ND2  sing N N 51  
ASN ND2 HD21 sing N N 52  
ASN ND2 HD22 sing N N 53  
ASN OXT HXT  sing N N 54  
ASP N   CA   sing N N 55  
ASP N   H    sing N N 56  
ASP N   H2   sing N N 57  
ASP CA  C    sing N N 58  
ASP CA  CB   sing N N 59  
ASP CA  HA   sing N N 60  
ASP C   O    doub N N 61  
ASP C   OXT  sing N N 62  
ASP CB  CG   sing N N 63  
ASP CB  HB2  sing N N 64  
ASP CB  HB3  sing N N 65  
ASP CG  OD1  doub N N 66  
ASP CG  OD2  sing N N 67  
ASP OD2 HD2  sing N N 68  
ASP OXT HXT  sing N N 69  
CYS N   CA   sing N N 70  
CYS N   H    sing N N 71  
CYS N   H2   sing N N 72  
CYS CA  C    sing N N 73  
CYS CA  CB   sing N N 74  
CYS CA  HA   sing N N 75  
CYS C   O    doub N N 76  
CYS C   OXT  sing N N 77  
CYS CB  SG   sing N N 78  
CYS CB  HB2  sing N N 79  
CYS CB  HB3  sing N N 80  
CYS SG  HG   sing N N 81  
CYS OXT HXT  sing N N 82  
GLN N   CA   sing N N 83  
GLN N   H    sing N N 84  
GLN N   H2   sing N N 85  
GLN CA  C    sing N N 86  
GLN CA  CB   sing N N 87  
GLN CA  HA   sing N N 88  
GLN C   O    doub N N 89  
GLN C   OXT  sing N N 90  
GLN CB  CG   sing N N 91  
GLN CB  HB2  sing N N 92  
GLN CB  HB3  sing N N 93  
GLN CG  CD   sing N N 94  
GLN CG  HG2  sing N N 95  
GLN CG  HG3  sing N N 96  
GLN CD  OE1  doub N N 97  
GLN CD  NE2  sing N N 98  
GLN NE2 HE21 sing N N 99  
GLN NE2 HE22 sing N N 100 
GLN OXT HXT  sing N N 101 
GLU N   CA   sing N N 102 
GLU N   H    sing N N 103 
GLU N   H2   sing N N 104 
GLU CA  C    sing N N 105 
GLU CA  CB   sing N N 106 
GLU CA  HA   sing N N 107 
GLU C   O    doub N N 108 
GLU C   OXT  sing N N 109 
GLU CB  CG   sing N N 110 
GLU CB  HB2  sing N N 111 
GLU CB  HB3  sing N N 112 
GLU CG  CD   sing N N 113 
GLU CG  HG2  sing N N 114 
GLU CG  HG3  sing N N 115 
GLU CD  OE1  doub N N 116 
GLU CD  OE2  sing N N 117 
GLU OE2 HE2  sing N N 118 
GLU OXT HXT  sing N N 119 
GLY N   CA   sing N N 120 
GLY N   H    sing N N 121 
GLY N   H2   sing N N 122 
GLY CA  C    sing N N 123 
GLY CA  HA2  sing N N 124 
GLY CA  HA3  sing N N 125 
GLY C   O    doub N N 126 
GLY C   OXT  sing N N 127 
GLY OXT HXT  sing N N 128 
HIS N   CA   sing N N 129 
HIS N   H    sing N N 130 
HIS N   H2   sing N N 131 
HIS CA  C    sing N N 132 
HIS CA  CB   sing N N 133 
HIS CA  HA   sing N N 134 
HIS C   O    doub N N 135 
HIS C   OXT  sing N N 136 
HIS CB  CG   sing N N 137 
HIS CB  HB2  sing N N 138 
HIS CB  HB3  sing N N 139 
HIS CG  ND1  sing Y N 140 
HIS CG  CD2  doub Y N 141 
HIS ND1 CE1  doub Y N 142 
HIS ND1 HD1  sing N N 143 
HIS CD2 NE2  sing Y N 144 
HIS CD2 HD2  sing N N 145 
HIS CE1 NE2  sing Y N 146 
HIS CE1 HE1  sing N N 147 
HIS NE2 HE2  sing N N 148 
HIS OXT HXT  sing N N 149 
HOH O   H1   sing N N 150 
HOH O   H2   sing N N 151 
ILE N   CA   sing N N 152 
ILE N   H    sing N N 153 
ILE N   H2   sing N N 154 
ILE CA  C    sing N N 155 
ILE CA  CB   sing N N 156 
ILE CA  HA   sing N N 157 
ILE C   O    doub N N 158 
ILE C   OXT  sing N N 159 
ILE CB  CG1  sing N N 160 
ILE CB  CG2  sing N N 161 
ILE CB  HB   sing N N 162 
ILE CG1 CD1  sing N N 163 
ILE CG1 HG12 sing N N 164 
ILE CG1 HG13 sing N N 165 
ILE CG2 HG21 sing N N 166 
ILE CG2 HG22 sing N N 167 
ILE CG2 HG23 sing N N 168 
ILE CD1 HD11 sing N N 169 
ILE CD1 HD12 sing N N 170 
ILE CD1 HD13 sing N N 171 
ILE OXT HXT  sing N N 172 
LEU N   CA   sing N N 173 
LEU N   H    sing N N 174 
LEU N   H2   sing N N 175 
LEU CA  C    sing N N 176 
LEU CA  CB   sing N N 177 
LEU CA  HA   sing N N 178 
LEU C   O    doub N N 179 
LEU C   OXT  sing N N 180 
LEU CB  CG   sing N N 181 
LEU CB  HB2  sing N N 182 
LEU CB  HB3  sing N N 183 
LEU CG  CD1  sing N N 184 
LEU CG  CD2  sing N N 185 
LEU CG  HG   sing N N 186 
LEU CD1 HD11 sing N N 187 
LEU CD1 HD12 sing N N 188 
LEU CD1 HD13 sing N N 189 
LEU CD2 HD21 sing N N 190 
LEU CD2 HD22 sing N N 191 
LEU CD2 HD23 sing N N 192 
LEU OXT HXT  sing N N 193 
LYS N   CA   sing N N 194 
LYS N   H    sing N N 195 
LYS N   H2   sing N N 196 
LYS CA  C    sing N N 197 
LYS CA  CB   sing N N 198 
LYS CA  HA   sing N N 199 
LYS C   O    doub N N 200 
LYS C   OXT  sing N N 201 
LYS CB  CG   sing N N 202 
LYS CB  HB2  sing N N 203 
LYS CB  HB3  sing N N 204 
LYS CG  CD   sing N N 205 
LYS CG  HG2  sing N N 206 
LYS CG  HG3  sing N N 207 
LYS CD  CE   sing N N 208 
LYS CD  HD2  sing N N 209 
LYS CD  HD3  sing N N 210 
LYS CE  NZ   sing N N 211 
LYS CE  HE2  sing N N 212 
LYS CE  HE3  sing N N 213 
LYS NZ  HZ1  sing N N 214 
LYS NZ  HZ2  sing N N 215 
LYS NZ  HZ3  sing N N 216 
LYS OXT HXT  sing N N 217 
MET N   CA   sing N N 218 
MET N   H    sing N N 219 
MET N   H2   sing N N 220 
MET CA  C    sing N N 221 
MET CA  CB   sing N N 222 
MET CA  HA   sing N N 223 
MET C   O    doub N N 224 
MET C   OXT  sing N N 225 
MET CB  CG   sing N N 226 
MET CB  HB2  sing N N 227 
MET CB  HB3  sing N N 228 
MET CG  SD   sing N N 229 
MET CG  HG2  sing N N 230 
MET CG  HG3  sing N N 231 
MET SD  CE   sing N N 232 
MET CE  HE1  sing N N 233 
MET CE  HE2  sing N N 234 
MET CE  HE3  sing N N 235 
MET OXT HXT  sing N N 236 
PHE N   CA   sing N N 237 
PHE N   H    sing N N 238 
PHE N   H2   sing N N 239 
PHE CA  C    sing N N 240 
PHE CA  CB   sing N N 241 
PHE CA  HA   sing N N 242 
PHE C   O    doub N N 243 
PHE C   OXT  sing N N 244 
PHE CB  CG   sing N N 245 
PHE CB  HB2  sing N N 246 
PHE CB  HB3  sing N N 247 
PHE CG  CD1  doub Y N 248 
PHE CG  CD2  sing Y N 249 
PHE CD1 CE1  sing Y N 250 
PHE CD1 HD1  sing N N 251 
PHE CD2 CE2  doub Y N 252 
PHE CD2 HD2  sing N N 253 
PHE CE1 CZ   doub Y N 254 
PHE CE1 HE1  sing N N 255 
PHE CE2 CZ   sing Y N 256 
PHE CE2 HE2  sing N N 257 
PHE CZ  HZ   sing N N 258 
PHE OXT HXT  sing N N 259 
PRO N   CA   sing N N 260 
PRO N   CD   sing N N 261 
PRO N   H    sing N N 262 
PRO CA  C    sing N N 263 
PRO CA  CB   sing N N 264 
PRO CA  HA   sing N N 265 
PRO C   O    doub N N 266 
PRO C   OXT  sing N N 267 
PRO CB  CG   sing N N 268 
PRO CB  HB2  sing N N 269 
PRO CB  HB3  sing N N 270 
PRO CG  CD   sing N N 271 
PRO CG  HG2  sing N N 272 
PRO CG  HG3  sing N N 273 
PRO CD  HD2  sing N N 274 
PRO CD  HD3  sing N N 275 
PRO OXT HXT  sing N N 276 
SER N   CA   sing N N 277 
SER N   H    sing N N 278 
SER N   H2   sing N N 279 
SER CA  C    sing N N 280 
SER CA  CB   sing N N 281 
SER CA  HA   sing N N 282 
SER C   O    doub N N 283 
SER C   OXT  sing N N 284 
SER CB  OG   sing N N 285 
SER CB  HB2  sing N N 286 
SER CB  HB3  sing N N 287 
SER OG  HG   sing N N 288 
SER OXT HXT  sing N N 289 
SO4 S   O1   doub N N 290 
SO4 S   O2   doub N N 291 
SO4 S   O3   sing N N 292 
SO4 S   O4   sing N N 293 
THR N   CA   sing N N 294 
THR N   H    sing N N 295 
THR N   H2   sing N N 296 
THR CA  C    sing N N 297 
THR CA  CB   sing N N 298 
THR CA  HA   sing N N 299 
THR C   O    doub N N 300 
THR C   OXT  sing N N 301 
THR CB  OG1  sing N N 302 
THR CB  CG2  sing N N 303 
THR CB  HB   sing N N 304 
THR OG1 HG1  sing N N 305 
THR CG2 HG21 sing N N 306 
THR CG2 HG22 sing N N 307 
THR CG2 HG23 sing N N 308 
THR OXT HXT  sing N N 309 
TRP N   CA   sing N N 310 
TRP N   H    sing N N 311 
TRP N   H2   sing N N 312 
TRP CA  C    sing N N 313 
TRP CA  CB   sing N N 314 
TRP CA  HA   sing N N 315 
TRP C   O    doub N N 316 
TRP C   OXT  sing N N 317 
TRP CB  CG   sing N N 318 
TRP CB  HB2  sing N N 319 
TRP CB  HB3  sing N N 320 
TRP CG  CD1  doub Y N 321 
TRP CG  CD2  sing Y N 322 
TRP CD1 NE1  sing Y N 323 
TRP CD1 HD1  sing N N 324 
TRP CD2 CE2  doub Y N 325 
TRP CD2 CE3  sing Y N 326 
TRP NE1 CE2  sing Y N 327 
TRP NE1 HE1  sing N N 328 
TRP CE2 CZ2  sing Y N 329 
TRP CE3 CZ3  doub Y N 330 
TRP CE3 HE3  sing N N 331 
TRP CZ2 CH2  doub Y N 332 
TRP CZ2 HZ2  sing N N 333 
TRP CZ3 CH2  sing Y N 334 
TRP CZ3 HZ3  sing N N 335 
TRP CH2 HH2  sing N N 336 
TRP OXT HXT  sing N N 337 
TYR N   CA   sing N N 338 
TYR N   H    sing N N 339 
TYR N   H2   sing N N 340 
TYR CA  C    sing N N 341 
TYR CA  CB   sing N N 342 
TYR CA  HA   sing N N 343 
TYR C   O    doub N N 344 
TYR C   OXT  sing N N 345 
TYR CB  CG   sing N N 346 
TYR CB  HB2  sing N N 347 
TYR CB  HB3  sing N N 348 
TYR CG  CD1  doub Y N 349 
TYR CG  CD2  sing Y N 350 
TYR CD1 CE1  sing Y N 351 
TYR CD1 HD1  sing N N 352 
TYR CD2 CE2  doub Y N 353 
TYR CD2 HD2  sing N N 354 
TYR CE1 CZ   doub Y N 355 
TYR CE1 HE1  sing N N 356 
TYR CE2 CZ   sing Y N 357 
TYR CE2 HE2  sing N N 358 
TYR CZ  OH   sing N N 359 
TYR OH  HH   sing N N 360 
TYR OXT HXT  sing N N 361 
VAL N   CA   sing N N 362 
VAL N   H    sing N N 363 
VAL N   H2   sing N N 364 
VAL CA  C    sing N N 365 
VAL CA  CB   sing N N 366 
VAL CA  HA   sing N N 367 
VAL C   O    doub N N 368 
VAL C   OXT  sing N N 369 
VAL CB  CG1  sing N N 370 
VAL CB  CG2  sing N N 371 
VAL CB  HB   sing N N 372 
VAL CG1 HG11 sing N N 373 
VAL CG1 HG12 sing N N 374 
VAL CG1 HG13 sing N N 375 
VAL CG2 HG21 sing N N 376 
VAL CG2 HG22 sing N N 377 
VAL CG2 HG23 sing N N 378 
VAL OXT HXT  sing N N 379 
# 
_pdbx_audit_support.funding_organization   
'National Institutes of Health/National Institute Of Allergy and Infectious Diseases (NIH/NIAID)' 
_pdbx_audit_support.country                'United States' 
_pdbx_audit_support.grant_number           AI36040 
_pdbx_audit_support.ordinal                1 
# 
loop_
_pdbx_entity_nonpoly.entity_id 
_pdbx_entity_nonpoly.name 
_pdbx_entity_nonpoly.comp_id 
2 'SULFATE ION' SO4 
3 water         HOH 
# 
_pdbx_initial_refinement_model.id               1 
_pdbx_initial_refinement_model.entity_id_list   ? 
_pdbx_initial_refinement_model.type             'experimental model' 
_pdbx_initial_refinement_model.source_name      PDB 
_pdbx_initial_refinement_model.accession_code   4YFW 
_pdbx_initial_refinement_model.details          ? 
# 
